data_2L9R
#
_entry.id   2L9R
#
_entity_poly.entity_id   1
_entity_poly.type   'polypeptide(L)'
_entity_poly.pdbx_seq_one_letter_code
;MGHHHHHHSHMSHTQVIELERKFSHQKYLSAPERAHLAKNLKLTETQVKIWFQNRRYKTKRKQLSSELG
;
_entity_poly.pdbx_strand_id   A
#
# COMPACT_ATOMS: atom_id res chain seq x y z
N MET A 1 6.28 7.15 24.43
CA MET A 1 5.75 7.63 23.12
C MET A 1 5.71 6.49 22.08
N GLY A 2 4.97 6.72 20.97
CA GLY A 2 4.83 5.71 19.91
C GLY A 2 3.66 5.99 18.98
N HIS A 3 3.15 4.92 18.34
CA HIS A 3 1.98 4.99 17.44
C HIS A 3 0.66 4.89 18.26
N HIS A 4 -0.07 6.02 18.35
CA HIS A 4 -1.34 6.11 19.13
C HIS A 4 -2.41 5.08 18.65
N HIS A 5 -2.41 4.81 17.35
CA HIS A 5 -3.32 3.83 16.71
C HIS A 5 -2.64 3.18 15.47
N HIS A 6 -2.53 1.84 15.45
CA HIS A 6 -1.80 1.12 14.39
C HIS A 6 -2.41 -0.29 14.12
N HIS A 7 -2.75 -0.55 12.85
CA HIS A 7 -3.16 -1.89 12.34
C HIS A 7 -3.22 -1.87 10.80
N HIS A 8 -3.48 -3.05 10.19
CA HIS A 8 -3.76 -3.13 8.73
C HIS A 8 -5.15 -2.56 8.44
N SER A 9 -5.18 -1.34 7.89
CA SER A 9 -6.44 -0.61 7.63
C SER A 9 -7.34 -1.33 6.59
N HIS A 10 -8.58 -1.63 6.99
CA HIS A 10 -9.62 -2.21 6.11
C HIS A 10 -10.19 -1.11 5.17
N MET A 11 -9.32 -0.65 4.25
CA MET A 11 -9.61 0.44 3.31
C MET A 11 -10.69 0.04 2.26
N SER A 12 -11.34 1.06 1.68
CA SER A 12 -12.46 0.84 0.74
C SER A 12 -11.92 0.45 -0.65
N HIS A 13 -12.70 -0.34 -1.42
CA HIS A 13 -12.24 -0.92 -2.72
C HIS A 13 -11.83 0.19 -3.73
N THR A 14 -12.65 1.26 -3.81
CA THR A 14 -12.39 2.43 -4.70
C THR A 14 -11.17 3.26 -4.21
N GLN A 15 -10.99 3.31 -2.88
CA GLN A 15 -9.84 3.95 -2.22
C GLN A 15 -8.52 3.19 -2.52
N VAL A 16 -8.59 1.85 -2.55
CA VAL A 16 -7.44 0.98 -2.93
C VAL A 16 -7.07 1.17 -4.42
N ILE A 17 -8.08 1.43 -5.29
CA ILE A 17 -7.83 1.79 -6.72
C ILE A 17 -6.93 3.05 -6.82
N GLU A 18 -7.23 4.06 -5.98
CA GLU A 18 -6.45 5.32 -5.90
C GLU A 18 -4.99 5.08 -5.42
N LEU A 19 -4.86 4.19 -4.42
CA LEU A 19 -3.55 3.71 -3.94
C LEU A 19 -2.76 3.03 -5.09
N GLU A 20 -3.46 2.21 -5.91
CA GLU A 20 -2.86 1.48 -7.07
C GLU A 20 -2.55 2.41 -8.26
N ARG A 21 -3.32 3.49 -8.39
CA ARG A 21 -3.05 4.55 -9.40
C ARG A 21 -1.76 5.31 -9.07
N LYS A 22 -1.53 5.55 -7.77
CA LYS A 22 -0.29 6.16 -7.25
C LYS A 22 0.90 5.17 -7.40
N PHE A 23 0.63 3.88 -7.08
CA PHE A 23 1.61 2.77 -7.15
C PHE A 23 2.09 2.51 -8.59
N SER A 24 1.13 2.51 -9.54
CA SER A 24 1.40 2.28 -10.98
C SER A 24 2.44 3.27 -11.54
N HIS A 25 2.33 4.54 -11.14
CA HIS A 25 3.23 5.62 -11.57
C HIS A 25 4.57 5.59 -10.80
N GLN A 26 4.49 5.42 -9.46
CA GLN A 26 5.68 5.36 -8.58
C GLN A 26 5.48 4.31 -7.44
N LYS A 27 6.46 3.41 -7.30
CA LYS A 27 6.39 2.28 -6.36
C LYS A 27 6.72 2.69 -4.91
N TYR A 28 7.53 3.77 -4.78
CA TYR A 28 7.98 4.29 -3.48
C TYR A 28 7.44 5.72 -3.26
N LEU A 29 6.78 5.96 -2.12
CA LEU A 29 6.40 7.32 -1.68
C LEU A 29 7.38 7.82 -0.60
N SER A 30 7.85 9.07 -0.76
CA SER A 30 8.53 9.80 0.34
C SER A 30 7.48 10.46 1.23
N ALA A 31 7.92 11.11 2.31
CA ALA A 31 7.02 11.82 3.28
C ALA A 31 5.99 12.80 2.60
N PRO A 32 6.39 13.69 1.61
CA PRO A 32 5.40 14.55 0.86
C PRO A 32 4.31 13.74 0.09
N GLU A 33 4.72 12.76 -0.74
CA GLU A 33 3.78 11.96 -1.59
C GLU A 33 2.84 11.08 -0.73
N ARG A 34 3.39 10.61 0.39
CA ARG A 34 2.71 9.71 1.34
C ARG A 34 1.62 10.47 2.14
N ALA A 35 1.97 11.67 2.64
CA ALA A 35 1.05 12.58 3.36
C ALA A 35 -0.03 13.16 2.44
N HIS A 36 0.38 13.49 1.20
CA HIS A 36 -0.52 14.00 0.16
C HIS A 36 -1.60 12.96 -0.23
N LEU A 37 -1.17 11.71 -0.50
CA LEU A 37 -2.09 10.60 -0.83
C LEU A 37 -2.96 10.24 0.39
N ALA A 38 -2.35 10.33 1.60
CA ALA A 38 -3.06 10.11 2.88
C ALA A 38 -4.27 11.05 3.03
N LYS A 39 -4.01 12.38 3.05
CA LYS A 39 -5.07 13.41 3.25
C LYS A 39 -6.14 13.39 2.13
N ASN A 40 -5.72 13.09 0.87
CA ASN A 40 -6.64 12.93 -0.28
C ASN A 40 -7.65 11.78 -0.07
N LEU A 41 -7.19 10.68 0.55
CA LEU A 41 -8.04 9.49 0.86
C LEU A 41 -8.49 9.49 2.35
N LYS A 42 -8.13 10.57 3.10
CA LYS A 42 -8.38 10.72 4.56
C LYS A 42 -7.64 9.66 5.43
N LEU A 43 -6.70 8.93 4.81
CA LEU A 43 -5.82 7.93 5.48
C LEU A 43 -4.70 8.62 6.29
N THR A 44 -3.88 7.82 6.98
CA THR A 44 -2.65 8.29 7.66
C THR A 44 -1.41 7.86 6.86
N GLU A 45 -0.30 8.60 7.04
CA GLU A 45 1.00 8.26 6.43
C GLU A 45 1.42 6.81 6.77
N THR A 46 1.12 6.38 8.01
CA THR A 46 1.33 5.00 8.45
C THR A 46 0.59 3.97 7.56
N GLN A 47 -0.75 4.12 7.44
CA GLN A 47 -1.62 3.20 6.65
C GLN A 47 -1.17 3.08 5.17
N VAL A 48 -0.88 4.25 4.57
CA VAL A 48 -0.37 4.33 3.17
C VAL A 48 1.02 3.64 3.04
N LYS A 49 1.88 3.83 4.05
CA LYS A 49 3.25 3.23 4.09
C LYS A 49 3.18 1.69 4.26
N ILE A 50 2.21 1.22 5.08
CA ILE A 50 1.92 -0.22 5.26
C ILE A 50 1.46 -0.85 3.93
N TRP A 51 0.56 -0.13 3.21
CA TRP A 51 0.03 -0.59 1.90
C TRP A 51 1.17 -0.74 0.86
N PHE A 52 1.91 0.35 0.59
CA PHE A 52 3.05 0.36 -0.38
C PHE A 52 4.15 -0.67 -0.02
N GLN A 53 4.36 -0.89 1.30
CA GLN A 53 5.24 -1.97 1.80
C GLN A 53 4.72 -3.36 1.34
N ASN A 54 3.45 -3.63 1.66
CA ASN A 54 2.80 -4.93 1.39
C ASN A 54 2.75 -5.25 -0.11
N ARG A 55 2.39 -4.28 -0.95
CA ARG A 55 2.25 -4.47 -2.41
C ARG A 55 3.61 -4.78 -3.08
N ARG A 56 4.70 -4.20 -2.55
CA ARG A 56 6.07 -4.50 -3.01
C ARG A 56 6.58 -5.84 -2.43
N TYR A 57 5.99 -6.26 -1.30
CA TYR A 57 6.28 -7.56 -0.65
C TYR A 57 5.45 -8.72 -1.29
N LYS A 58 4.29 -8.36 -1.87
CA LYS A 58 3.37 -9.30 -2.56
C LYS A 58 3.68 -9.44 -4.06
N THR A 59 4.40 -8.48 -4.65
CA THR A 59 4.70 -8.49 -6.10
C THR A 59 5.92 -9.38 -6.40
N LYS A 60 5.93 -9.98 -7.60
CA LYS A 60 7.00 -10.90 -8.04
C LYS A 60 8.37 -10.16 -8.11
N ARG A 61 9.18 -10.29 -7.06
CA ARG A 61 10.56 -9.73 -7.02
C ARG A 61 11.60 -10.81 -7.40
N LYS A 62 12.73 -10.35 -7.99
CA LYS A 62 13.85 -11.23 -8.37
C LYS A 62 14.73 -11.57 -7.15
N GLN A 63 14.47 -12.73 -6.56
CA GLN A 63 15.25 -13.28 -5.41
C GLN A 63 15.73 -14.71 -5.74
N LEU A 64 15.97 -15.53 -4.70
CA LEU A 64 16.10 -16.99 -4.85
C LEU A 64 14.74 -17.62 -5.27
N SER A 65 13.63 -16.98 -4.85
CA SER A 65 12.24 -17.39 -5.19
C SER A 65 11.31 -16.15 -5.29
N SER A 66 10.17 -16.32 -5.97
CA SER A 66 9.17 -15.23 -6.16
C SER A 66 8.51 -14.79 -4.82
N GLU A 67 8.81 -13.55 -4.37
CA GLU A 67 8.28 -13.02 -3.09
C GLU A 67 6.79 -12.61 -3.23
N LEU A 68 5.88 -13.54 -2.89
CA LEU A 68 4.41 -13.30 -2.93
C LEU A 68 3.82 -13.36 -1.50
N GLY A 69 3.76 -12.19 -0.82
CA GLY A 69 3.23 -12.11 0.55
C GLY A 69 1.75 -12.49 0.69
N MET A 1 13.63 -10.94 0.84
CA MET A 1 13.48 -12.35 1.31
C MET A 1 12.88 -12.42 2.73
N GLY A 2 13.10 -11.36 3.53
CA GLY A 2 12.38 -11.19 4.80
C GLY A 2 10.93 -10.76 4.59
N HIS A 3 10.11 -11.71 4.11
CA HIS A 3 8.72 -11.44 3.67
C HIS A 3 7.69 -11.65 4.80
N HIS A 4 6.68 -10.76 4.88
CA HIS A 4 5.60 -10.87 5.88
C HIS A 4 4.41 -9.95 5.47
N HIS A 5 3.18 -10.50 5.49
CA HIS A 5 1.93 -9.73 5.28
C HIS A 5 1.58 -8.95 6.58
N HIS A 6 1.56 -7.62 6.50
CA HIS A 6 1.24 -6.73 7.64
C HIS A 6 -0.24 -6.30 7.61
N HIS A 7 -0.76 -6.01 8.81
CA HIS A 7 -2.16 -5.57 9.02
C HIS A 7 -2.29 -4.04 8.79
N HIS A 8 -3.53 -3.59 8.49
CA HIS A 8 -3.86 -2.16 8.26
C HIS A 8 -5.39 -1.93 8.36
N SER A 9 -5.82 -0.66 8.41
CA SER A 9 -7.27 -0.30 8.38
C SER A 9 -7.93 -0.74 7.05
N HIS A 10 -9.21 -1.16 7.12
CA HIS A 10 -9.95 -1.65 5.93
C HIS A 10 -10.22 -0.51 4.91
N MET A 11 -9.37 -0.43 3.87
CA MET A 11 -9.60 0.48 2.72
C MET A 11 -10.86 0.08 1.89
N SER A 12 -11.51 1.09 1.26
CA SER A 12 -12.68 0.91 0.37
C SER A 12 -12.23 0.51 -1.06
N HIS A 13 -13.19 0.05 -1.91
CA HIS A 13 -12.91 -0.37 -3.31
C HIS A 13 -12.20 0.76 -4.11
N THR A 14 -12.84 1.94 -4.16
CA THR A 14 -12.33 3.13 -4.89
C THR A 14 -11.00 3.66 -4.27
N GLN A 15 -10.87 3.52 -2.94
CA GLN A 15 -9.68 3.96 -2.17
C GLN A 15 -8.42 3.14 -2.54
N VAL A 16 -8.57 1.80 -2.59
CA VAL A 16 -7.50 0.88 -3.06
C VAL A 16 -7.08 1.20 -4.51
N ILE A 17 -8.05 1.59 -5.37
CA ILE A 17 -7.80 2.02 -6.77
C ILE A 17 -6.81 3.23 -6.81
N GLU A 18 -7.10 4.27 -6.01
CA GLU A 18 -6.28 5.51 -5.94
C GLU A 18 -4.84 5.22 -5.45
N LEU A 19 -4.76 4.34 -4.44
CA LEU A 19 -3.48 3.81 -3.92
C LEU A 19 -2.70 3.02 -5.01
N GLU A 20 -3.42 2.21 -5.82
CA GLU A 20 -2.82 1.38 -6.91
C GLU A 20 -2.40 2.22 -8.13
N ARG A 21 -3.10 3.34 -8.38
CA ARG A 21 -2.73 4.34 -9.42
C ARG A 21 -1.34 4.95 -9.10
N LYS A 22 -1.19 5.38 -7.84
CA LYS A 22 0.04 5.98 -7.31
C LYS A 22 1.18 4.93 -7.21
N PHE A 23 0.81 3.69 -6.82
CA PHE A 23 1.73 2.54 -6.69
C PHE A 23 2.22 2.03 -8.06
N SER A 24 1.33 2.05 -9.07
CA SER A 24 1.66 1.68 -10.48
C SER A 24 2.69 2.65 -11.06
N HIS A 25 2.55 3.93 -10.72
CA HIS A 25 3.43 5.01 -11.18
C HIS A 25 4.78 4.99 -10.42
N GLN A 26 4.73 4.67 -9.12
CA GLN A 26 5.93 4.62 -8.25
C GLN A 26 5.72 3.65 -7.04
N LYS A 27 6.73 2.78 -6.82
CA LYS A 27 6.74 1.79 -5.72
C LYS A 27 7.04 2.46 -4.36
N TYR A 28 7.88 3.50 -4.42
CA TYR A 28 8.36 4.26 -3.24
C TYR A 28 7.78 5.69 -3.25
N LEU A 29 7.09 6.09 -2.17
CA LEU A 29 6.64 7.49 -1.99
C LEU A 29 7.70 8.33 -1.25
N SER A 30 7.69 9.64 -1.52
CA SER A 30 8.40 10.64 -0.68
C SER A 30 7.45 11.12 0.43
N ALA A 31 8.01 11.73 1.49
CA ALA A 31 7.24 12.25 2.64
C ALA A 31 6.08 13.23 2.23
N PRO A 32 6.30 14.28 1.35
CA PRO A 32 5.19 15.16 0.87
C PRO A 32 4.08 14.39 0.10
N GLU A 33 4.48 13.42 -0.75
CA GLU A 33 3.56 12.63 -1.59
C GLU A 33 2.68 11.68 -0.77
N ARG A 34 3.29 11.09 0.28
CA ARG A 34 2.63 10.11 1.17
C ARG A 34 1.55 10.80 2.03
N ALA A 35 1.86 12.03 2.51
CA ALA A 35 0.91 12.90 3.25
C ALA A 35 -0.25 13.39 2.34
N HIS A 36 0.10 13.80 1.09
CA HIS A 36 -0.89 14.25 0.07
C HIS A 36 -1.91 13.13 -0.26
N LEU A 37 -1.39 11.91 -0.50
CA LEU A 37 -2.20 10.72 -0.84
C LEU A 37 -3.07 10.28 0.37
N ALA A 38 -2.47 10.33 1.58
CA ALA A 38 -3.15 9.98 2.84
C ALA A 38 -4.37 10.88 3.15
N LYS A 39 -4.17 12.22 3.09
CA LYS A 39 -5.23 13.20 3.44
C LYS A 39 -6.42 13.15 2.46
N ASN A 40 -6.12 12.93 1.15
CA ASN A 40 -7.15 12.75 0.10
C ASN A 40 -8.04 11.52 0.38
N LEU A 41 -7.44 10.44 0.92
CA LEU A 41 -8.11 9.15 1.20
C LEU A 41 -8.44 8.98 2.71
N LYS A 42 -8.20 10.03 3.53
CA LYS A 42 -8.45 10.03 5.01
C LYS A 42 -7.66 8.92 5.77
N LEU A 43 -6.56 8.46 5.17
CA LEU A 43 -5.59 7.53 5.78
C LEU A 43 -4.51 8.32 6.56
N THR A 44 -3.60 7.59 7.22
CA THR A 44 -2.37 8.17 7.80
C THR A 44 -1.16 7.76 6.93
N GLU A 45 -0.04 8.51 7.05
CA GLU A 45 1.24 8.15 6.37
C GLU A 45 1.75 6.76 6.82
N THR A 46 1.31 6.32 8.00
CA THR A 46 1.53 4.96 8.50
C THR A 46 0.81 3.93 7.59
N GLN A 47 -0.54 4.05 7.50
CA GLN A 47 -1.41 3.08 6.77
C GLN A 47 -1.07 3.01 5.27
N VAL A 48 -0.78 4.19 4.66
CA VAL A 48 -0.33 4.30 3.26
C VAL A 48 1.03 3.58 3.06
N LYS A 49 2.01 3.83 3.95
CA LYS A 49 3.35 3.19 3.87
C LYS A 49 3.27 1.66 4.07
N ILE A 50 2.34 1.20 4.95
CA ILE A 50 2.07 -0.24 5.18
C ILE A 50 1.51 -0.88 3.90
N TRP A 51 0.47 -0.25 3.34
CA TRP A 51 -0.21 -0.71 2.12
C TRP A 51 0.81 -0.88 0.96
N PHE A 52 1.58 0.20 0.68
CA PHE A 52 2.65 0.21 -0.35
C PHE A 52 3.75 -0.84 -0.07
N GLN A 53 4.15 -1.00 1.20
CA GLN A 53 5.23 -1.94 1.62
C GLN A 53 4.87 -3.41 1.29
N ASN A 54 3.63 -3.81 1.65
CA ASN A 54 3.12 -5.18 1.40
C ASN A 54 2.67 -5.38 -0.05
N ARG A 55 2.34 -4.29 -0.74
CA ARG A 55 2.11 -4.31 -2.19
C ARG A 55 3.44 -4.55 -2.95
N ARG A 56 4.57 -4.05 -2.41
CA ARG A 56 5.93 -4.38 -2.93
C ARG A 56 6.24 -5.88 -2.65
N TYR A 57 5.87 -6.33 -1.44
CA TYR A 57 5.89 -7.75 -1.03
C TYR A 57 4.87 -8.61 -1.84
N LYS A 58 3.88 -7.96 -2.47
CA LYS A 58 2.89 -8.66 -3.32
C LYS A 58 3.29 -8.74 -4.83
N THR A 59 4.04 -7.74 -5.35
CA THR A 59 4.31 -7.59 -6.83
C THR A 59 5.15 -8.74 -7.45
N LYS A 60 4.89 -9.02 -8.75
CA LYS A 60 5.65 -10.00 -9.56
C LYS A 60 7.13 -9.56 -9.73
N ARG A 61 7.35 -8.26 -10.02
CA ARG A 61 8.70 -7.67 -10.03
C ARG A 61 9.20 -7.49 -8.57
N LYS A 62 10.20 -8.28 -8.16
CA LYS A 62 10.65 -8.34 -6.76
C LYS A 62 11.95 -9.16 -6.62
N GLN A 63 12.91 -8.63 -5.80
CA GLN A 63 14.19 -9.29 -5.39
C GLN A 63 14.93 -10.11 -6.51
N LEU A 64 14.44 -11.32 -6.81
CA LEU A 64 15.01 -12.24 -7.81
C LEU A 64 13.93 -13.27 -8.23
N SER A 65 13.18 -13.76 -7.21
CA SER A 65 12.00 -14.64 -7.40
C SER A 65 11.12 -14.66 -6.13
N SER A 66 9.81 -14.93 -6.31
CA SER A 66 8.83 -15.13 -5.19
C SER A 66 7.44 -15.50 -5.76
N GLU A 67 6.90 -14.64 -6.65
CA GLU A 67 5.59 -14.84 -7.27
C GLU A 67 5.72 -15.75 -8.51
N LEU A 68 5.35 -17.04 -8.35
CA LEU A 68 5.49 -18.08 -9.40
C LEU A 68 4.41 -17.91 -10.50
N GLY A 69 4.86 -17.68 -11.75
CA GLY A 69 3.95 -17.55 -12.91
C GLY A 69 3.41 -18.90 -13.41
N MET A 1 3.23 -22.12 17.36
CA MET A 1 2.03 -22.98 17.58
C MET A 1 0.76 -22.11 17.67
N GLY A 2 -0.13 -22.23 16.67
CA GLY A 2 -1.40 -21.50 16.63
C GLY A 2 -1.30 -20.13 15.95
N HIS A 3 -2.14 -19.89 14.93
CA HIS A 3 -2.22 -18.60 14.21
C HIS A 3 -2.84 -17.50 15.11
N HIS A 4 -1.99 -16.72 15.81
CA HIS A 4 -2.42 -15.56 16.60
C HIS A 4 -2.54 -14.33 15.69
N HIS A 5 -3.77 -13.81 15.52
CA HIS A 5 -4.09 -12.74 14.54
C HIS A 5 -3.83 -11.32 15.11
N HIS A 6 -3.91 -10.33 14.21
CA HIS A 6 -3.65 -8.90 14.51
C HIS A 6 -4.66 -8.04 13.72
N HIS A 7 -5.70 -7.52 14.41
CA HIS A 7 -6.79 -6.76 13.75
C HIS A 7 -6.25 -5.51 12.98
N HIS A 8 -6.49 -5.50 11.68
CA HIS A 8 -5.97 -4.48 10.74
C HIS A 8 -7.02 -4.23 9.64
N SER A 9 -7.75 -3.09 9.72
CA SER A 9 -8.83 -2.76 8.76
C SER A 9 -8.26 -2.40 7.36
N HIS A 10 -8.74 -3.11 6.32
CA HIS A 10 -8.33 -2.86 4.92
C HIS A 10 -9.04 -1.61 4.37
N MET A 11 -8.39 -0.90 3.44
CA MET A 11 -8.97 0.28 2.76
C MET A 11 -10.23 -0.08 1.92
N SER A 12 -11.02 0.94 1.58
CA SER A 12 -12.26 0.80 0.80
C SER A 12 -11.96 0.45 -0.67
N HIS A 13 -12.97 0.01 -1.44
CA HIS A 13 -12.79 -0.48 -2.83
C HIS A 13 -12.13 0.58 -3.76
N THR A 14 -12.81 1.74 -3.94
CA THR A 14 -12.29 2.87 -4.76
C THR A 14 -11.02 3.50 -4.13
N GLN A 15 -10.93 3.47 -2.79
CA GLN A 15 -9.77 3.97 -2.04
C GLN A 15 -8.48 3.20 -2.40
N VAL A 16 -8.59 1.85 -2.50
CA VAL A 16 -7.51 0.96 -2.96
C VAL A 16 -7.16 1.23 -4.44
N ILE A 17 -8.19 1.50 -5.28
CA ILE A 17 -7.99 1.87 -6.72
C ILE A 17 -7.06 3.10 -6.83
N GLU A 18 -7.32 4.12 -6.00
CA GLU A 18 -6.49 5.36 -5.94
C GLU A 18 -5.04 5.05 -5.49
N LEU A 19 -4.91 4.22 -4.44
CA LEU A 19 -3.60 3.73 -3.95
C LEU A 19 -2.80 2.99 -5.05
N GLU A 20 -3.52 2.17 -5.88
CA GLU A 20 -2.93 1.41 -7.01
C GLU A 20 -2.48 2.34 -8.15
N ARG A 21 -3.24 3.44 -8.37
CA ARG A 21 -2.91 4.47 -9.36
C ARG A 21 -1.59 5.20 -9.00
N LYS A 22 -1.34 5.36 -7.70
CA LYS A 22 -0.10 5.99 -7.20
C LYS A 22 1.08 4.97 -7.19
N PHE A 23 0.79 3.73 -6.76
CA PHE A 23 1.77 2.61 -6.68
C PHE A 23 2.32 2.22 -8.07
N SER A 24 1.43 2.17 -9.06
CA SER A 24 1.78 1.83 -10.46
C SER A 24 2.74 2.85 -11.09
N HIS A 25 2.64 4.12 -10.67
CA HIS A 25 3.55 5.19 -11.13
C HIS A 25 4.87 5.20 -10.33
N GLN A 26 4.77 4.94 -9.00
CA GLN A 26 5.94 4.92 -8.09
C GLN A 26 5.71 3.94 -6.89
N LYS A 27 6.71 3.09 -6.62
CA LYS A 27 6.64 2.06 -5.55
C LYS A 27 6.99 2.66 -4.18
N TYR A 28 7.78 3.75 -4.22
CA TYR A 28 8.33 4.43 -3.03
C TYR A 28 7.80 5.89 -2.98
N LEU A 29 7.11 6.24 -1.87
CA LEU A 29 6.66 7.63 -1.62
C LEU A 29 7.64 8.39 -0.71
N SER A 30 7.84 9.67 -1.01
CA SER A 30 8.56 10.61 -0.11
C SER A 30 7.57 11.23 0.88
N ALA A 31 8.08 12.03 1.84
CA ALA A 31 7.25 12.70 2.88
C ALA A 31 6.07 13.57 2.30
N PRO A 32 6.28 14.45 1.25
CA PRO A 32 5.16 15.21 0.61
C PRO A 32 4.09 14.29 -0.06
N GLU A 33 4.55 13.28 -0.84
CA GLU A 33 3.68 12.39 -1.66
C GLU A 33 2.79 11.47 -0.78
N ARG A 34 3.39 10.95 0.30
CA ARG A 34 2.73 10.00 1.23
C ARG A 34 1.63 10.71 2.05
N ALA A 35 1.92 11.95 2.51
CA ALA A 35 0.95 12.80 3.23
C ALA A 35 -0.16 13.32 2.30
N HIS A 36 0.21 13.63 1.05
CA HIS A 36 -0.73 14.08 -0.01
C HIS A 36 -1.78 12.97 -0.30
N LEU A 37 -1.30 11.72 -0.41
CA LEU A 37 -2.16 10.55 -0.66
C LEU A 37 -2.99 10.20 0.59
N ALA A 38 -2.39 10.38 1.80
CA ALA A 38 -3.07 10.17 3.09
C ALA A 38 -4.31 11.08 3.24
N LYS A 39 -4.14 12.40 3.02
CA LYS A 39 -5.24 13.40 3.16
C LYS A 39 -6.32 13.25 2.06
N ASN A 40 -5.90 12.87 0.84
CA ASN A 40 -6.82 12.62 -0.30
C ASN A 40 -7.77 11.44 -0.01
N LEU A 41 -7.23 10.40 0.68
CA LEU A 41 -7.98 9.18 1.02
C LEU A 41 -8.40 9.11 2.51
N LYS A 42 -8.10 10.17 3.29
CA LYS A 42 -8.42 10.26 4.74
C LYS A 42 -7.70 9.15 5.59
N LEU A 43 -6.65 8.54 5.00
CA LEU A 43 -5.76 7.58 5.69
C LEU A 43 -4.68 8.33 6.50
N THR A 44 -3.81 7.56 7.16
CA THR A 44 -2.57 8.10 7.77
C THR A 44 -1.37 7.73 6.89
N GLU A 45 -0.26 8.49 7.02
CA GLU A 45 1.02 8.18 6.34
C GLU A 45 1.51 6.74 6.65
N THR A 46 1.23 6.27 7.88
CA THR A 46 1.49 4.87 8.30
C THR A 46 0.71 3.85 7.43
N GLN A 47 -0.62 4.07 7.30
CA GLN A 47 -1.52 3.19 6.51
C GLN A 47 -1.09 3.10 5.02
N VAL A 48 -0.85 4.27 4.43
CA VAL A 48 -0.39 4.39 3.03
C VAL A 48 0.99 3.69 2.81
N LYS A 49 1.94 3.94 3.73
CA LYS A 49 3.29 3.34 3.70
C LYS A 49 3.26 1.80 3.73
N ILE A 50 2.51 1.26 4.69
CA ILE A 50 2.36 -0.20 4.91
C ILE A 50 1.62 -0.87 3.73
N TRP A 51 0.64 -0.15 3.13
CA TRP A 51 -0.07 -0.64 1.91
C TRP A 51 0.94 -0.84 0.75
N PHE A 52 1.72 0.21 0.44
CA PHE A 52 2.79 0.18 -0.58
C PHE A 52 3.84 -0.93 -0.30
N GLN A 53 4.23 -1.07 0.98
CA GLN A 53 5.25 -2.05 1.42
C GLN A 53 4.78 -3.52 1.19
N ASN A 54 3.51 -3.79 1.56
CA ASN A 54 2.89 -5.12 1.38
C ASN A 54 2.59 -5.42 -0.10
N ARG A 55 2.25 -4.38 -0.88
CA ARG A 55 2.11 -4.50 -2.35
C ARG A 55 3.45 -4.86 -3.01
N ARG A 56 4.56 -4.30 -2.51
CA ARG A 56 5.93 -4.68 -2.94
C ARG A 56 6.21 -6.18 -2.60
N TYR A 57 5.70 -6.62 -1.45
CA TYR A 57 5.74 -8.04 -1.01
C TYR A 57 4.83 -8.94 -1.89
N LYS A 58 3.74 -8.37 -2.43
CA LYS A 58 2.75 -9.12 -3.26
C LYS A 58 3.18 -9.17 -4.74
N THR A 59 3.94 -8.16 -5.21
CA THR A 59 4.36 -8.07 -6.64
C THR A 59 5.52 -9.06 -6.94
N LYS A 60 5.14 -10.24 -7.46
CA LYS A 60 6.08 -11.29 -7.85
C LYS A 60 6.74 -10.91 -9.20
N ARG A 61 7.94 -10.32 -9.13
CA ARG A 61 8.64 -9.78 -10.30
C ARG A 61 9.08 -10.90 -11.27
N LYS A 62 8.37 -10.99 -12.40
CA LYS A 62 8.71 -11.91 -13.49
C LYS A 62 9.96 -11.38 -14.25
N GLN A 63 10.93 -12.27 -14.53
CA GLN A 63 12.31 -11.91 -14.97
C GLN A 63 12.39 -10.93 -16.17
N LEU A 64 11.36 -10.91 -17.05
CA LEU A 64 11.21 -9.90 -18.12
C LEU A 64 9.71 -9.56 -18.23
N SER A 65 9.21 -8.74 -17.29
CA SER A 65 7.81 -8.25 -17.28
C SER A 65 7.70 -6.99 -16.38
N SER A 66 6.53 -6.35 -16.40
CA SER A 66 6.27 -5.08 -15.67
C SER A 66 6.53 -5.19 -14.15
N GLU A 67 7.02 -4.07 -13.55
CA GLU A 67 7.36 -3.96 -12.10
C GLU A 67 8.63 -4.78 -11.71
N LEU A 68 9.43 -5.19 -12.72
CA LEU A 68 10.72 -5.91 -12.49
C LEU A 68 11.75 -4.94 -11.86
N GLY A 69 11.85 -3.72 -12.41
CA GLY A 69 12.75 -2.69 -11.87
C GLY A 69 12.17 -1.99 -10.65
N MET A 1 -24.96 -4.21 -4.96
CA MET A 1 -23.62 -3.83 -4.47
C MET A 1 -23.53 -3.90 -2.93
N GLY A 2 -22.30 -3.90 -2.39
CA GLY A 2 -22.07 -3.86 -0.94
C GLY A 2 -21.93 -5.22 -0.28
N HIS A 3 -20.73 -5.53 0.21
CA HIS A 3 -20.43 -6.78 0.96
C HIS A 3 -20.38 -6.51 2.48
N HIS A 4 -20.45 -7.60 3.27
CA HIS A 4 -20.37 -7.53 4.75
C HIS A 4 -18.90 -7.26 5.18
N HIS A 5 -18.71 -6.22 6.02
CA HIS A 5 -17.38 -5.81 6.50
C HIS A 5 -16.82 -6.81 7.54
N HIS A 6 -15.80 -7.59 7.13
CA HIS A 6 -15.10 -8.57 8.00
C HIS A 6 -14.02 -7.88 8.87
N HIS A 7 -13.60 -8.57 9.95
CA HIS A 7 -12.65 -8.03 10.97
C HIS A 7 -11.21 -7.86 10.40
N HIS A 8 -11.02 -6.75 9.65
CA HIS A 8 -9.74 -6.38 9.00
C HIS A 8 -9.67 -4.85 8.82
N SER A 9 -8.50 -4.27 9.10
CA SER A 9 -8.23 -2.83 8.84
C SER A 9 -7.80 -2.62 7.37
N HIS A 10 -8.80 -2.48 6.48
CA HIS A 10 -8.56 -2.32 5.02
C HIS A 10 -9.24 -1.05 4.49
N MET A 11 -8.66 -0.46 3.45
CA MET A 11 -9.28 0.64 2.68
C MET A 11 -10.52 0.15 1.88
N SER A 12 -11.33 1.10 1.41
CA SER A 12 -12.55 0.81 0.60
C SER A 12 -12.12 0.46 -0.84
N HIS A 13 -12.99 -0.22 -1.63
CA HIS A 13 -12.64 -0.75 -2.97
C HIS A 13 -11.98 0.31 -3.90
N THR A 14 -12.71 1.43 -4.16
CA THR A 14 -12.22 2.53 -5.01
C THR A 14 -10.96 3.20 -4.41
N GLN A 15 -10.90 3.26 -3.07
CA GLN A 15 -9.78 3.88 -2.32
C GLN A 15 -8.46 3.07 -2.47
N VAL A 16 -8.56 1.72 -2.43
CA VAL A 16 -7.42 0.81 -2.73
C VAL A 16 -6.93 1.05 -4.17
N ILE A 17 -7.89 1.17 -5.12
CA ILE A 17 -7.61 1.47 -6.54
C ILE A 17 -6.88 2.84 -6.69
N GLU A 18 -7.28 3.85 -5.88
CA GLU A 18 -6.62 5.19 -5.85
C GLU A 18 -5.15 5.08 -5.40
N LEU A 19 -4.93 4.30 -4.32
CA LEU A 19 -3.58 3.97 -3.82
C LEU A 19 -2.74 3.23 -4.91
N GLU A 20 -3.41 2.34 -5.70
CA GLU A 20 -2.79 1.61 -6.83
C GLU A 20 -2.46 2.55 -8.02
N ARG A 21 -3.26 3.62 -8.19
CA ARG A 21 -3.01 4.66 -9.21
C ARG A 21 -1.72 5.46 -8.89
N LYS A 22 -1.45 5.66 -7.60
CA LYS A 22 -0.20 6.30 -7.13
C LYS A 22 0.97 5.28 -7.21
N PHE A 23 0.68 4.04 -6.78
CA PHE A 23 1.64 2.91 -6.74
C PHE A 23 2.16 2.56 -8.14
N SER A 24 1.28 2.65 -9.15
CA SER A 24 1.62 2.37 -10.55
C SER A 24 2.66 3.35 -11.12
N HIS A 25 2.50 4.66 -10.84
CA HIS A 25 3.45 5.68 -11.30
C HIS A 25 4.79 5.62 -10.52
N GLN A 26 4.73 5.32 -9.21
CA GLN A 26 5.93 5.15 -8.36
C GLN A 26 5.66 4.15 -7.21
N LYS A 27 6.60 3.22 -7.02
CA LYS A 27 6.50 2.14 -6.01
C LYS A 27 6.87 2.65 -4.61
N TYR A 28 7.86 3.54 -4.56
CA TYR A 28 8.36 4.15 -3.31
C TYR A 28 7.94 5.62 -3.26
N LEU A 29 7.23 6.03 -2.19
CA LEU A 29 6.82 7.43 -1.97
C LEU A 29 7.87 8.18 -1.11
N SER A 30 8.01 9.49 -1.35
CA SER A 30 8.70 10.40 -0.41
C SER A 30 7.68 10.96 0.59
N ALA A 31 8.16 11.72 1.59
CA ALA A 31 7.29 12.33 2.63
C ALA A 31 6.13 13.19 2.03
N PRO A 32 6.36 14.13 1.04
CA PRO A 32 5.25 14.86 0.39
C PRO A 32 4.22 13.96 -0.36
N GLU A 33 4.68 12.95 -1.14
CA GLU A 33 3.76 12.02 -1.87
C GLU A 33 2.84 11.23 -0.91
N ARG A 34 3.43 10.69 0.17
CA ARG A 34 2.71 9.84 1.14
C ARG A 34 1.66 10.64 1.93
N ALA A 35 2.04 11.87 2.35
CA ALA A 35 1.15 12.79 3.08
C ALA A 35 -0.03 13.27 2.22
N HIS A 36 0.25 13.69 0.96
CA HIS A 36 -0.79 14.09 -0.01
C HIS A 36 -1.80 12.95 -0.26
N LEU A 37 -1.27 11.75 -0.56
CA LEU A 37 -2.07 10.55 -0.84
C LEU A 37 -2.97 10.16 0.36
N ALA A 38 -2.40 10.29 1.58
CA ALA A 38 -3.12 10.05 2.85
C ALA A 38 -4.34 11.00 3.01
N LYS A 39 -4.09 12.32 2.96
CA LYS A 39 -5.14 13.36 3.22
C LYS A 39 -6.23 13.40 2.11
N ASN A 40 -5.84 13.10 0.85
CA ASN A 40 -6.78 12.97 -0.29
C ASN A 40 -7.81 11.82 -0.06
N LEU A 41 -7.36 10.74 0.61
CA LEU A 41 -8.20 9.55 0.91
C LEU A 41 -8.59 9.45 2.41
N LYS A 42 -8.21 10.46 3.21
CA LYS A 42 -8.45 10.53 4.69
C LYS A 42 -7.83 9.35 5.47
N LEU A 43 -6.75 8.78 4.91
CA LEU A 43 -5.90 7.75 5.56
C LEU A 43 -4.78 8.41 6.40
N THR A 44 -3.96 7.60 7.06
CA THR A 44 -2.74 8.07 7.77
C THR A 44 -1.50 7.63 6.97
N GLU A 45 -0.38 8.36 7.13
CA GLU A 45 0.92 7.99 6.52
C GLU A 45 1.42 6.60 6.97
N THR A 46 1.00 6.15 8.16
CA THR A 46 1.30 4.80 8.66
C THR A 46 0.59 3.73 7.80
N GLN A 47 -0.73 3.93 7.58
CA GLN A 47 -1.56 3.00 6.76
C GLN A 47 -1.07 2.93 5.31
N VAL A 48 -0.74 4.09 4.73
CA VAL A 48 -0.21 4.21 3.36
C VAL A 48 1.20 3.55 3.24
N LYS A 49 2.03 3.69 4.30
CA LYS A 49 3.37 3.07 4.38
C LYS A 49 3.29 1.52 4.39
N ILE A 50 2.42 1.00 5.28
CA ILE A 50 2.19 -0.46 5.44
C ILE A 50 1.54 -1.05 4.17
N TRP A 51 0.61 -0.28 3.55
CA TRP A 51 -0.06 -0.68 2.30
C TRP A 51 0.99 -0.85 1.16
N PHE A 52 1.75 0.23 0.87
CA PHE A 52 2.84 0.21 -0.15
C PHE A 52 3.92 -0.86 0.14
N GLN A 53 4.18 -1.14 1.43
CA GLN A 53 5.10 -2.22 1.85
C GLN A 53 4.57 -3.61 1.44
N ASN A 54 3.30 -3.91 1.80
CA ASN A 54 2.61 -5.19 1.47
C ASN A 54 2.52 -5.37 -0.06
N ARG A 55 2.18 -4.30 -0.77
CA ARG A 55 2.05 -4.29 -2.24
C ARG A 55 3.36 -4.69 -2.95
N ARG A 56 4.49 -4.06 -2.56
CA ARG A 56 5.82 -4.37 -3.15
C ARG A 56 6.29 -5.81 -2.77
N TYR A 57 5.83 -6.28 -1.59
CA TYR A 57 6.04 -7.66 -1.12
C TYR A 57 5.22 -8.67 -1.98
N LYS A 58 4.03 -8.23 -2.44
CA LYS A 58 3.10 -9.05 -3.25
C LYS A 58 3.35 -8.89 -4.77
N THR A 59 4.09 -7.85 -5.19
CA THR A 59 4.42 -7.62 -6.62
C THR A 59 5.74 -8.32 -6.99
N LYS A 60 5.61 -9.56 -7.45
CA LYS A 60 6.76 -10.37 -7.93
C LYS A 60 6.94 -10.13 -9.45
N ARG A 61 8.19 -10.21 -9.93
CA ARG A 61 8.54 -9.89 -11.34
C ARG A 61 7.90 -10.86 -12.36
N LYS A 62 7.84 -10.39 -13.64
CA LYS A 62 7.25 -11.12 -14.78
C LYS A 62 5.72 -11.35 -14.62
N GLN A 63 5.04 -10.43 -13.90
CA GLN A 63 3.57 -10.46 -13.68
C GLN A 63 2.89 -9.23 -14.32
N LEU A 64 1.54 -9.20 -14.28
CA LEU A 64 0.73 -8.14 -14.94
C LEU A 64 0.57 -6.87 -14.07
N SER A 65 1.46 -6.67 -13.08
CA SER A 65 1.53 -5.42 -12.29
C SER A 65 2.47 -4.40 -12.97
N SER A 66 2.47 -3.16 -12.46
CA SER A 66 3.19 -2.00 -13.05
C SER A 66 4.68 -1.93 -12.62
N GLU A 67 5.37 -3.10 -12.59
CA GLU A 67 6.76 -3.23 -12.10
C GLU A 67 7.79 -2.40 -12.93
N LEU A 68 9.01 -2.24 -12.41
CA LEU A 68 10.08 -1.46 -13.07
C LEU A 68 11.45 -2.13 -12.83
N GLY A 69 11.80 -2.39 -11.54
CA GLY A 69 13.06 -3.04 -11.17
C GLY A 69 13.66 -2.49 -9.90
N MET A 1 9.72 -0.01 28.64
CA MET A 1 8.82 -1.17 28.44
C MET A 1 8.35 -1.22 26.97
N GLY A 2 8.17 -2.45 26.43
CA GLY A 2 7.76 -2.66 25.03
C GLY A 2 6.28 -2.35 24.79
N HIS A 3 5.98 -1.10 24.38
CA HIS A 3 4.60 -0.62 24.08
C HIS A 3 4.37 -0.39 22.57
N HIS A 4 5.22 -1.01 21.71
CA HIS A 4 5.08 -0.88 20.23
C HIS A 4 3.81 -1.59 19.72
N HIS A 5 3.01 -0.88 18.90
CA HIS A 5 1.81 -1.43 18.23
C HIS A 5 1.56 -0.74 16.86
N HIS A 6 1.65 -1.53 15.77
CA HIS A 6 1.44 -1.03 14.38
C HIS A 6 -0.06 -0.96 14.05
N HIS A 7 -0.53 0.17 13.49
CA HIS A 7 -1.95 0.44 13.25
C HIS A 7 -2.54 -0.53 12.20
N HIS A 8 -3.56 -1.31 12.62
CA HIS A 8 -4.27 -2.26 11.75
C HIS A 8 -5.36 -1.52 10.96
N SER A 9 -5.31 -1.57 9.62
CA SER A 9 -6.28 -0.88 8.74
C SER A 9 -6.53 -1.66 7.44
N HIS A 10 -7.79 -1.63 6.98
CA HIS A 10 -8.23 -2.34 5.76
C HIS A 10 -8.85 -1.32 4.76
N MET A 11 -8.03 -0.88 3.79
CA MET A 11 -8.38 0.17 2.81
C MET A 11 -9.63 -0.19 1.96
N SER A 12 -10.45 0.81 1.65
CA SER A 12 -11.75 0.65 0.92
C SER A 12 -11.50 0.44 -0.59
N HIS A 13 -12.49 -0.15 -1.31
CA HIS A 13 -12.37 -0.55 -2.75
C HIS A 13 -11.94 0.64 -3.65
N THR A 14 -12.73 1.72 -3.63
CA THR A 14 -12.49 2.94 -4.46
C THR A 14 -11.16 3.64 -4.08
N GLN A 15 -10.84 3.59 -2.78
CA GLN A 15 -9.58 4.11 -2.23
C GLN A 15 -8.35 3.31 -2.74
N VAL A 16 -8.48 1.97 -2.77
CA VAL A 16 -7.46 1.05 -3.30
C VAL A 16 -7.18 1.35 -4.78
N ILE A 17 -8.22 1.71 -5.57
CA ILE A 17 -8.08 2.14 -6.99
C ILE A 17 -7.08 3.34 -7.10
N GLU A 18 -7.25 4.35 -6.22
CA GLU A 18 -6.37 5.54 -6.17
C GLU A 18 -4.92 5.19 -5.76
N LEU A 19 -4.81 4.31 -4.75
CA LEU A 19 -3.52 3.79 -4.27
C LEU A 19 -2.79 2.96 -5.38
N GLU A 20 -3.58 2.20 -6.19
CA GLU A 20 -3.08 1.43 -7.34
C GLU A 20 -2.54 2.33 -8.46
N ARG A 21 -3.26 3.45 -8.74
CA ARG A 21 -2.82 4.48 -9.71
C ARG A 21 -1.44 5.05 -9.33
N LYS A 22 -1.28 5.38 -8.03
CA LYS A 22 -0.02 5.93 -7.49
C LYS A 22 1.12 4.88 -7.54
N PHE A 23 0.78 3.62 -7.19
CA PHE A 23 1.75 2.48 -7.20
C PHE A 23 2.23 2.14 -8.63
N SER A 24 1.32 2.26 -9.61
CA SER A 24 1.61 2.03 -11.05
C SER A 24 2.59 3.08 -11.63
N HIS A 25 2.53 4.35 -11.15
CA HIS A 25 3.47 5.41 -11.59
C HIS A 25 4.79 5.34 -10.79
N GLN A 26 4.70 4.93 -9.51
CA GLN A 26 5.88 4.82 -8.62
C GLN A 26 5.62 3.83 -7.46
N LYS A 27 6.60 2.96 -7.19
CA LYS A 27 6.50 1.93 -6.13
C LYS A 27 6.74 2.56 -4.75
N TYR A 28 7.79 3.37 -4.64
CA TYR A 28 8.21 4.02 -3.38
C TYR A 28 7.69 5.48 -3.33
N LEU A 29 7.16 5.89 -2.17
CA LEU A 29 6.69 7.27 -1.94
C LEU A 29 7.73 8.10 -1.17
N SER A 30 7.68 9.42 -1.36
CA SER A 30 8.37 10.38 -0.48
C SER A 30 7.42 10.76 0.68
N ALA A 31 7.97 11.38 1.74
CA ALA A 31 7.19 11.84 2.91
C ALA A 31 6.06 12.87 2.53
N PRO A 32 6.34 13.96 1.70
CA PRO A 32 5.28 14.89 1.24
C PRO A 32 4.17 14.19 0.39
N GLU A 33 4.60 13.28 -0.52
CA GLU A 33 3.68 12.54 -1.42
C GLU A 33 2.72 11.62 -0.64
N ARG A 34 3.27 10.93 0.39
CA ARG A 34 2.50 10.01 1.24
C ARG A 34 1.48 10.75 2.12
N ALA A 35 1.88 11.92 2.66
CA ALA A 35 0.99 12.79 3.45
C ALA A 35 -0.17 13.35 2.60
N HIS A 36 0.15 13.76 1.36
CA HIS A 36 -0.84 14.26 0.38
C HIS A 36 -1.85 13.16 -0.02
N LEU A 37 -1.34 11.97 -0.33
CA LEU A 37 -2.16 10.80 -0.70
C LEU A 37 -3.03 10.33 0.49
N ALA A 38 -2.45 10.41 1.70
CA ALA A 38 -3.13 10.05 2.96
C ALA A 38 -4.35 10.93 3.23
N LYS A 39 -4.15 12.26 3.25
CA LYS A 39 -5.23 13.23 3.59
C LYS A 39 -6.40 13.20 2.58
N ASN A 40 -6.09 13.06 1.28
CA ASN A 40 -7.10 12.95 0.21
C ASN A 40 -7.98 11.69 0.35
N LEU A 41 -7.36 10.57 0.77
CA LEU A 41 -8.06 9.27 0.98
C LEU A 41 -8.51 9.10 2.46
N LYS A 42 -8.24 10.12 3.31
CA LYS A 42 -8.53 10.12 4.76
C LYS A 42 -7.77 9.03 5.55
N LEU A 43 -6.70 8.49 4.94
CA LEU A 43 -5.73 7.58 5.60
C LEU A 43 -4.67 8.39 6.39
N THR A 44 -3.73 7.69 7.02
CA THR A 44 -2.53 8.30 7.66
C THR A 44 -1.27 7.88 6.91
N GLU A 45 -0.14 8.56 7.19
CA GLU A 45 1.19 8.17 6.66
C GLU A 45 1.61 6.74 7.14
N THR A 46 1.04 6.28 8.27
CA THR A 46 1.21 4.90 8.75
C THR A 46 0.51 3.91 7.80
N GLN A 47 -0.79 4.16 7.56
CA GLN A 47 -1.66 3.31 6.72
C GLN A 47 -1.12 3.18 5.28
N VAL A 48 -0.87 4.33 4.62
CA VAL A 48 -0.38 4.38 3.22
C VAL A 48 1.02 3.71 3.07
N LYS A 49 1.91 3.93 4.07
CA LYS A 49 3.25 3.30 4.09
C LYS A 49 3.14 1.76 4.11
N ILE A 50 2.32 1.24 5.05
CA ILE A 50 2.07 -0.20 5.19
C ILE A 50 1.45 -0.81 3.90
N TRP A 51 0.53 -0.07 3.25
CA TRP A 51 -0.14 -0.51 1.99
C TRP A 51 0.90 -0.73 0.86
N PHE A 52 1.65 0.33 0.50
CA PHE A 52 2.71 0.28 -0.55
C PHE A 52 3.82 -0.75 -0.22
N GLN A 53 4.13 -0.88 1.08
CA GLN A 53 5.09 -1.87 1.60
C GLN A 53 4.62 -3.31 1.31
N ASN A 54 3.33 -3.59 1.62
CA ASN A 54 2.69 -4.90 1.37
C ASN A 54 2.63 -5.22 -0.13
N ARG A 55 2.25 -4.23 -0.94
CA ARG A 55 2.13 -4.38 -2.41
C ARG A 55 3.46 -4.80 -3.09
N ARG A 56 4.61 -4.30 -2.57
CA ARG A 56 5.95 -4.71 -3.06
C ARG A 56 6.36 -6.09 -2.49
N TYR A 57 5.98 -6.34 -1.21
CA TYR A 57 6.28 -7.59 -0.48
C TYR A 57 5.51 -8.80 -1.08
N LYS A 58 4.28 -8.53 -1.55
CA LYS A 58 3.37 -9.54 -2.11
C LYS A 58 3.59 -9.75 -3.63
N THR A 59 4.44 -8.92 -4.24
CA THR A 59 4.90 -9.09 -5.65
C THR A 59 6.38 -9.52 -5.68
N LYS A 60 7.01 -9.64 -4.48
CA LYS A 60 8.39 -10.16 -4.31
C LYS A 60 8.48 -11.66 -4.72
N ARG A 61 7.33 -12.35 -4.64
CA ARG A 61 7.12 -13.70 -5.21
C ARG A 61 7.19 -13.70 -6.78
N LYS A 62 6.65 -14.75 -7.41
CA LYS A 62 6.41 -14.81 -8.86
C LYS A 62 5.47 -13.65 -9.32
N GLN A 63 5.46 -13.34 -10.63
CA GLN A 63 4.82 -12.12 -11.20
C GLN A 63 3.28 -12.03 -10.97
N LEU A 64 2.70 -10.92 -11.45
CA LEU A 64 1.29 -10.52 -11.20
C LEU A 64 0.26 -11.65 -11.51
N SER A 65 0.43 -12.30 -12.68
CA SER A 65 -0.46 -13.40 -13.12
C SER A 65 -0.05 -14.72 -12.42
N SER A 66 -0.51 -14.91 -11.17
CA SER A 66 -0.22 -16.11 -10.35
C SER A 66 -1.29 -17.20 -10.57
N GLU A 67 -1.30 -18.24 -9.70
CA GLU A 67 -2.28 -19.36 -9.75
C GLU A 67 -3.59 -19.03 -9.00
N LEU A 68 -3.69 -17.82 -8.41
CA LEU A 68 -4.87 -17.37 -7.63
C LEU A 68 -6.09 -17.12 -8.56
N GLY A 69 -7.27 -17.65 -8.16
CA GLY A 69 -8.50 -17.53 -8.96
C GLY A 69 -9.18 -16.18 -8.83
N MET A 1 5.21 -18.62 3.94
CA MET A 1 4.97 -19.92 3.22
C MET A 1 4.00 -20.83 4.01
N GLY A 2 3.47 -21.88 3.34
CA GLY A 2 2.57 -22.84 3.97
C GLY A 2 1.09 -22.44 3.92
N HIS A 3 0.75 -21.27 4.51
CA HIS A 3 -0.64 -20.73 4.56
C HIS A 3 -0.61 -19.21 4.36
N HIS A 4 -0.99 -18.71 3.15
CA HIS A 4 -1.01 -17.24 2.87
C HIS A 4 -2.26 -16.57 3.50
N HIS A 5 -2.16 -16.24 4.81
CA HIS A 5 -3.25 -15.55 5.54
C HIS A 5 -3.44 -14.10 5.01
N HIS A 6 -4.57 -13.89 4.29
CA HIS A 6 -4.88 -12.61 3.63
C HIS A 6 -4.90 -11.42 4.63
N HIS A 7 -4.06 -10.40 4.36
CA HIS A 7 -3.99 -9.19 5.20
C HIS A 7 -5.26 -8.35 5.04
N HIS A 8 -6.15 -8.41 6.03
CA HIS A 8 -7.42 -7.66 6.02
C HIS A 8 -7.28 -6.35 6.82
N SER A 9 -7.60 -5.22 6.18
CA SER A 9 -7.62 -3.89 6.84
C SER A 9 -8.75 -3.04 6.23
N HIS A 10 -9.41 -2.22 7.08
CA HIS A 10 -10.62 -1.46 6.71
C HIS A 10 -10.33 -0.39 5.62
N MET A 11 -10.50 -0.77 4.35
CA MET A 11 -10.31 0.12 3.18
C MET A 11 -11.44 -0.11 2.15
N SER A 12 -11.89 0.99 1.52
CA SER A 12 -12.88 0.94 0.42
C SER A 12 -12.20 0.45 -0.86
N HIS A 13 -12.99 -0.16 -1.78
CA HIS A 13 -12.47 -0.71 -3.05
C HIS A 13 -11.87 0.44 -3.91
N THR A 14 -12.60 1.58 -3.98
CA THR A 14 -12.16 2.78 -4.72
C THR A 14 -10.87 3.36 -4.11
N GLN A 15 -10.77 3.33 -2.75
CA GLN A 15 -9.60 3.79 -1.99
C GLN A 15 -8.34 3.00 -2.38
N VAL A 16 -8.47 1.66 -2.43
CA VAL A 16 -7.39 0.76 -2.88
C VAL A 16 -6.98 1.05 -4.34
N ILE A 17 -7.97 1.34 -5.24
CA ILE A 17 -7.69 1.72 -6.66
C ILE A 17 -6.82 2.99 -6.73
N GLU A 18 -7.17 4.03 -5.93
CA GLU A 18 -6.43 5.31 -5.88
C GLU A 18 -4.97 5.11 -5.41
N LEU A 19 -4.81 4.26 -4.39
CA LEU A 19 -3.50 3.81 -3.88
C LEU A 19 -2.69 3.06 -4.99
N GLU A 20 -3.39 2.19 -5.76
CA GLU A 20 -2.78 1.38 -6.85
C GLU A 20 -2.34 2.24 -8.05
N ARG A 21 -3.12 3.29 -8.35
CA ARG A 21 -2.80 4.28 -9.39
C ARG A 21 -1.46 4.98 -9.07
N LYS A 22 -1.23 5.26 -7.77
CA LYS A 22 0.02 5.84 -7.29
C LYS A 22 1.18 4.80 -7.31
N PHE A 23 0.87 3.57 -6.84
CA PHE A 23 1.83 2.44 -6.73
C PHE A 23 2.40 2.05 -8.12
N SER A 24 1.53 2.12 -9.15
CA SER A 24 1.89 1.84 -10.56
C SER A 24 2.96 2.80 -11.11
N HIS A 25 2.87 4.10 -10.73
CA HIS A 25 3.78 5.15 -11.20
C HIS A 25 5.06 5.24 -10.32
N GLN A 26 4.92 4.98 -9.00
CA GLN A 26 6.04 5.00 -8.03
C GLN A 26 5.77 4.04 -6.84
N LYS A 27 6.78 3.24 -6.49
CA LYS A 27 6.69 2.25 -5.40
C LYS A 27 7.05 2.88 -4.02
N TYR A 28 7.75 4.02 -4.06
CA TYR A 28 8.16 4.77 -2.85
C TYR A 28 7.64 6.22 -2.90
N LEU A 29 6.97 6.65 -1.82
CA LEU A 29 6.51 8.04 -1.67
C LEU A 29 7.47 8.85 -0.77
N SER A 30 7.75 10.10 -1.19
CA SER A 30 8.46 11.09 -0.33
C SER A 30 7.49 11.60 0.76
N ALA A 31 8.02 12.21 1.83
CA ALA A 31 7.20 12.69 2.97
C ALA A 31 6.02 13.66 2.55
N PRO A 32 6.25 14.69 1.65
CA PRO A 32 5.14 15.51 1.09
C PRO A 32 4.08 14.68 0.30
N GLU A 33 4.57 13.76 -0.57
CA GLU A 33 3.70 12.97 -1.49
C GLU A 33 2.81 11.98 -0.72
N ARG A 34 3.39 11.37 0.32
CA ARG A 34 2.71 10.36 1.16
C ARG A 34 1.58 11.00 2.02
N ALA A 35 1.87 12.20 2.55
CA ALA A 35 0.87 13.04 3.26
C ALA A 35 -0.25 13.53 2.30
N HIS A 36 0.16 13.88 1.06
CA HIS A 36 -0.74 14.38 0.01
C HIS A 36 -1.75 13.29 -0.45
N LEU A 37 -1.28 12.03 -0.54
CA LEU A 37 -2.14 10.88 -0.92
C LEU A 37 -3.04 10.47 0.27
N ALA A 38 -2.46 10.44 1.48
CA ALA A 38 -3.15 10.06 2.72
C ALA A 38 -4.39 10.95 3.00
N LYS A 39 -4.23 12.29 2.85
CA LYS A 39 -5.35 13.25 3.08
C LYS A 39 -6.51 13.10 2.06
N ASN A 40 -6.16 12.72 0.81
CA ASN A 40 -7.17 12.43 -0.25
C ASN A 40 -8.09 11.24 0.15
N LEU A 41 -7.51 10.24 0.83
CA LEU A 41 -8.22 9.00 1.23
C LEU A 41 -8.44 8.93 2.76
N LYS A 42 -8.19 10.05 3.47
CA LYS A 42 -8.34 10.17 4.96
C LYS A 42 -7.51 9.13 5.76
N LEU A 43 -6.51 8.50 5.11
CA LEU A 43 -5.57 7.57 5.74
C LEU A 43 -4.46 8.35 6.49
N THR A 44 -3.59 7.61 7.21
CA THR A 44 -2.35 8.18 7.77
C THR A 44 -1.16 7.77 6.88
N GLU A 45 -0.07 8.54 6.97
CA GLU A 45 1.17 8.26 6.22
C GLU A 45 1.70 6.82 6.44
N THR A 46 1.62 6.32 7.70
CA THR A 46 2.04 4.94 8.05
C THR A 46 1.15 3.88 7.35
N GLN A 47 -0.18 4.09 7.34
CA GLN A 47 -1.16 3.21 6.64
C GLN A 47 -0.83 3.07 5.14
N VAL A 48 -0.61 4.23 4.49
CA VAL A 48 -0.24 4.32 3.06
C VAL A 48 1.11 3.59 2.78
N LYS A 49 2.15 3.89 3.58
CA LYS A 49 3.51 3.34 3.40
C LYS A 49 3.54 1.80 3.55
N ILE A 50 2.91 1.28 4.63
CA ILE A 50 2.83 -0.17 4.88
C ILE A 50 1.95 -0.87 3.81
N TRP A 51 0.88 -0.18 3.31
CA TRP A 51 0.07 -0.69 2.16
C TRP A 51 1.00 -0.95 0.95
N PHE A 52 1.75 0.09 0.52
CA PHE A 52 2.78 -0.03 -0.56
C PHE A 52 3.74 -1.22 -0.32
N GLN A 53 4.20 -1.38 0.94
CA GLN A 53 5.08 -2.52 1.36
C GLN A 53 4.37 -3.90 1.20
N ASN A 54 3.07 -3.98 1.54
CA ASN A 54 2.24 -5.20 1.37
C ASN A 54 2.11 -5.57 -0.11
N ARG A 55 1.88 -4.55 -0.95
CA ARG A 55 1.72 -4.69 -2.42
C ARG A 55 3.05 -5.07 -3.11
N ARG A 56 4.19 -4.64 -2.54
CA ARG A 56 5.54 -5.09 -2.97
C ARG A 56 5.76 -6.58 -2.59
N TYR A 57 5.19 -6.98 -1.44
CA TYR A 57 5.13 -8.39 -1.02
C TYR A 57 4.12 -9.18 -1.90
N LYS A 58 3.11 -8.49 -2.47
CA LYS A 58 2.17 -9.10 -3.45
C LYS A 58 2.82 -9.21 -4.85
N THR A 59 3.83 -8.35 -5.11
CA THR A 59 4.60 -8.37 -6.38
C THR A 59 5.47 -9.64 -6.40
N LYS A 60 5.24 -10.53 -7.40
CA LYS A 60 5.85 -11.87 -7.44
C LYS A 60 7.40 -11.82 -7.41
N ARG A 61 7.97 -12.24 -6.26
CA ARG A 61 9.42 -12.35 -6.05
C ARG A 61 9.97 -13.52 -6.91
N LYS A 62 10.21 -13.20 -8.19
CA LYS A 62 10.46 -14.17 -9.26
C LYS A 62 11.01 -13.43 -10.49
N GLN A 63 10.40 -12.27 -10.79
CA GLN A 63 10.83 -11.38 -11.88
C GLN A 63 12.26 -10.83 -11.64
N LEU A 64 12.91 -10.36 -12.73
CA LEU A 64 14.29 -9.85 -12.71
C LEU A 64 14.50 -8.73 -11.65
N SER A 65 13.65 -7.68 -11.71
CA SER A 65 13.66 -6.56 -10.76
C SER A 65 12.64 -6.79 -9.62
N SER A 66 13.09 -7.46 -8.55
CA SER A 66 12.30 -7.65 -7.31
C SER A 66 13.23 -7.92 -6.11
N GLU A 67 12.66 -8.11 -4.92
CA GLU A 67 13.40 -8.20 -3.65
C GLU A 67 13.89 -9.65 -3.34
N LEU A 68 15.16 -9.93 -3.72
CA LEU A 68 15.88 -11.19 -3.36
C LEU A 68 17.18 -10.86 -2.58
N GLY A 69 17.28 -11.34 -1.32
CA GLY A 69 18.39 -11.03 -0.42
C GLY A 69 19.31 -12.22 -0.16
N MET A 1 -10.85 -22.45 1.67
CA MET A 1 -9.40 -22.23 1.43
C MET A 1 -9.03 -20.74 1.72
N GLY A 2 -9.58 -19.82 0.90
CA GLY A 2 -9.31 -18.38 1.03
C GLY A 2 -10.38 -17.64 1.84
N HIS A 3 -10.75 -16.42 1.36
CA HIS A 3 -11.79 -15.55 1.96
C HIS A 3 -11.44 -15.18 3.44
N HIS A 4 -10.15 -14.90 3.69
CA HIS A 4 -9.65 -14.54 5.02
C HIS A 4 -9.93 -13.05 5.34
N HIS A 5 -10.92 -12.80 6.21
CA HIS A 5 -11.25 -11.45 6.70
C HIS A 5 -10.32 -11.08 7.88
N HIS A 6 -9.48 -10.05 7.69
CA HIS A 6 -8.48 -9.61 8.69
C HIS A 6 -9.14 -8.76 9.80
N HIS A 7 -8.56 -8.82 11.02
CA HIS A 7 -9.00 -7.99 12.16
C HIS A 7 -8.38 -6.58 12.09
N HIS A 8 -7.19 -6.48 11.47
CA HIS A 8 -6.57 -5.18 11.15
C HIS A 8 -7.36 -4.51 10.00
N SER A 9 -7.93 -3.33 10.28
CA SER A 9 -8.75 -2.56 9.32
C SER A 9 -7.98 -2.23 8.03
N HIS A 10 -8.59 -2.52 6.87
CA HIS A 10 -7.98 -2.30 5.53
C HIS A 10 -8.72 -1.19 4.76
N MET A 11 -8.07 -0.68 3.71
CA MET A 11 -8.64 0.36 2.82
C MET A 11 -9.91 -0.12 2.07
N SER A 12 -10.73 0.85 1.63
CA SER A 12 -11.97 0.59 0.86
C SER A 12 -11.64 0.30 -0.61
N HIS A 13 -12.60 -0.28 -1.37
CA HIS A 13 -12.34 -0.80 -2.74
C HIS A 13 -11.77 0.28 -3.71
N THR A 14 -12.50 1.41 -3.88
CA THR A 14 -12.05 2.54 -4.75
C THR A 14 -10.78 3.22 -4.21
N GLN A 15 -10.61 3.19 -2.87
CA GLN A 15 -9.42 3.75 -2.20
C GLN A 15 -8.15 2.94 -2.54
N VAL A 16 -8.29 1.60 -2.55
CA VAL A 16 -7.23 0.67 -3.00
C VAL A 16 -6.89 0.93 -4.49
N ILE A 17 -7.93 1.20 -5.33
CA ILE A 17 -7.76 1.57 -6.76
C ILE A 17 -6.85 2.80 -6.91
N GLU A 18 -7.14 3.87 -6.14
CA GLU A 18 -6.37 5.14 -6.16
C GLU A 18 -4.91 4.95 -5.71
N LEU A 19 -4.75 4.12 -4.67
CA LEU A 19 -3.42 3.71 -4.17
C LEU A 19 -2.66 2.90 -5.25
N GLU A 20 -3.35 2.00 -5.99
CA GLU A 20 -2.76 1.14 -7.06
C GLU A 20 -2.32 1.97 -8.27
N ARG A 21 -3.09 3.02 -8.60
CA ARG A 21 -2.75 4.00 -9.65
C ARG A 21 -1.43 4.71 -9.30
N LYS A 22 -1.36 5.25 -8.07
CA LYS A 22 -0.15 5.93 -7.55
C LYS A 22 1.05 4.94 -7.49
N PHE A 23 0.76 3.70 -7.05
CA PHE A 23 1.73 2.59 -6.97
C PHE A 23 2.30 2.24 -8.37
N SER A 24 1.43 2.33 -9.40
CA SER A 24 1.82 2.10 -10.82
C SER A 24 2.85 3.14 -11.30
N HIS A 25 2.62 4.42 -10.98
CA HIS A 25 3.49 5.53 -11.45
C HIS A 25 4.81 5.58 -10.62
N GLN A 26 4.74 5.20 -9.33
CA GLN A 26 5.91 5.15 -8.43
C GLN A 26 5.66 4.20 -7.22
N LYS A 27 6.67 3.39 -6.92
CA LYS A 27 6.63 2.40 -5.81
C LYS A 27 7.01 3.05 -4.46
N TYR A 28 7.90 4.06 -4.54
CA TYR A 28 8.40 4.80 -3.37
C TYR A 28 7.79 6.23 -3.32
N LEU A 29 7.10 6.56 -2.23
CA LEU A 29 6.59 7.93 -1.97
C LEU A 29 7.58 8.70 -1.08
N SER A 30 7.79 9.98 -1.40
CA SER A 30 8.53 10.91 -0.51
C SER A 30 7.60 11.40 0.62
N ALA A 31 8.15 12.11 1.62
CA ALA A 31 7.38 12.64 2.78
C ALA A 31 6.16 13.55 2.37
N PRO A 32 6.31 14.57 1.43
CA PRO A 32 5.15 15.40 1.01
C PRO A 32 4.09 14.61 0.19
N GLU A 33 4.56 13.61 -0.60
CA GLU A 33 3.70 12.82 -1.52
C GLU A 33 2.82 11.81 -0.75
N ARG A 34 3.44 11.14 0.25
CA ARG A 34 2.76 10.15 1.11
C ARG A 34 1.70 10.85 2.00
N ALA A 35 2.06 12.04 2.51
CA ALA A 35 1.14 12.89 3.29
C ALA A 35 -0.03 13.41 2.43
N HIS A 36 0.27 13.86 1.20
CA HIS A 36 -0.75 14.40 0.26
C HIS A 36 -1.75 13.30 -0.16
N LEU A 37 -1.24 12.10 -0.47
CA LEU A 37 -2.06 10.93 -0.83
C LEU A 37 -2.93 10.47 0.36
N ALA A 38 -2.32 10.44 1.57
CA ALA A 38 -2.99 10.07 2.83
C ALA A 38 -4.21 10.96 3.13
N LYS A 39 -4.00 12.29 3.18
CA LYS A 39 -5.06 13.25 3.57
C LYS A 39 -6.24 13.29 2.55
N ASN A 40 -5.94 13.14 1.25
CA ASN A 40 -6.95 13.06 0.17
C ASN A 40 -7.86 11.81 0.31
N LEU A 41 -7.27 10.69 0.79
CA LEU A 41 -7.99 9.42 1.05
C LEU A 41 -8.37 9.27 2.55
N LYS A 42 -8.19 10.34 3.35
CA LYS A 42 -8.49 10.38 4.82
C LYS A 42 -7.66 9.35 5.66
N LEU A 43 -6.62 8.76 5.03
CA LEU A 43 -5.70 7.79 5.66
C LEU A 43 -4.57 8.49 6.44
N THR A 44 -3.72 7.68 7.08
CA THR A 44 -2.48 8.16 7.75
C THR A 44 -1.25 7.73 6.92
N GLU A 45 -0.12 8.45 7.09
CA GLU A 45 1.17 8.09 6.46
C GLU A 45 1.65 6.68 6.85
N THR A 46 1.27 6.23 8.07
CA THR A 46 1.54 4.86 8.54
C THR A 46 0.80 3.83 7.67
N GLN A 47 -0.54 3.98 7.56
CA GLN A 47 -1.41 3.04 6.81
C GLN A 47 -1.07 2.98 5.31
N VAL A 48 -0.85 4.14 4.67
CA VAL A 48 -0.42 4.23 3.26
C VAL A 48 0.93 3.49 3.04
N LYS A 49 1.88 3.68 3.98
CA LYS A 49 3.17 2.97 3.97
C LYS A 49 3.00 1.43 4.14
N ILE A 50 2.04 1.01 5.00
CA ILE A 50 1.72 -0.41 5.22
C ILE A 50 1.17 -1.06 3.93
N TRP A 51 0.20 -0.38 3.29
CA TRP A 51 -0.41 -0.86 2.02
C TRP A 51 0.66 -1.03 0.94
N PHE A 52 1.47 0.03 0.72
CA PHE A 52 2.61 0.01 -0.23
C PHE A 52 3.60 -1.14 0.06
N GLN A 53 3.91 -1.36 1.36
CA GLN A 53 4.84 -2.43 1.81
C GLN A 53 4.30 -3.84 1.49
N ASN A 54 3.03 -4.09 1.86
CA ASN A 54 2.32 -5.35 1.53
C ASN A 54 2.21 -5.53 0.00
N ARG A 55 1.92 -4.44 -0.72
CA ARG A 55 1.81 -4.44 -2.19
C ARG A 55 3.16 -4.79 -2.86
N ARG A 56 4.26 -4.35 -2.24
CA ARG A 56 5.64 -4.68 -2.65
C ARG A 56 5.98 -6.15 -2.32
N TYR A 57 5.33 -6.69 -1.27
CA TYR A 57 5.36 -8.14 -0.93
C TYR A 57 4.51 -8.96 -1.95
N LYS A 58 3.48 -8.32 -2.55
CA LYS A 58 2.56 -8.97 -3.51
C LYS A 58 3.10 -8.94 -4.98
N THR A 59 4.03 -8.00 -5.30
CA THR A 59 4.55 -7.85 -6.69
C THR A 59 6.10 -7.96 -6.74
N LYS A 60 6.62 -8.59 -7.84
CA LYS A 60 8.07 -8.81 -8.10
C LYS A 60 8.82 -9.36 -6.86
N ARG A 61 8.43 -10.56 -6.42
CA ARG A 61 8.90 -11.16 -5.15
C ARG A 61 9.27 -12.65 -5.34
N LYS A 62 9.76 -13.27 -4.26
CA LYS A 62 10.07 -14.71 -4.22
C LYS A 62 9.05 -15.45 -3.33
N GLN A 63 8.75 -16.71 -3.66
CA GLN A 63 7.85 -17.56 -2.84
C GLN A 63 8.59 -18.06 -1.57
N LEU A 64 9.70 -18.78 -1.79
CA LEU A 64 10.57 -19.31 -0.72
C LEU A 64 12.01 -18.77 -0.94
N SER A 65 12.55 -19.00 -2.13
CA SER A 65 13.89 -18.53 -2.55
C SER A 65 13.81 -17.76 -3.90
N SER A 66 13.15 -18.37 -4.88
CA SER A 66 12.80 -17.73 -6.18
C SER A 66 11.65 -18.48 -6.86
N GLU A 67 10.78 -17.77 -7.60
CA GLU A 67 9.64 -18.40 -8.32
C GLU A 67 10.07 -18.92 -9.72
N LEU A 68 11.22 -19.62 -9.75
CA LEU A 68 11.74 -20.30 -10.96
C LEU A 68 11.08 -21.69 -11.13
N GLY A 69 10.61 -21.99 -12.35
CA GLY A 69 9.97 -23.29 -12.66
C GLY A 69 8.46 -23.28 -12.44
N MET A 1 -7.83 -14.93 -6.53
CA MET A 1 -6.85 -15.37 -5.50
C MET A 1 -6.72 -14.34 -4.36
N GLY A 2 -6.14 -14.77 -3.22
CA GLY A 2 -5.88 -13.88 -2.07
C GLY A 2 -7.13 -13.53 -1.27
N HIS A 3 -7.97 -14.54 -0.96
CA HIS A 3 -9.25 -14.33 -0.23
C HIS A 3 -9.10 -14.53 1.30
N HIS A 4 -7.87 -14.65 1.82
CA HIS A 4 -7.61 -14.70 3.28
C HIS A 4 -6.99 -13.37 3.76
N HIS A 5 -7.78 -12.60 4.54
CA HIS A 5 -7.36 -11.27 5.06
C HIS A 5 -8.32 -10.80 6.18
N HIS A 6 -8.07 -9.58 6.70
CA HIS A 6 -8.86 -8.99 7.82
C HIS A 6 -10.16 -8.30 7.30
N HIS A 7 -11.16 -8.13 8.19
CA HIS A 7 -12.46 -7.52 7.85
C HIS A 7 -12.38 -5.97 7.89
N HIS A 8 -12.28 -5.40 9.11
CA HIS A 8 -12.21 -3.93 9.31
C HIS A 8 -10.83 -3.35 8.92
N SER A 9 -9.74 -4.10 9.20
CA SER A 9 -8.39 -3.75 8.71
C SER A 9 -8.30 -4.07 7.19
N HIS A 10 -8.87 -3.16 6.39
CA HIS A 10 -9.10 -3.33 4.95
C HIS A 10 -9.55 -1.99 4.32
N MET A 11 -8.69 -1.41 3.46
CA MET A 11 -9.01 -0.20 2.69
C MET A 11 -10.24 -0.43 1.75
N SER A 12 -10.99 0.65 1.45
CA SER A 12 -12.23 0.59 0.62
C SER A 12 -11.88 0.25 -0.84
N HIS A 13 -12.84 -0.35 -1.59
CA HIS A 13 -12.62 -0.79 -3.01
C HIS A 13 -12.03 0.34 -3.89
N THR A 14 -12.76 1.47 -3.99
CA THR A 14 -12.35 2.62 -4.82
C THR A 14 -11.08 3.32 -4.25
N GLN A 15 -10.92 3.26 -2.92
CA GLN A 15 -9.71 3.79 -2.23
C GLN A 15 -8.44 3.02 -2.64
N VAL A 16 -8.55 1.68 -2.70
CA VAL A 16 -7.47 0.81 -3.19
C VAL A 16 -7.15 1.12 -4.67
N ILE A 17 -8.19 1.43 -5.50
CA ILE A 17 -7.99 1.86 -6.91
C ILE A 17 -7.03 3.07 -6.99
N GLU A 18 -7.32 4.10 -6.16
CA GLU A 18 -6.52 5.35 -6.08
C GLU A 18 -5.08 5.08 -5.57
N LEU A 19 -4.96 4.25 -4.53
CA LEU A 19 -3.67 3.79 -3.98
C LEU A 19 -2.83 3.03 -5.05
N GLU A 20 -3.52 2.19 -5.85
CA GLU A 20 -2.91 1.37 -6.93
C GLU A 20 -2.46 2.24 -8.12
N ARG A 21 -3.21 3.33 -8.40
CA ARG A 21 -2.83 4.34 -9.40
C ARG A 21 -1.46 4.96 -9.07
N LYS A 22 -1.31 5.36 -7.80
CA LYS A 22 -0.07 6.00 -7.29
C LYS A 22 1.07 4.96 -7.12
N PHE A 23 0.72 3.73 -6.73
CA PHE A 23 1.67 2.60 -6.60
C PHE A 23 2.23 2.19 -7.99
N SER A 24 1.36 2.18 -9.00
CA SER A 24 1.74 1.90 -10.41
C SER A 24 2.54 3.07 -11.01
N HIS A 25 2.31 4.29 -10.47
CA HIS A 25 3.06 5.51 -10.87
C HIS A 25 4.49 5.48 -10.28
N GLN A 26 4.58 5.03 -9.02
CA GLN A 26 5.83 4.97 -8.25
C GLN A 26 5.64 4.03 -7.04
N LYS A 27 6.64 3.16 -6.81
CA LYS A 27 6.61 2.17 -5.72
C LYS A 27 7.00 2.80 -4.38
N TYR A 28 7.77 3.90 -4.44
CA TYR A 28 8.26 4.63 -3.24
C TYR A 28 7.81 6.10 -3.28
N LEU A 29 7.13 6.53 -2.20
CA LEU A 29 6.70 7.94 -2.02
C LEU A 29 7.76 8.72 -1.19
N SER A 30 7.79 10.04 -1.39
CA SER A 30 8.50 10.98 -0.49
C SER A 30 7.61 11.36 0.70
N ALA A 31 8.14 12.13 1.67
CA ALA A 31 7.33 12.64 2.81
C ALA A 31 6.13 13.52 2.35
N PRO A 32 6.31 14.52 1.41
CA PRO A 32 5.17 15.26 0.81
C PRO A 32 4.17 14.35 0.06
N GLU A 33 4.68 13.46 -0.83
CA GLU A 33 3.85 12.53 -1.66
C GLU A 33 2.98 11.58 -0.82
N ARG A 34 3.54 11.08 0.28
CA ARG A 34 2.86 10.15 1.21
C ARG A 34 1.77 10.90 2.01
N ALA A 35 2.07 12.15 2.40
CA ALA A 35 1.14 13.04 3.11
C ALA A 35 -0.03 13.48 2.19
N HIS A 36 0.29 13.74 0.89
CA HIS A 36 -0.72 14.07 -0.13
C HIS A 36 -1.70 12.90 -0.30
N LEU A 37 -1.16 11.71 -0.62
CA LEU A 37 -1.99 10.50 -0.89
C LEU A 37 -2.83 10.08 0.34
N ALA A 38 -2.22 10.23 1.54
CA ALA A 38 -2.90 9.96 2.82
C ALA A 38 -4.13 10.88 3.00
N LYS A 39 -3.91 12.21 2.97
CA LYS A 39 -4.99 13.20 3.21
C LYS A 39 -6.06 13.20 2.07
N ASN A 40 -5.63 12.84 0.83
CA ASN A 40 -6.54 12.68 -0.33
C ASN A 40 -7.58 11.56 -0.10
N LEU A 41 -7.15 10.47 0.56
CA LEU A 41 -8.01 9.27 0.83
C LEU A 41 -8.37 9.14 2.33
N LYS A 42 -8.09 10.20 3.13
CA LYS A 42 -8.35 10.24 4.60
C LYS A 42 -7.69 9.07 5.38
N LEU A 43 -6.57 8.59 4.82
CA LEU A 43 -5.69 7.60 5.48
C LEU A 43 -4.61 8.32 6.31
N THR A 44 -3.82 7.52 7.03
CA THR A 44 -2.66 8.03 7.78
C THR A 44 -1.37 7.67 7.02
N GLU A 45 -0.29 8.45 7.21
CA GLU A 45 1.03 8.15 6.61
C GLU A 45 1.59 6.79 7.09
N THR A 46 1.08 6.30 8.22
CA THR A 46 1.34 4.92 8.71
C THR A 46 0.65 3.88 7.82
N GLN A 47 -0.68 4.04 7.59
CA GLN A 47 -1.50 3.09 6.79
C GLN A 47 -1.05 3.01 5.31
N VAL A 48 -0.71 4.17 4.72
CA VAL A 48 -0.15 4.25 3.34
C VAL A 48 1.25 3.57 3.27
N LYS A 49 2.07 3.77 4.31
CA LYS A 49 3.41 3.13 4.43
C LYS A 49 3.32 1.59 4.48
N ILE A 50 2.42 1.08 5.34
CA ILE A 50 2.18 -0.35 5.54
C ILE A 50 1.60 -0.99 4.25
N TRP A 51 0.57 -0.32 3.67
CA TRP A 51 -0.07 -0.75 2.41
C TRP A 51 0.99 -0.92 1.30
N PHE A 52 1.70 0.19 0.98
CA PHE A 52 2.82 0.20 -0.02
C PHE A 52 3.84 -0.94 0.22
N GLN A 53 4.24 -1.17 1.50
CA GLN A 53 5.18 -2.26 1.89
C GLN A 53 4.66 -3.65 1.43
N ASN A 54 3.43 -4.00 1.85
CA ASN A 54 2.81 -5.31 1.53
C ASN A 54 2.57 -5.47 0.01
N ARG A 55 2.16 -4.39 -0.68
CA ARG A 55 1.90 -4.40 -2.14
C ARG A 55 3.18 -4.63 -2.97
N ARG A 56 4.34 -4.16 -2.48
CA ARG A 56 5.66 -4.47 -3.09
C ARG A 56 5.95 -5.98 -3.01
N TYR A 57 5.57 -6.58 -1.87
CA TYR A 57 5.62 -8.03 -1.64
C TYR A 57 4.57 -8.79 -2.51
N LYS A 58 3.42 -8.15 -2.79
CA LYS A 58 2.30 -8.75 -3.58
C LYS A 58 2.59 -8.72 -5.10
N THR A 59 3.28 -7.67 -5.56
CA THR A 59 3.61 -7.46 -6.99
C THR A 59 5.06 -7.93 -7.29
N LYS A 60 5.78 -8.37 -6.24
CA LYS A 60 7.09 -9.05 -6.37
C LYS A 60 6.90 -10.43 -7.03
N ARG A 61 7.92 -10.87 -7.80
CA ARG A 61 7.90 -12.15 -8.54
C ARG A 61 7.61 -13.33 -7.59
N LYS A 62 6.65 -14.19 -7.99
CA LYS A 62 6.07 -15.23 -7.11
C LYS A 62 7.08 -16.38 -6.84
N GLN A 63 8.00 -16.13 -5.91
CA GLN A 63 9.04 -17.08 -5.49
C GLN A 63 8.80 -17.54 -4.04
N LEU A 64 9.54 -18.57 -3.61
CA LEU A 64 9.41 -19.17 -2.26
C LEU A 64 9.90 -18.20 -1.15
N SER A 65 10.69 -17.16 -1.55
CA SER A 65 11.20 -16.08 -0.66
C SER A 65 12.31 -16.59 0.29
N SER A 66 11.95 -17.44 1.26
CA SER A 66 12.91 -18.11 2.18
C SER A 66 12.95 -19.64 1.92
N GLU A 67 13.73 -20.36 2.74
CA GLU A 67 13.92 -21.83 2.64
C GLU A 67 12.93 -22.57 3.58
N LEU A 68 11.83 -23.08 3.00
CA LEU A 68 10.77 -23.81 3.74
C LEU A 68 11.13 -25.31 3.85
N GLY A 69 11.69 -25.72 5.01
CA GLY A 69 12.11 -27.10 5.27
C GLY A 69 13.62 -27.25 5.41
N MET A 1 3.80 -21.62 4.83
CA MET A 1 4.81 -21.51 5.91
C MET A 1 4.18 -20.94 7.20
N GLY A 2 4.38 -21.64 8.34
CA GLY A 2 3.92 -21.19 9.65
C GLY A 2 2.39 -21.13 9.81
N HIS A 3 1.89 -20.04 10.40
CA HIS A 3 0.44 -19.79 10.58
C HIS A 3 -0.06 -18.77 9.54
N HIS A 4 -1.17 -19.10 8.86
CA HIS A 4 -1.78 -18.25 7.81
C HIS A 4 -2.39 -16.97 8.44
N HIS A 5 -1.70 -15.82 8.32
CA HIS A 5 -2.19 -14.52 8.86
C HIS A 5 -3.30 -13.90 7.96
N HIS A 6 -4.12 -13.01 8.54
CA HIS A 6 -5.19 -12.30 7.82
C HIS A 6 -4.68 -11.07 7.05
N HIS A 7 -5.55 -10.50 6.20
CA HIS A 7 -5.25 -9.31 5.37
C HIS A 7 -5.58 -8.00 6.12
N HIS A 8 -4.71 -6.97 6.02
CA HIS A 8 -4.98 -5.64 6.61
C HIS A 8 -6.14 -4.93 5.84
N SER A 9 -7.39 -5.25 6.22
CA SER A 9 -8.62 -4.80 5.50
C SER A 9 -9.15 -3.44 6.05
N HIS A 10 -8.21 -2.55 6.45
CA HIS A 10 -8.54 -1.22 7.03
C HIS A 10 -8.64 -0.13 5.92
N MET A 11 -9.01 -0.57 4.71
CA MET A 11 -9.16 0.28 3.49
C MET A 11 -10.28 -0.30 2.61
N SER A 12 -10.98 0.57 1.85
CA SER A 12 -12.07 0.14 0.94
C SER A 12 -11.53 -0.18 -0.46
N HIS A 13 -12.34 -0.86 -1.31
CA HIS A 13 -11.90 -1.36 -2.63
C HIS A 13 -11.49 -0.21 -3.58
N THR A 14 -12.36 0.81 -3.72
CA THR A 14 -12.13 1.98 -4.62
C THR A 14 -10.97 2.86 -4.09
N GLN A 15 -10.84 2.93 -2.75
CA GLN A 15 -9.72 3.61 -2.07
C GLN A 15 -8.37 2.93 -2.40
N VAL A 16 -8.34 1.59 -2.40
CA VAL A 16 -7.18 0.78 -2.82
C VAL A 16 -6.83 1.03 -4.32
N ILE A 17 -7.87 1.23 -5.16
CA ILE A 17 -7.68 1.59 -6.60
C ILE A 17 -6.94 2.95 -6.72
N GLU A 18 -7.39 3.96 -5.94
CA GLU A 18 -6.75 5.30 -5.88
C GLU A 18 -5.25 5.19 -5.46
N LEU A 19 -5.01 4.34 -4.44
CA LEU A 19 -3.65 3.97 -3.99
C LEU A 19 -2.82 3.32 -5.14
N GLU A 20 -3.49 2.46 -5.96
CA GLU A 20 -2.88 1.74 -7.10
C GLU A 20 -2.52 2.68 -8.28
N ARG A 21 -3.22 3.82 -8.42
CA ARG A 21 -2.83 4.89 -9.39
C ARG A 21 -1.44 5.46 -9.05
N LYS A 22 -1.25 5.80 -7.75
CA LYS A 22 0.04 6.36 -7.25
C LYS A 22 1.14 5.27 -7.26
N PHE A 23 0.74 4.03 -6.93
CA PHE A 23 1.62 2.85 -6.92
C PHE A 23 2.06 2.45 -8.35
N SER A 24 1.17 2.69 -9.34
CA SER A 24 1.48 2.51 -10.78
C SER A 24 2.61 3.44 -11.25
N HIS A 25 2.61 4.68 -10.72
CA HIS A 25 3.64 5.69 -11.02
C HIS A 25 4.96 5.36 -10.30
N GLN A 26 4.87 4.98 -9.01
CA GLN A 26 6.06 4.66 -8.18
C GLN A 26 5.68 3.77 -6.96
N LYS A 27 6.61 2.87 -6.60
CA LYS A 27 6.42 1.84 -5.54
C LYS A 27 6.77 2.39 -4.13
N TYR A 28 7.60 3.44 -4.09
CA TYR A 28 8.16 3.99 -2.84
C TYR A 28 7.85 5.52 -2.75
N LEU A 29 6.95 5.92 -1.84
CA LEU A 29 6.63 7.35 -1.63
C LEU A 29 7.57 8.02 -0.60
N SER A 30 7.87 9.31 -0.84
CA SER A 30 8.61 10.16 0.13
C SER A 30 7.60 10.78 1.13
N ALA A 31 8.13 11.44 2.18
CA ALA A 31 7.31 12.11 3.23
C ALA A 31 6.22 13.11 2.66
N PRO A 32 6.54 14.03 1.68
CA PRO A 32 5.52 14.91 1.05
C PRO A 32 4.42 14.12 0.27
N GLU A 33 4.83 13.28 -0.71
CA GLU A 33 3.89 12.55 -1.62
C GLU A 33 2.97 11.55 -0.88
N ARG A 34 3.53 10.88 0.14
CA ARG A 34 2.78 9.92 0.98
C ARG A 34 1.67 10.63 1.79
N ALA A 35 1.98 11.85 2.27
CA ALA A 35 1.04 12.71 3.01
C ALA A 35 -0.06 13.28 2.08
N HIS A 36 0.32 13.60 0.82
CA HIS A 36 -0.63 14.10 -0.20
C HIS A 36 -1.68 13.02 -0.53
N LEU A 37 -1.21 11.79 -0.81
CA LEU A 37 -2.08 10.64 -1.11
C LEU A 37 -2.96 10.25 0.11
N ALA A 38 -2.37 10.35 1.31
CA ALA A 38 -3.05 10.08 2.59
C ALA A 38 -4.29 10.98 2.79
N LYS A 39 -4.09 12.31 2.73
CA LYS A 39 -5.17 13.30 3.02
C LYS A 39 -6.34 13.22 1.99
N ASN A 40 -6.03 12.92 0.70
CA ASN A 40 -7.06 12.74 -0.35
C ASN A 40 -7.97 11.50 -0.08
N LEU A 41 -7.45 10.50 0.65
CA LEU A 41 -8.19 9.26 0.99
C LEU A 41 -8.53 9.14 2.49
N LYS A 42 -8.42 10.24 3.28
CA LYS A 42 -8.65 10.24 4.74
C LYS A 42 -7.75 9.22 5.51
N LEU A 43 -6.65 8.78 4.88
CA LEU A 43 -5.66 7.87 5.48
C LEU A 43 -4.53 8.67 6.17
N THR A 44 -3.58 7.96 6.77
CA THR A 44 -2.36 8.55 7.35
C THR A 44 -1.13 8.05 6.58
N GLU A 45 0.02 8.71 6.79
CA GLU A 45 1.32 8.29 6.18
C GLU A 45 1.74 6.89 6.69
N THR A 46 1.30 6.55 7.92
CA THR A 46 1.49 5.21 8.52
C THR A 46 0.75 4.14 7.69
N GLN A 47 -0.57 4.34 7.50
CA GLN A 47 -1.46 3.41 6.76
C GLN A 47 -1.02 3.23 5.28
N VAL A 48 -0.77 4.36 4.60
CA VAL A 48 -0.30 4.38 3.19
C VAL A 48 1.07 3.66 3.03
N LYS A 49 1.96 3.82 4.03
CA LYS A 49 3.28 3.14 4.03
C LYS A 49 3.12 1.61 4.22
N ILE A 50 2.16 1.19 5.09
CA ILE A 50 1.83 -0.25 5.29
C ILE A 50 1.34 -0.87 3.97
N TRP A 51 0.37 -0.19 3.30
CA TRP A 51 -0.19 -0.65 2.01
C TRP A 51 0.90 -0.78 0.94
N PHE A 52 1.68 0.31 0.69
CA PHE A 52 2.77 0.31 -0.32
C PHE A 52 3.85 -0.78 -0.05
N GLN A 53 4.17 -1.00 1.24
CA GLN A 53 5.14 -2.04 1.68
C GLN A 53 4.65 -3.46 1.32
N ASN A 54 3.42 -3.78 1.78
CA ASN A 54 2.75 -5.10 1.55
C ASN A 54 2.48 -5.34 0.05
N ARG A 55 1.98 -4.28 -0.61
CA ARG A 55 1.57 -4.31 -2.03
C ARG A 55 2.76 -4.61 -2.95
N ARG A 56 3.89 -3.94 -2.69
CA ARG A 56 5.16 -4.15 -3.42
C ARG A 56 5.67 -5.59 -3.20
N TYR A 57 5.49 -6.10 -1.97
CA TYR A 57 5.80 -7.52 -1.65
C TYR A 57 4.85 -8.50 -2.40
N LYS A 58 3.60 -8.07 -2.63
CA LYS A 58 2.55 -8.90 -3.28
C LYS A 58 2.53 -8.79 -4.82
N THR A 59 3.34 -7.88 -5.41
CA THR A 59 3.54 -7.79 -6.89
C THR A 59 4.52 -8.88 -7.42
N LYS A 60 4.80 -9.93 -6.61
CA LYS A 60 5.56 -11.11 -7.05
C LYS A 60 4.76 -11.93 -8.11
N ARG A 61 4.85 -11.46 -9.36
CA ARG A 61 4.09 -11.98 -10.51
C ARG A 61 4.85 -11.69 -11.82
N LYS A 62 5.36 -10.44 -11.90
CA LYS A 62 6.21 -9.97 -13.01
C LYS A 62 7.62 -9.64 -12.45
N GLN A 63 8.69 -10.07 -13.18
CA GLN A 63 10.11 -9.96 -12.73
C GLN A 63 10.47 -8.55 -12.19
N LEU A 64 11.22 -8.50 -11.08
CA LEU A 64 11.61 -7.25 -10.38
C LEU A 64 12.50 -6.33 -11.27
N SER A 65 13.10 -6.92 -12.32
CA SER A 65 13.86 -6.19 -13.37
C SER A 65 12.99 -5.12 -14.07
N SER A 66 11.66 -5.35 -14.13
CA SER A 66 10.69 -4.37 -14.69
C SER A 66 10.54 -3.15 -13.76
N GLU A 67 10.52 -3.40 -12.44
CA GLU A 67 10.45 -2.34 -11.41
C GLU A 67 11.80 -1.57 -11.31
N LEU A 68 12.91 -2.32 -11.41
CA LEU A 68 14.26 -1.78 -11.20
C LEU A 68 14.73 -0.97 -12.45
N GLY A 69 14.49 0.35 -12.42
CA GLY A 69 14.94 1.28 -13.47
C GLY A 69 16.34 1.83 -13.19
N MET A 1 -3.41 -19.03 25.82
CA MET A 1 -3.59 -17.65 25.27
C MET A 1 -4.50 -17.69 24.03
N GLY A 2 -5.68 -17.04 24.12
CA GLY A 2 -6.63 -16.99 22.99
C GLY A 2 -6.34 -15.83 22.03
N HIS A 3 -5.27 -15.96 21.25
CA HIS A 3 -4.74 -14.89 20.39
C HIS A 3 -5.42 -14.86 18.98
N HIS A 4 -6.19 -15.91 18.62
CA HIS A 4 -6.79 -16.06 17.26
C HIS A 4 -7.65 -14.86 16.80
N HIS A 5 -8.28 -14.13 17.74
CA HIS A 5 -9.05 -12.91 17.42
C HIS A 5 -8.11 -11.81 16.85
N HIS A 6 -8.33 -11.44 15.58
CA HIS A 6 -7.46 -10.48 14.86
C HIS A 6 -8.24 -9.84 13.69
N HIS A 7 -7.99 -8.55 13.46
CA HIS A 7 -8.63 -7.78 12.38
C HIS A 7 -7.77 -7.82 11.09
N HIS A 8 -8.45 -7.82 9.92
CA HIS A 8 -7.80 -7.71 8.59
C HIS A 8 -8.25 -6.40 7.89
N SER A 9 -7.60 -5.28 8.27
CA SER A 9 -7.98 -3.92 7.84
C SER A 9 -7.75 -3.68 6.33
N HIS A 10 -8.84 -3.72 5.54
CA HIS A 10 -8.79 -3.43 4.09
C HIS A 10 -9.39 -2.04 3.82
N MET A 11 -8.67 -1.21 3.03
CA MET A 11 -9.20 0.08 2.53
C MET A 11 -10.42 -0.15 1.58
N SER A 12 -11.16 0.94 1.27
CA SER A 12 -12.33 0.87 0.35
C SER A 12 -11.88 0.51 -1.07
N HIS A 13 -12.71 -0.20 -1.86
CA HIS A 13 -12.30 -0.72 -3.19
C HIS A 13 -11.79 0.42 -4.13
N THR A 14 -12.55 1.52 -4.24
CA THR A 14 -12.16 2.70 -5.06
C THR A 14 -10.87 3.34 -4.52
N GLN A 15 -10.75 3.41 -3.18
CA GLN A 15 -9.59 3.98 -2.47
C GLN A 15 -8.29 3.17 -2.75
N VAL A 16 -8.39 1.82 -2.70
CA VAL A 16 -7.28 0.91 -3.08
C VAL A 16 -6.88 1.15 -4.55
N ILE A 17 -7.87 1.33 -5.43
CA ILE A 17 -7.65 1.67 -6.86
C ILE A 17 -6.87 3.01 -6.99
N GLU A 18 -7.18 4.02 -6.15
CA GLU A 18 -6.46 5.32 -6.12
C GLU A 18 -4.99 5.13 -5.69
N LEU A 19 -4.80 4.32 -4.64
CA LEU A 19 -3.48 3.91 -4.15
C LEU A 19 -2.69 3.12 -5.24
N GLU A 20 -3.41 2.30 -6.06
CA GLU A 20 -2.83 1.51 -7.18
C GLU A 20 -2.47 2.39 -8.39
N ARG A 21 -3.26 3.45 -8.64
CA ARG A 21 -2.95 4.41 -9.74
C ARG A 21 -1.69 5.23 -9.42
N LYS A 22 -1.44 5.46 -8.12
CA LYS A 22 -0.21 6.10 -7.63
C LYS A 22 0.96 5.07 -7.64
N PHE A 23 0.64 3.84 -7.21
CA PHE A 23 1.59 2.70 -7.10
C PHE A 23 2.15 2.28 -8.47
N SER A 24 1.28 2.22 -9.49
CA SER A 24 1.63 1.77 -10.86
C SER A 24 2.61 2.71 -11.58
N HIS A 25 2.66 3.98 -11.15
CA HIS A 25 3.65 4.96 -11.65
C HIS A 25 4.90 4.99 -10.75
N GLN A 26 4.71 4.86 -9.43
CA GLN A 26 5.82 4.85 -8.46
C GLN A 26 5.52 3.91 -7.27
N LYS A 27 6.46 3.02 -6.98
CA LYS A 27 6.33 1.99 -5.92
C LYS A 27 6.66 2.58 -4.53
N TYR A 28 7.46 3.66 -4.52
CA TYR A 28 7.89 4.37 -3.30
C TYR A 28 7.39 5.82 -3.31
N LEU A 29 6.88 6.28 -2.16
CA LEU A 29 6.47 7.69 -1.95
C LEU A 29 7.51 8.46 -1.11
N SER A 30 7.68 9.75 -1.41
CA SER A 30 8.44 10.68 -0.54
C SER A 30 7.53 11.21 0.58
N ALA A 31 8.11 11.90 1.57
CA ALA A 31 7.37 12.44 2.75
C ALA A 31 6.22 13.43 2.36
N PRO A 32 6.42 14.42 1.41
CA PRO A 32 5.30 15.25 0.89
C PRO A 32 4.18 14.40 0.23
N GLU A 33 4.59 13.49 -0.67
CA GLU A 33 3.68 12.68 -1.50
C GLU A 33 2.75 11.78 -0.66
N ARG A 34 3.34 11.13 0.35
CA ARG A 34 2.63 10.20 1.24
C ARG A 34 1.63 10.93 2.16
N ALA A 35 2.02 12.14 2.62
CA ALA A 35 1.16 13.02 3.44
C ALA A 35 -0.09 13.47 2.67
N HIS A 36 0.10 13.91 1.41
CA HIS A 36 -1.00 14.32 0.52
C HIS A 36 -1.94 13.14 0.18
N LEU A 37 -1.37 11.98 -0.19
CA LEU A 37 -2.15 10.76 -0.53
C LEU A 37 -2.96 10.25 0.69
N ALA A 38 -2.37 10.43 1.89
CA ALA A 38 -3.02 10.09 3.17
C ALA A 38 -4.26 10.97 3.45
N LYS A 39 -4.08 12.32 3.48
CA LYS A 39 -5.18 13.26 3.84
C LYS A 39 -6.34 13.23 2.82
N ASN A 40 -6.01 13.13 1.53
CA ASN A 40 -7.01 13.08 0.42
C ASN A 40 -7.86 11.79 0.47
N LEU A 41 -7.24 10.67 0.91
CA LEU A 41 -7.95 9.37 1.09
C LEU A 41 -8.28 9.10 2.58
N LYS A 42 -8.13 10.13 3.45
CA LYS A 42 -8.46 10.08 4.91
C LYS A 42 -7.67 8.99 5.70
N LEU A 43 -6.57 8.48 5.10
CA LEU A 43 -5.63 7.55 5.78
C LEU A 43 -4.55 8.34 6.56
N THR A 44 -3.62 7.62 7.20
CA THR A 44 -2.39 8.23 7.78
C THR A 44 -1.18 7.80 6.96
N GLU A 45 -0.07 8.56 7.08
CA GLU A 45 1.22 8.24 6.39
C GLU A 45 1.70 6.81 6.72
N THR A 46 1.45 6.37 7.97
CA THR A 46 1.75 5.00 8.44
C THR A 46 0.93 3.96 7.63
N GLN A 47 -0.40 4.15 7.55
CA GLN A 47 -1.34 3.21 6.86
C GLN A 47 -1.02 3.09 5.35
N VAL A 48 -0.79 4.24 4.70
CA VAL A 48 -0.37 4.31 3.28
C VAL A 48 0.98 3.58 3.05
N LYS A 49 1.94 3.80 3.98
CA LYS A 49 3.26 3.12 3.96
C LYS A 49 3.11 1.58 4.07
N ILE A 50 2.20 1.13 4.97
CA ILE A 50 1.90 -0.30 5.18
C ILE A 50 1.32 -0.93 3.89
N TRP A 51 0.36 -0.22 3.25
CA TRP A 51 -0.26 -0.66 1.98
C TRP A 51 0.82 -0.85 0.89
N PHE A 52 1.59 0.22 0.62
CA PHE A 52 2.71 0.20 -0.35
C PHE A 52 3.76 -0.90 -0.04
N GLN A 53 4.06 -1.11 1.26
CA GLN A 53 5.02 -2.15 1.73
C GLN A 53 4.52 -3.57 1.38
N ASN A 54 3.28 -3.90 1.81
CA ASN A 54 2.65 -5.21 1.56
C ASN A 54 2.47 -5.49 0.06
N ARG A 55 2.06 -4.46 -0.71
CA ARG A 55 1.88 -4.59 -2.18
C ARG A 55 3.19 -4.97 -2.90
N ARG A 56 4.32 -4.34 -2.53
CA ARG A 56 5.65 -4.71 -3.07
C ARG A 56 6.10 -6.10 -2.52
N TYR A 57 5.62 -6.45 -1.32
CA TYR A 57 5.96 -7.71 -0.62
C TYR A 57 5.19 -8.91 -1.22
N LYS A 58 4.04 -8.62 -1.84
CA LYS A 58 3.23 -9.63 -2.56
C LYS A 58 3.82 -9.97 -3.94
N THR A 59 4.88 -9.23 -4.36
CA THR A 59 5.61 -9.52 -5.62
C THR A 59 7.09 -9.89 -5.27
N LYS A 60 8.02 -9.84 -6.25
CA LYS A 60 9.42 -10.29 -6.07
C LYS A 60 10.26 -9.45 -5.06
N ARG A 61 9.76 -8.27 -4.65
CA ARG A 61 10.47 -7.40 -3.70
C ARG A 61 10.14 -7.77 -2.23
N LYS A 62 10.98 -8.63 -1.63
CA LYS A 62 10.88 -8.96 -0.19
C LYS A 62 11.49 -7.85 0.67
N GLN A 63 10.63 -7.08 1.36
CA GLN A 63 11.04 -5.99 2.26
C GLN A 63 11.76 -6.54 3.51
N LEU A 64 12.78 -5.81 3.96
CA LEU A 64 13.44 -6.08 5.25
C LEU A 64 12.45 -5.78 6.40
N SER A 65 11.96 -4.51 6.43
CA SER A 65 10.93 -4.00 7.39
C SER A 65 11.47 -3.91 8.85
N SER A 66 10.89 -2.98 9.64
CA SER A 66 11.23 -2.80 11.08
C SER A 66 10.76 -3.99 11.93
N GLU A 67 9.68 -4.66 11.47
CA GLU A 67 9.12 -5.85 12.12
C GLU A 67 10.04 -7.08 11.95
N LEU A 68 10.60 -7.59 13.07
CA LEU A 68 11.52 -8.76 13.07
C LEU A 68 11.31 -9.69 14.29
N GLY A 69 11.95 -10.86 14.25
CA GLY A 69 11.89 -11.84 15.34
C GLY A 69 10.58 -12.61 15.41
N MET A 1 1.81 -15.42 27.92
CA MET A 1 0.35 -15.32 27.64
C MET A 1 -0.11 -13.85 27.53
N GLY A 2 -1.42 -13.66 27.26
CA GLY A 2 -1.99 -12.32 27.08
C GLY A 2 -2.51 -12.13 25.65
N HIS A 3 -3.85 -12.03 25.49
CA HIS A 3 -4.49 -11.88 24.18
C HIS A 3 -4.31 -10.43 23.63
N HIS A 4 -3.31 -10.25 22.77
CA HIS A 4 -2.95 -8.93 22.20
C HIS A 4 -3.96 -8.46 21.12
N HIS A 5 -4.52 -7.26 21.31
CA HIS A 5 -5.39 -6.60 20.31
C HIS A 5 -4.52 -5.80 19.30
N HIS A 6 -4.82 -5.95 18.00
CA HIS A 6 -4.12 -5.27 16.89
C HIS A 6 -4.99 -5.29 15.61
N HIS A 7 -5.57 -4.13 15.26
CA HIS A 7 -6.55 -4.00 14.16
C HIS A 7 -5.87 -3.92 12.77
N HIS A 8 -6.37 -4.74 11.82
CA HIS A 8 -5.97 -4.69 10.40
C HIS A 8 -6.90 -3.72 9.63
N SER A 9 -6.32 -2.64 9.08
CA SER A 9 -7.09 -1.59 8.37
C SER A 9 -7.59 -2.10 7.00
N HIS A 10 -8.81 -2.65 6.98
CA HIS A 10 -9.48 -3.08 5.73
C HIS A 10 -10.07 -1.86 5.00
N MET A 11 -9.20 -1.23 4.18
CA MET A 11 -9.55 -0.02 3.41
C MET A 11 -10.56 -0.31 2.27
N SER A 12 -11.15 0.78 1.73
CA SER A 12 -12.23 0.69 0.71
C SER A 12 -11.67 0.27 -0.66
N HIS A 13 -12.48 -0.45 -1.47
CA HIS A 13 -12.05 -0.95 -2.80
C HIS A 13 -11.67 0.21 -3.74
N THR A 14 -12.52 1.26 -3.78
CA THR A 14 -12.30 2.47 -4.62
C THR A 14 -11.04 3.24 -4.15
N GLN A 15 -10.80 3.22 -2.83
CA GLN A 15 -9.63 3.85 -2.20
C GLN A 15 -8.31 3.12 -2.58
N VAL A 16 -8.35 1.77 -2.60
CA VAL A 16 -7.21 0.93 -3.05
C VAL A 16 -6.91 1.16 -4.55
N ILE A 17 -7.97 1.42 -5.35
CA ILE A 17 -7.82 1.84 -6.77
C ILE A 17 -6.97 3.13 -6.87
N GLU A 18 -7.29 4.12 -6.01
CA GLU A 18 -6.56 5.42 -5.94
C GLU A 18 -5.09 5.23 -5.50
N LEU A 19 -4.89 4.34 -4.50
CA LEU A 19 -3.54 3.91 -4.06
C LEU A 19 -2.74 3.27 -5.22
N GLU A 20 -3.42 2.44 -6.06
CA GLU A 20 -2.81 1.75 -7.23
C GLU A 20 -2.55 2.70 -8.41
N ARG A 21 -3.33 3.80 -8.51
CA ARG A 21 -3.07 4.89 -9.50
C ARG A 21 -1.70 5.54 -9.25
N LYS A 22 -1.33 5.65 -7.96
CA LYS A 22 -0.04 6.21 -7.52
C LYS A 22 1.09 5.14 -7.60
N PHE A 23 0.72 3.89 -7.22
CA PHE A 23 1.63 2.73 -7.19
C PHE A 23 2.13 2.32 -8.60
N SER A 24 1.25 2.41 -9.60
CA SER A 24 1.58 2.12 -11.02
C SER A 24 2.61 3.11 -11.60
N HIS A 25 2.63 4.34 -11.08
CA HIS A 25 3.62 5.37 -11.50
C HIS A 25 4.93 5.23 -10.70
N GLN A 26 4.81 4.86 -9.40
CA GLN A 26 5.96 4.62 -8.51
C GLN A 26 5.58 3.65 -7.37
N LYS A 27 6.44 2.65 -7.15
CA LYS A 27 6.20 1.56 -6.17
C LYS A 27 6.41 2.02 -4.71
N TYR A 28 7.12 3.14 -4.54
CA TYR A 28 7.41 3.74 -3.22
C TYR A 28 7.33 5.28 -3.30
N LEU A 29 6.72 5.90 -2.28
CA LEU A 29 6.52 7.38 -2.20
C LEU A 29 7.63 8.06 -1.36
N SER A 30 7.69 9.40 -1.49
CA SER A 30 8.45 10.26 -0.56
C SER A 30 7.51 10.65 0.60
N ALA A 31 8.08 11.16 1.72
CA ALA A 31 7.30 11.61 2.90
C ALA A 31 6.21 12.68 2.55
N PRO A 32 6.52 13.75 1.71
CA PRO A 32 5.49 14.70 1.21
C PRO A 32 4.35 14.01 0.40
N GLU A 33 4.72 13.06 -0.48
CA GLU A 33 3.76 12.33 -1.36
C GLU A 33 2.85 11.36 -0.57
N ARG A 34 3.42 10.78 0.50
CA ARG A 34 2.74 9.84 1.40
C ARG A 34 1.61 10.55 2.19
N ALA A 35 1.93 11.77 2.69
CA ALA A 35 0.96 12.67 3.35
C ALA A 35 -0.04 13.27 2.35
N HIS A 36 0.45 13.56 1.11
CA HIS A 36 -0.37 14.11 0.00
C HIS A 36 -1.49 13.12 -0.40
N LEU A 37 -1.16 11.83 -0.41
CA LEU A 37 -2.12 10.75 -0.75
C LEU A 37 -3.02 10.40 0.45
N ALA A 38 -2.42 10.44 1.66
CA ALA A 38 -3.13 10.18 2.94
C ALA A 38 -4.32 11.15 3.15
N LYS A 39 -4.09 12.47 2.99
CA LYS A 39 -5.14 13.50 3.17
C LYS A 39 -6.32 13.33 2.18
N ASN A 40 -6.01 13.00 0.90
CA ASN A 40 -7.03 12.76 -0.15
C ASN A 40 -7.98 11.61 0.25
N LEU A 41 -7.39 10.51 0.73
CA LEU A 41 -8.13 9.26 1.05
C LEU A 41 -8.49 9.17 2.55
N LYS A 42 -8.24 10.25 3.33
CA LYS A 42 -8.51 10.32 4.80
C LYS A 42 -7.75 9.21 5.60
N LEU A 43 -6.67 8.69 5.00
CA LEU A 43 -5.77 7.69 5.63
C LEU A 43 -4.69 8.39 6.47
N THR A 44 -3.91 7.61 7.20
CA THR A 44 -2.72 8.12 7.92
C THR A 44 -1.47 7.83 7.06
N GLU A 45 -0.37 8.57 7.30
CA GLU A 45 0.94 8.29 6.66
C GLU A 45 1.44 6.87 6.99
N THR A 46 1.03 6.37 8.17
CA THR A 46 1.28 5.00 8.60
C THR A 46 0.59 3.99 7.65
N GLN A 47 -0.72 4.15 7.43
CA GLN A 47 -1.55 3.22 6.60
C GLN A 47 -1.13 3.21 5.12
N VAL A 48 -0.80 4.40 4.58
CA VAL A 48 -0.26 4.53 3.20
C VAL A 48 1.11 3.80 3.07
N LYS A 49 1.99 4.00 4.08
CA LYS A 49 3.28 3.30 4.18
C LYS A 49 3.09 1.76 4.26
N ILE A 50 2.09 1.32 5.06
CA ILE A 50 1.76 -0.11 5.24
C ILE A 50 1.30 -0.75 3.93
N TRP A 51 0.35 -0.10 3.22
CA TRP A 51 -0.19 -0.60 1.94
C TRP A 51 0.94 -0.75 0.89
N PHE A 52 1.70 0.35 0.65
CA PHE A 52 2.83 0.35 -0.30
C PHE A 52 3.92 -0.69 0.07
N GLN A 53 4.16 -0.88 1.38
CA GLN A 53 5.15 -1.87 1.91
C GLN A 53 4.71 -3.32 1.60
N ASN A 54 3.46 -3.65 1.96
CA ASN A 54 2.82 -4.95 1.64
C ASN A 54 2.79 -5.17 0.12
N ARG A 55 2.45 -4.11 -0.63
CA ARG A 55 2.24 -4.15 -2.08
C ARG A 55 3.55 -4.45 -2.86
N ARG A 56 4.68 -3.91 -2.34
CA ARG A 56 6.03 -4.23 -2.88
C ARG A 56 6.45 -5.66 -2.49
N TYR A 57 5.92 -6.15 -1.36
CA TYR A 57 6.09 -7.55 -0.93
C TYR A 57 5.19 -8.52 -1.75
N LYS A 58 4.06 -7.99 -2.28
CA LYS A 58 3.11 -8.78 -3.12
C LYS A 58 3.67 -9.03 -4.54
N THR A 59 4.72 -8.29 -4.90
CA THR A 59 5.45 -8.46 -6.19
C THR A 59 6.92 -8.85 -5.91
N LYS A 60 7.70 -9.17 -6.97
CA LYS A 60 9.09 -9.71 -6.87
C LYS A 60 9.15 -11.07 -6.10
N ARG A 61 7.99 -11.74 -5.98
CA ARG A 61 7.88 -13.05 -5.32
C ARG A 61 8.69 -14.13 -6.08
N LYS A 62 9.20 -15.13 -5.33
CA LYS A 62 10.07 -16.23 -5.85
C LYS A 62 9.43 -16.99 -7.06
N GLN A 63 10.28 -17.70 -7.84
CA GLN A 63 9.87 -18.58 -8.96
C GLN A 63 8.75 -19.56 -8.54
N LEU A 64 7.87 -19.91 -9.51
CA LEU A 64 6.72 -20.81 -9.28
C LEU A 64 7.17 -22.23 -8.83
N SER A 65 8.40 -22.62 -9.22
CA SER A 65 9.04 -23.86 -8.74
C SER A 65 9.29 -23.81 -7.22
N SER A 66 9.72 -22.62 -6.74
CA SER A 66 10.07 -22.35 -5.31
C SER A 66 11.15 -23.34 -4.76
N GLU A 67 11.96 -23.90 -5.69
CA GLU A 67 13.02 -24.88 -5.37
C GLU A 67 14.16 -24.26 -4.55
N LEU A 68 14.80 -23.22 -5.13
CA LEU A 68 15.84 -22.41 -4.45
C LEU A 68 15.33 -21.83 -3.11
N GLY A 69 16.15 -21.95 -2.05
CA GLY A 69 15.79 -21.48 -0.70
C GLY A 69 16.93 -20.74 -0.01
N MET A 1 -13.97 -24.79 23.81
CA MET A 1 -13.30 -23.79 24.69
C MET A 1 -12.04 -23.20 24.02
N GLY A 2 -11.80 -21.90 24.26
CA GLY A 2 -10.65 -21.18 23.69
C GLY A 2 -11.03 -19.84 23.06
N HIS A 3 -10.06 -19.19 22.40
CA HIS A 3 -10.26 -17.90 21.70
C HIS A 3 -9.46 -17.88 20.37
N HIS A 4 -10.14 -17.48 19.28
CA HIS A 4 -9.56 -17.43 17.93
C HIS A 4 -10.45 -16.55 17.02
N HIS A 5 -9.91 -15.44 16.50
CA HIS A 5 -10.65 -14.51 15.63
C HIS A 5 -9.68 -13.70 14.72
N HIS A 6 -9.71 -13.98 13.41
CA HIS A 6 -8.93 -13.23 12.41
C HIS A 6 -9.76 -12.05 11.85
N HIS A 7 -9.26 -10.82 12.00
CA HIS A 7 -9.87 -9.62 11.38
C HIS A 7 -9.24 -9.35 9.99
N HIS A 8 -10.04 -8.80 9.05
CA HIS A 8 -9.52 -8.35 7.74
C HIS A 8 -9.31 -6.81 7.74
N SER A 9 -8.05 -6.37 7.60
CA SER A 9 -7.69 -4.93 7.57
C SER A 9 -7.21 -4.51 6.17
N HIS A 10 -8.18 -4.23 5.29
CA HIS A 10 -7.93 -3.68 3.93
C HIS A 10 -8.63 -2.32 3.79
N MET A 11 -7.99 -1.41 3.04
CA MET A 11 -8.56 -0.08 2.69
C MET A 11 -9.88 -0.21 1.87
N SER A 12 -10.62 0.92 1.74
CA SER A 12 -11.93 0.96 1.01
C SER A 12 -11.71 0.68 -0.50
N HIS A 13 -12.78 0.25 -1.22
CA HIS A 13 -12.67 -0.24 -2.64
C HIS A 13 -12.04 0.82 -3.58
N THR A 14 -12.72 1.98 -3.74
CA THR A 14 -12.25 3.10 -4.59
C THR A 14 -10.88 3.65 -4.10
N GLN A 15 -10.69 3.59 -2.78
CA GLN A 15 -9.46 4.04 -2.08
C GLN A 15 -8.22 3.18 -2.46
N VAL A 16 -8.39 1.84 -2.50
CA VAL A 16 -7.34 0.90 -2.92
C VAL A 16 -6.94 1.17 -4.38
N ILE A 17 -7.94 1.40 -5.24
CA ILE A 17 -7.74 1.72 -6.67
C ILE A 17 -6.92 3.04 -6.84
N GLU A 18 -7.19 4.04 -5.97
CA GLU A 18 -6.44 5.32 -5.93
C GLU A 18 -4.96 5.12 -5.50
N LEU A 19 -4.76 4.28 -4.47
CA LEU A 19 -3.43 3.85 -4.01
C LEU A 19 -2.67 3.12 -5.15
N GLU A 20 -3.39 2.26 -5.91
CA GLU A 20 -2.85 1.49 -7.06
C GLU A 20 -2.45 2.40 -8.23
N ARG A 21 -3.23 3.48 -8.47
CA ARG A 21 -2.90 4.53 -9.47
C ARG A 21 -1.53 5.17 -9.18
N LYS A 22 -1.25 5.37 -7.89
CA LYS A 22 0.02 5.97 -7.42
C LYS A 22 1.17 4.92 -7.39
N PHE A 23 0.84 3.67 -7.02
CA PHE A 23 1.80 2.52 -6.95
C PHE A 23 2.31 2.11 -8.36
N SER A 24 1.40 2.16 -9.35
CA SER A 24 1.71 1.86 -10.77
C SER A 24 2.68 2.90 -11.37
N HIS A 25 2.64 4.14 -10.85
CA HIS A 25 3.61 5.20 -11.24
C HIS A 25 4.93 5.07 -10.47
N GLN A 26 4.85 4.78 -9.16
CA GLN A 26 6.04 4.70 -8.27
C GLN A 26 5.79 3.72 -7.09
N LYS A 27 6.80 2.87 -6.84
CA LYS A 27 6.73 1.78 -5.85
C LYS A 27 6.79 2.27 -4.37
N TYR A 28 7.38 3.46 -4.16
CA TYR A 28 7.48 4.09 -2.83
C TYR A 28 7.25 5.61 -2.95
N LEU A 29 6.59 6.18 -1.93
CA LEU A 29 6.34 7.64 -1.85
C LEU A 29 7.39 8.33 -0.96
N SER A 30 7.65 9.61 -1.23
CA SER A 30 8.39 10.50 -0.31
C SER A 30 7.41 11.05 0.74
N ALA A 31 7.94 11.68 1.79
CA ALA A 31 7.12 12.26 2.89
C ALA A 31 6.02 13.27 2.40
N PRO A 32 6.31 14.24 1.44
CA PRO A 32 5.24 15.09 0.84
C PRO A 32 4.15 14.28 0.07
N GLU A 33 4.57 13.38 -0.85
CA GLU A 33 3.63 12.57 -1.68
C GLU A 33 2.72 11.65 -0.82
N ARG A 34 3.30 11.09 0.25
CA ARG A 34 2.59 10.17 1.16
C ARG A 34 1.56 10.92 2.02
N ALA A 35 1.95 12.12 2.51
CA ALA A 35 1.06 13.01 3.30
C ALA A 35 -0.14 13.51 2.48
N HIS A 36 0.15 13.98 1.25
CA HIS A 36 -0.89 14.48 0.32
C HIS A 36 -1.87 13.37 -0.09
N LEU A 37 -1.36 12.17 -0.45
CA LEU A 37 -2.22 11.02 -0.85
C LEU A 37 -3.08 10.52 0.34
N ALA A 38 -2.47 10.52 1.55
CA ALA A 38 -3.16 10.12 2.80
C ALA A 38 -4.38 11.00 3.10
N LYS A 39 -4.20 12.34 3.11
CA LYS A 39 -5.28 13.30 3.44
C LYS A 39 -6.41 13.31 2.37
N ASN A 40 -6.04 13.06 1.09
CA ASN A 40 -7.02 12.87 -0.03
C ASN A 40 -7.99 11.70 0.28
N LEU A 41 -7.40 10.56 0.71
CA LEU A 41 -8.13 9.30 0.98
C LEU A 41 -8.56 9.18 2.45
N LYS A 42 -8.27 10.22 3.28
CA LYS A 42 -8.56 10.25 4.73
C LYS A 42 -7.81 9.14 5.52
N LEU A 43 -6.75 8.57 4.90
CA LEU A 43 -5.82 7.62 5.54
C LEU A 43 -4.73 8.36 6.34
N THR A 44 -3.87 7.58 7.01
CA THR A 44 -2.65 8.12 7.66
C THR A 44 -1.42 7.73 6.82
N GLU A 45 -0.32 8.49 6.97
CA GLU A 45 0.98 8.16 6.33
C GLU A 45 1.49 6.75 6.72
N THR A 46 1.11 6.29 7.94
CA THR A 46 1.42 4.95 8.42
C THR A 46 0.69 3.88 7.58
N GLN A 47 -0.65 4.04 7.44
CA GLN A 47 -1.52 3.12 6.65
C GLN A 47 -1.07 3.00 5.18
N VAL A 48 -0.86 4.17 4.54
CA VAL A 48 -0.41 4.27 3.13
C VAL A 48 0.94 3.53 2.92
N LYS A 49 1.90 3.78 3.82
CA LYS A 49 3.26 3.19 3.73
C LYS A 49 3.24 1.66 3.99
N ILE A 50 2.35 1.19 4.90
CA ILE A 50 2.11 -0.25 5.14
C ILE A 50 1.56 -0.93 3.88
N TRP A 51 0.57 -0.28 3.22
CA TRP A 51 -0.04 -0.77 1.96
C TRP A 51 1.04 -0.93 0.86
N PHE A 52 1.78 0.17 0.56
CA PHE A 52 2.90 0.16 -0.43
C PHE A 52 3.93 -0.96 -0.13
N GLN A 53 4.23 -1.16 1.18
CA GLN A 53 5.14 -2.23 1.66
C GLN A 53 4.60 -3.65 1.32
N ASN A 54 3.32 -3.92 1.66
CA ASN A 54 2.67 -5.23 1.42
C ASN A 54 2.66 -5.56 -0.08
N ARG A 55 2.21 -4.57 -0.88
CA ARG A 55 2.10 -4.65 -2.33
C ARG A 55 3.45 -4.90 -3.01
N ARG A 56 4.53 -4.35 -2.43
CA ARG A 56 5.92 -4.59 -2.89
C ARG A 56 6.33 -6.06 -2.71
N TYR A 57 6.04 -6.61 -1.53
CA TYR A 57 6.29 -8.03 -1.22
C TYR A 57 5.36 -8.96 -2.06
N LYS A 58 4.20 -8.42 -2.45
CA LYS A 58 3.18 -9.16 -3.25
C LYS A 58 3.39 -8.98 -4.78
N THR A 59 4.28 -8.05 -5.22
CA THR A 59 4.62 -7.91 -6.67
C THR A 59 5.26 -9.20 -7.25
N LYS A 60 5.44 -9.20 -8.57
CA LYS A 60 6.13 -10.30 -9.30
C LYS A 60 7.68 -10.28 -9.06
N ARG A 61 8.17 -9.29 -8.28
CA ARG A 61 9.59 -9.18 -7.89
C ARG A 61 9.75 -9.25 -6.35
N LYS A 62 10.65 -10.14 -5.87
CA LYS A 62 10.93 -10.32 -4.42
C LYS A 62 12.10 -9.40 -3.96
N GLN A 63 12.15 -9.09 -2.64
CA GLN A 63 13.20 -8.23 -2.03
C GLN A 63 13.83 -8.92 -0.79
N LEU A 64 14.90 -8.29 -0.24
CA LEU A 64 15.64 -8.79 0.96
C LEU A 64 14.73 -8.92 2.21
N SER A 65 13.82 -7.94 2.41
CA SER A 65 12.85 -7.99 3.52
C SER A 65 11.69 -8.95 3.18
N SER A 66 11.25 -9.73 4.19
CA SER A 66 10.14 -10.69 4.05
C SER A 66 8.98 -10.30 4.99
N GLU A 67 7.97 -9.60 4.45
CA GLU A 67 6.77 -9.21 5.23
C GLU A 67 5.74 -10.38 5.21
N LEU A 68 6.06 -11.45 5.97
CA LEU A 68 5.23 -12.67 6.10
C LEU A 68 5.86 -13.60 7.17
N GLY A 69 5.05 -14.47 7.80
CA GLY A 69 5.55 -15.40 8.84
C GLY A 69 5.95 -16.75 8.29
N MET A 1 -0.92 -20.28 25.68
CA MET A 1 -0.30 -19.31 24.76
C MET A 1 -1.33 -18.72 23.76
N GLY A 2 -2.63 -18.75 24.12
CA GLY A 2 -3.72 -18.36 23.20
C GLY A 2 -3.81 -16.85 22.90
N HIS A 3 -2.89 -16.35 22.05
CA HIS A 3 -2.85 -14.95 21.60
C HIS A 3 -3.94 -14.72 20.52
N HIS A 4 -4.93 -13.86 20.83
CA HIS A 4 -6.01 -13.49 19.90
C HIS A 4 -5.46 -12.64 18.73
N HIS A 5 -5.61 -13.14 17.49
CA HIS A 5 -5.11 -12.45 16.28
C HIS A 5 -5.79 -11.06 16.09
N HIS A 6 -4.99 -9.98 16.12
CA HIS A 6 -5.49 -8.62 15.91
C HIS A 6 -5.91 -8.45 14.42
N HIS A 7 -7.23 -8.35 14.17
CA HIS A 7 -7.77 -8.13 12.81
C HIS A 7 -7.36 -6.72 12.30
N HIS A 8 -6.23 -6.68 11.58
CA HIS A 8 -5.64 -5.45 11.04
C HIS A 8 -6.49 -4.91 9.87
N SER A 9 -6.78 -3.60 9.88
CA SER A 9 -7.66 -2.96 8.89
C SER A 9 -7.04 -2.92 7.47
N HIS A 10 -7.86 -3.27 6.47
CA HIS A 10 -7.53 -3.06 5.05
C HIS A 10 -8.23 -1.78 4.52
N MET A 11 -7.62 -1.17 3.50
CA MET A 11 -8.18 0.01 2.81
C MET A 11 -9.47 -0.32 2.01
N SER A 12 -10.28 0.72 1.71
CA SER A 12 -11.59 0.56 1.00
C SER A 12 -11.37 0.28 -0.51
N HIS A 13 -12.36 -0.36 -1.18
CA HIS A 13 -12.22 -0.86 -2.57
C HIS A 13 -11.83 0.26 -3.58
N THR A 14 -12.67 1.31 -3.69
CA THR A 14 -12.42 2.48 -4.58
C THR A 14 -11.13 3.24 -4.18
N GLN A 15 -10.77 3.17 -2.89
CA GLN A 15 -9.55 3.79 -2.34
C GLN A 15 -8.28 3.01 -2.75
N VAL A 16 -8.35 1.67 -2.79
CA VAL A 16 -7.25 0.79 -3.25
C VAL A 16 -6.98 1.02 -4.76
N ILE A 17 -8.06 1.32 -5.53
CA ILE A 17 -7.95 1.79 -6.93
C ILE A 17 -7.05 3.05 -7.02
N GLU A 18 -7.36 4.07 -6.19
CA GLU A 18 -6.61 5.35 -6.13
C GLU A 18 -5.13 5.14 -5.71
N LEU A 19 -4.94 4.28 -4.70
CA LEU A 19 -3.62 3.85 -4.20
C LEU A 19 -2.79 3.16 -5.31
N GLU A 20 -3.47 2.35 -6.17
CA GLU A 20 -2.83 1.64 -7.30
C GLU A 20 -2.55 2.56 -8.52
N ARG A 21 -3.37 3.60 -8.72
CA ARG A 21 -3.10 4.65 -9.72
C ARG A 21 -1.76 5.37 -9.43
N LYS A 22 -1.45 5.47 -8.12
CA LYS A 22 -0.17 6.00 -7.62
C LYS A 22 0.96 4.92 -7.68
N PHE A 23 0.61 3.68 -7.26
CA PHE A 23 1.57 2.55 -7.13
C PHE A 23 2.09 2.06 -8.51
N SER A 24 1.26 2.17 -9.55
CA SER A 24 1.64 1.80 -10.94
C SER A 24 2.67 2.77 -11.54
N HIS A 25 2.59 4.06 -11.14
CA HIS A 25 3.53 5.11 -11.58
C HIS A 25 4.85 5.07 -10.78
N GLN A 26 4.75 4.76 -9.47
CA GLN A 26 5.92 4.69 -8.57
C GLN A 26 5.65 3.78 -7.34
N LYS A 27 6.68 3.05 -6.94
CA LYS A 27 6.61 2.09 -5.80
C LYS A 27 7.02 2.76 -4.47
N TYR A 28 7.80 3.86 -4.56
CA TYR A 28 8.38 4.55 -3.38
C TYR A 28 7.93 6.04 -3.34
N LEU A 29 7.14 6.41 -2.32
CA LEU A 29 6.70 7.82 -2.08
C LEU A 29 7.68 8.57 -1.15
N SER A 30 7.85 9.88 -1.38
CA SER A 30 8.57 10.77 -0.45
C SER A 30 7.68 11.11 0.78
N ALA A 31 8.25 11.81 1.77
CA ALA A 31 7.48 12.29 2.94
C ALA A 31 6.27 13.21 2.52
N PRO A 32 6.46 14.26 1.64
CA PRO A 32 5.31 15.05 1.13
C PRO A 32 4.25 14.20 0.38
N GLU A 33 4.68 13.36 -0.59
CA GLU A 33 3.75 12.58 -1.47
C GLU A 33 2.92 11.52 -0.69
N ARG A 34 3.54 10.85 0.29
CA ARG A 34 2.85 9.89 1.18
C ARG A 34 1.78 10.61 2.05
N ALA A 35 2.12 11.82 2.52
CA ALA A 35 1.18 12.69 3.26
C ALA A 35 0.06 13.28 2.34
N HIS A 36 0.43 13.58 1.07
CA HIS A 36 -0.53 14.11 0.06
C HIS A 36 -1.60 13.04 -0.30
N LEU A 37 -1.14 11.79 -0.37
CA LEU A 37 -2.01 10.64 -0.68
C LEU A 37 -2.90 10.29 0.55
N ALA A 38 -2.30 10.40 1.75
CA ALA A 38 -2.99 10.15 3.04
C ALA A 38 -4.21 11.06 3.24
N LYS A 39 -4.00 12.39 3.16
CA LYS A 39 -5.07 13.40 3.38
C LYS A 39 -6.25 13.27 2.37
N ASN A 40 -5.92 13.06 1.09
CA ASN A 40 -6.92 12.93 0.00
C ASN A 40 -7.83 11.69 0.20
N LEU A 41 -7.23 10.59 0.66
CA LEU A 41 -7.94 9.30 0.88
C LEU A 41 -8.40 9.11 2.35
N LYS A 42 -8.25 10.16 3.18
CA LYS A 42 -8.61 10.14 4.63
C LYS A 42 -7.88 9.03 5.43
N LEU A 43 -6.72 8.60 4.91
CA LEU A 43 -5.80 7.66 5.58
C LEU A 43 -4.81 8.42 6.49
N THR A 44 -3.94 7.66 7.16
CA THR A 44 -2.76 8.23 7.88
C THR A 44 -1.48 7.89 7.08
N GLU A 45 -0.39 8.61 7.35
CA GLU A 45 0.93 8.33 6.72
C GLU A 45 1.43 6.90 7.05
N THR A 46 1.11 6.43 8.27
CA THR A 46 1.44 5.05 8.70
C THR A 46 0.69 4.02 7.83
N GLN A 47 -0.62 4.24 7.60
CA GLN A 47 -1.48 3.33 6.80
C GLN A 47 -1.05 3.27 5.32
N VAL A 48 -0.73 4.42 4.72
CA VAL A 48 -0.19 4.49 3.34
C VAL A 48 1.13 3.65 3.25
N LYS A 49 2.01 3.80 4.27
CA LYS A 49 3.25 3.01 4.38
C LYS A 49 2.97 1.49 4.49
N ILE A 50 1.92 1.11 5.27
CA ILE A 50 1.50 -0.31 5.46
C ILE A 50 1.09 -0.94 4.12
N TRP A 51 0.06 -0.34 3.47
CA TRP A 51 -0.48 -0.81 2.17
C TRP A 51 0.67 -0.97 1.15
N PHE A 52 1.41 0.13 0.88
CA PHE A 52 2.55 0.12 -0.08
C PHE A 52 3.63 -0.95 0.25
N GLN A 53 3.93 -1.18 1.55
CA GLN A 53 4.94 -2.17 1.99
C GLN A 53 4.53 -3.62 1.61
N ASN A 54 3.28 -4.01 1.98
CA ASN A 54 2.73 -5.35 1.65
C ASN A 54 2.56 -5.52 0.11
N ARG A 55 2.08 -4.46 -0.55
CA ARG A 55 1.88 -4.44 -2.01
C ARG A 55 3.21 -4.61 -2.78
N ARG A 56 4.31 -4.05 -2.22
CA ARG A 56 5.66 -4.21 -2.79
C ARG A 56 6.10 -5.70 -2.69
N TYR A 57 5.74 -6.33 -1.57
CA TYR A 57 5.95 -7.79 -1.35
C TYR A 57 5.05 -8.63 -2.30
N LYS A 58 3.90 -8.05 -2.68
CA LYS A 58 2.93 -8.69 -3.59
C LYS A 58 3.21 -8.39 -5.09
N THR A 59 4.09 -7.40 -5.41
CA THR A 59 4.39 -7.03 -6.82
C THR A 59 5.25 -8.10 -7.55
N LYS A 60 4.56 -9.18 -8.02
CA LYS A 60 5.11 -10.23 -8.92
C LYS A 60 6.50 -10.81 -8.48
N ARG A 61 6.75 -10.83 -7.14
CA ARG A 61 8.02 -11.35 -6.57
C ARG A 61 8.12 -12.89 -6.67
N LYS A 62 9.32 -13.41 -6.37
CA LYS A 62 9.57 -14.86 -6.27
C LYS A 62 8.71 -15.48 -5.13
N GLN A 63 8.12 -16.65 -5.41
CA GLN A 63 7.27 -17.39 -4.44
C GLN A 63 7.90 -18.78 -4.14
N LEU A 64 7.14 -19.62 -3.43
CA LEU A 64 7.57 -20.99 -3.09
C LEU A 64 7.64 -21.89 -4.35
N SER A 65 6.74 -21.60 -5.33
CA SER A 65 6.60 -22.31 -6.64
C SER A 65 6.05 -23.75 -6.47
N SER A 66 6.70 -24.56 -5.64
CA SER A 66 6.12 -25.83 -5.12
C SER A 66 5.33 -25.55 -3.83
N GLU A 67 4.21 -24.80 -3.97
CA GLU A 67 3.39 -24.30 -2.84
C GLU A 67 2.08 -25.07 -2.70
N LEU A 68 1.75 -25.48 -1.46
CA LEU A 68 0.48 -26.14 -1.11
C LEU A 68 -0.65 -25.08 -0.97
N GLY A 69 -0.31 -23.94 -0.33
CA GLY A 69 -1.23 -22.80 -0.16
C GLY A 69 -2.26 -23.01 0.94
N MET A 1 7.30 -15.54 23.54
CA MET A 1 8.41 -15.86 22.59
C MET A 1 8.14 -15.21 21.22
N GLY A 2 9.22 -14.84 20.50
CA GLY A 2 9.11 -14.21 19.16
C GLY A 2 8.78 -12.71 19.22
N HIS A 3 8.23 -12.18 18.11
CA HIS A 3 7.81 -10.75 18.02
C HIS A 3 6.28 -10.61 18.17
N HIS A 4 5.82 -9.43 18.59
CA HIS A 4 4.38 -9.12 18.73
C HIS A 4 3.67 -9.09 17.34
N HIS A 5 2.48 -9.69 17.23
CA HIS A 5 1.68 -9.67 15.97
C HIS A 5 0.98 -8.30 15.79
N HIS A 6 1.08 -7.73 14.59
CA HIS A 6 0.54 -6.39 14.25
C HIS A 6 -0.42 -6.46 13.05
N HIS A 7 -1.73 -6.32 13.30
CA HIS A 7 -2.75 -6.27 12.23
C HIS A 7 -2.72 -4.88 11.55
N HIS A 8 -2.72 -4.86 10.21
CA HIS A 8 -2.74 -3.60 9.44
C HIS A 8 -4.19 -3.16 9.18
N SER A 9 -4.43 -1.84 9.26
CA SER A 9 -5.75 -1.23 9.02
C SER A 9 -6.23 -1.48 7.57
N HIS A 10 -7.50 -1.89 7.41
CA HIS A 10 -8.09 -2.16 6.07
C HIS A 10 -8.51 -0.86 5.34
N MET A 11 -9.05 -1.02 4.12
CA MET A 11 -9.32 0.10 3.18
C MET A 11 -10.54 -0.25 2.30
N SER A 12 -11.19 0.77 1.71
CA SER A 12 -12.37 0.53 0.81
C SER A 12 -11.92 0.32 -0.66
N HIS A 13 -12.79 -0.28 -1.50
CA HIS A 13 -12.45 -0.70 -2.88
C HIS A 13 -11.90 0.46 -3.75
N THR A 14 -12.68 1.56 -3.90
CA THR A 14 -12.28 2.73 -4.73
C THR A 14 -11.03 3.44 -4.15
N GLN A 15 -10.92 3.42 -2.80
CA GLN A 15 -9.73 3.95 -2.10
C GLN A 15 -8.46 3.18 -2.51
N VAL A 16 -8.54 1.83 -2.53
CA VAL A 16 -7.43 0.96 -3.00
C VAL A 16 -7.13 1.19 -4.51
N ILE A 17 -8.15 1.56 -5.32
CA ILE A 17 -7.92 1.93 -6.75
C ILE A 17 -7.00 3.17 -6.84
N GLU A 18 -7.32 4.22 -6.06
CA GLU A 18 -6.56 5.49 -6.01
C GLU A 18 -5.12 5.27 -5.47
N LEU A 19 -4.98 4.37 -4.49
CA LEU A 19 -3.68 3.89 -3.96
C LEU A 19 -2.86 3.16 -5.07
N GLU A 20 -3.54 2.24 -5.82
CA GLU A 20 -2.92 1.44 -6.90
C GLU A 20 -2.46 2.32 -8.09
N ARG A 21 -3.15 3.45 -8.31
CA ARG A 21 -2.72 4.49 -9.28
C ARG A 21 -1.33 5.04 -8.90
N LYS A 22 -1.20 5.48 -7.64
CA LYS A 22 0.05 6.06 -7.12
C LYS A 22 1.20 5.03 -7.09
N PHE A 23 0.83 3.77 -6.78
CA PHE A 23 1.74 2.61 -6.77
C PHE A 23 2.24 2.28 -8.19
N SER A 24 1.31 2.32 -9.17
CA SER A 24 1.61 2.09 -10.61
C SER A 24 2.60 3.12 -11.19
N HIS A 25 2.58 4.35 -10.65
CA HIS A 25 3.59 5.38 -11.02
C HIS A 25 4.93 5.15 -10.27
N GLN A 26 4.87 4.91 -8.94
CA GLN A 26 6.06 4.77 -8.07
C GLN A 26 5.76 3.90 -6.82
N LYS A 27 6.75 3.10 -6.41
CA LYS A 27 6.60 2.08 -5.34
C LYS A 27 6.91 2.61 -3.92
N TYR A 28 7.60 3.76 -3.85
CA TYR A 28 7.97 4.42 -2.57
C TYR A 28 7.64 5.92 -2.62
N LEU A 29 6.89 6.41 -1.63
CA LEU A 29 6.51 7.83 -1.52
C LEU A 29 7.40 8.57 -0.51
N SER A 30 7.82 9.79 -0.85
CA SER A 30 8.53 10.69 0.09
C SER A 30 7.51 11.33 1.04
N ALA A 31 7.99 12.10 2.05
CA ALA A 31 7.13 12.78 3.05
C ALA A 31 5.96 13.62 2.42
N PRO A 32 6.19 14.52 1.39
CA PRO A 32 5.08 15.28 0.74
C PRO A 32 4.02 14.38 0.03
N GLU A 33 4.49 13.43 -0.82
CA GLU A 33 3.59 12.60 -1.68
C GLU A 33 2.79 11.55 -0.87
N ARG A 34 3.39 11.03 0.21
CA ARG A 34 2.75 10.07 1.13
C ARG A 34 1.62 10.77 1.94
N ALA A 35 1.93 11.99 2.42
CA ALA A 35 0.97 12.85 3.15
C ALA A 35 -0.17 13.33 2.22
N HIS A 36 0.17 13.58 0.94
CA HIS A 36 -0.78 14.01 -0.09
C HIS A 36 -1.80 12.89 -0.41
N LEU A 37 -1.30 11.67 -0.66
CA LEU A 37 -2.16 10.51 -0.96
C LEU A 37 -3.05 10.14 0.25
N ALA A 38 -2.47 10.29 1.45
CA ALA A 38 -3.16 10.03 2.73
C ALA A 38 -4.35 11.00 2.98
N LYS A 39 -4.13 12.34 2.85
CA LYS A 39 -5.20 13.37 3.08
C LYS A 39 -6.36 13.24 2.06
N ASN A 40 -6.02 12.91 0.80
CA ASN A 40 -7.00 12.63 -0.27
C ASN A 40 -7.97 11.49 0.13
N LEU A 41 -7.42 10.42 0.69
CA LEU A 41 -8.19 9.19 1.05
C LEU A 41 -8.46 9.09 2.57
N LYS A 42 -8.18 10.20 3.32
CA LYS A 42 -8.37 10.29 4.80
C LYS A 42 -7.63 9.16 5.59
N LEU A 43 -6.59 8.59 4.97
CA LEU A 43 -5.67 7.63 5.61
C LEU A 43 -4.53 8.38 6.33
N THR A 44 -3.63 7.65 6.99
CA THR A 44 -2.40 8.23 7.58
C THR A 44 -1.17 7.74 6.81
N GLU A 45 -0.05 8.47 6.98
CA GLU A 45 1.25 8.14 6.34
C GLU A 45 1.70 6.70 6.66
N THR A 46 1.42 6.22 7.89
CA THR A 46 1.71 4.83 8.31
C THR A 46 0.93 3.81 7.46
N GLN A 47 -0.41 4.03 7.34
CA GLN A 47 -1.32 3.14 6.57
C GLN A 47 -0.92 3.05 5.07
N VAL A 48 -0.68 4.23 4.46
CA VAL A 48 -0.23 4.36 3.06
C VAL A 48 1.13 3.67 2.80
N LYS A 49 2.13 3.95 3.66
CA LYS A 49 3.51 3.42 3.54
C LYS A 49 3.55 1.88 3.67
N ILE A 50 2.86 1.36 4.71
CA ILE A 50 2.70 -0.08 4.94
C ILE A 50 1.95 -0.76 3.76
N TRP A 51 0.93 -0.08 3.20
CA TRP A 51 0.20 -0.59 2.01
C TRP A 51 1.17 -0.81 0.82
N PHE A 52 1.90 0.24 0.43
CA PHE A 52 2.96 0.17 -0.63
C PHE A 52 3.98 -0.97 -0.37
N GLN A 53 4.37 -1.16 0.91
CA GLN A 53 5.27 -2.26 1.33
C GLN A 53 4.62 -3.65 1.07
N ASN A 54 3.35 -3.83 1.52
CA ASN A 54 2.61 -5.11 1.36
C ASN A 54 2.36 -5.45 -0.12
N ARG A 55 1.99 -4.45 -0.93
CA ARG A 55 1.77 -4.63 -2.38
C ARG A 55 3.06 -5.09 -3.10
N ARG A 56 4.21 -4.50 -2.71
CA ARG A 56 5.54 -4.94 -3.19
C ARG A 56 5.82 -6.40 -2.74
N TYR A 57 5.43 -6.72 -1.49
CA TYR A 57 5.52 -8.09 -0.93
C TYR A 57 4.62 -9.08 -1.73
N LYS A 58 3.52 -8.56 -2.30
CA LYS A 58 2.56 -9.36 -3.11
C LYS A 58 2.99 -9.46 -4.61
N THR A 59 3.81 -8.49 -5.10
CA THR A 59 4.26 -8.47 -6.52
C THR A 59 5.37 -9.51 -6.79
N LYS A 60 5.80 -9.63 -8.06
CA LYS A 60 6.81 -10.64 -8.50
C LYS A 60 8.21 -10.36 -7.91
N ARG A 61 8.56 -9.07 -7.73
CA ARG A 61 9.77 -8.65 -6.99
C ARG A 61 9.37 -8.15 -5.58
N LYS A 62 9.81 -8.89 -4.55
CA LYS A 62 9.41 -8.67 -3.16
C LYS A 62 10.58 -8.93 -2.19
N GLN A 63 10.30 -8.79 -0.88
CA GLN A 63 11.22 -9.18 0.21
C GLN A 63 11.41 -10.72 0.27
N LEU A 64 12.39 -11.15 1.09
CA LEU A 64 12.76 -12.59 1.25
C LEU A 64 11.59 -13.45 1.82
N SER A 65 10.66 -12.81 2.55
CA SER A 65 9.52 -13.48 3.24
C SER A 65 10.03 -14.41 4.37
N SER A 66 11.11 -13.97 5.05
CA SER A 66 11.77 -14.73 6.16
C SER A 66 11.01 -14.58 7.51
N GLU A 67 9.79 -14.02 7.46
CA GLU A 67 8.93 -13.86 8.63
C GLU A 67 8.32 -15.24 9.02
N LEU A 68 9.02 -15.97 9.89
CA LEU A 68 8.68 -17.37 10.25
C LEU A 68 7.72 -17.44 11.47
N GLY A 69 6.86 -18.48 11.49
CA GLY A 69 5.89 -18.70 12.59
C GLY A 69 4.48 -18.25 12.25
N MET A 1 -9.08 -13.34 28.12
CA MET A 1 -9.40 -11.97 27.61
C MET A 1 -8.13 -11.27 27.07
N GLY A 2 -8.23 -10.67 25.87
CA GLY A 2 -7.10 -9.97 25.24
C GLY A 2 -7.30 -9.75 23.73
N HIS A 3 -7.84 -10.78 23.05
CA HIS A 3 -8.04 -10.74 21.58
C HIS A 3 -9.28 -9.90 21.20
N HIS A 4 -9.04 -8.81 20.47
CA HIS A 4 -10.10 -7.95 19.89
C HIS A 4 -10.36 -8.33 18.40
N HIS A 5 -11.33 -7.66 17.77
CA HIS A 5 -11.71 -7.91 16.37
C HIS A 5 -12.23 -6.61 15.71
N HIS A 6 -11.54 -6.13 14.68
CA HIS A 6 -11.92 -4.91 13.95
C HIS A 6 -13.07 -5.19 12.96
N HIS A 7 -14.07 -4.30 12.93
CA HIS A 7 -15.20 -4.38 11.98
C HIS A 7 -14.78 -3.83 10.59
N HIS A 8 -14.46 -2.52 10.55
CA HIS A 8 -14.02 -1.84 9.31
C HIS A 8 -12.48 -1.70 9.27
N SER A 9 -11.80 -2.83 9.06
CA SER A 9 -10.32 -2.87 8.90
C SER A 9 -9.93 -2.66 7.43
N HIS A 10 -10.68 -3.32 6.53
CA HIS A 10 -10.47 -3.24 5.07
C HIS A 10 -10.81 -1.82 4.53
N MET A 11 -9.83 -1.20 3.84
CA MET A 11 -10.03 0.07 3.11
C MET A 11 -11.11 -0.08 2.01
N SER A 12 -11.76 1.05 1.67
CA SER A 12 -12.87 1.07 0.68
C SER A 12 -12.36 0.65 -0.71
N HIS A 13 -13.21 -0.05 -1.50
CA HIS A 13 -12.84 -0.57 -2.84
C HIS A 13 -12.34 0.57 -3.78
N THR A 14 -13.05 1.71 -3.76
CA THR A 14 -12.69 2.92 -4.56
C THR A 14 -11.38 3.57 -4.05
N GLN A 15 -11.18 3.52 -2.72
CA GLN A 15 -9.98 4.04 -2.02
C GLN A 15 -8.70 3.27 -2.43
N VAL A 16 -8.82 1.93 -2.50
CA VAL A 16 -7.74 1.02 -2.96
C VAL A 16 -7.30 1.36 -4.40
N ILE A 17 -8.27 1.72 -5.28
CA ILE A 17 -8.00 2.10 -6.69
C ILE A 17 -6.96 3.26 -6.77
N GLU A 18 -7.19 4.32 -5.97
CA GLU A 18 -6.26 5.49 -5.89
C GLU A 18 -4.86 5.12 -5.37
N LEU A 19 -4.83 4.26 -4.33
CA LEU A 19 -3.57 3.71 -3.78
C LEU A 19 -2.75 2.97 -4.88
N GLU A 20 -3.46 2.17 -5.70
CA GLU A 20 -2.86 1.42 -6.83
C GLU A 20 -2.36 2.35 -7.96
N ARG A 21 -3.14 3.40 -8.26
CA ARG A 21 -2.77 4.39 -9.31
C ARG A 21 -1.47 5.15 -8.95
N LYS A 22 -1.32 5.46 -7.66
CA LYS A 22 -0.12 6.11 -7.13
C LYS A 22 1.08 5.11 -7.11
N PHE A 23 0.81 3.88 -6.66
CA PHE A 23 1.80 2.78 -6.56
C PHE A 23 2.36 2.37 -7.94
N SER A 24 1.48 2.23 -8.93
CA SER A 24 1.83 1.78 -10.30
C SER A 24 2.70 2.80 -11.04
N HIS A 25 2.55 4.10 -10.70
CA HIS A 25 3.37 5.19 -11.28
C HIS A 25 4.66 5.43 -10.46
N GLN A 26 4.61 5.20 -9.14
CA GLN A 26 5.79 5.34 -8.24
C GLN A 26 5.72 4.32 -7.06
N LYS A 27 6.75 3.50 -6.95
CA LYS A 27 6.84 2.42 -5.96
C LYS A 27 7.33 2.91 -4.57
N TYR A 28 7.96 4.09 -4.54
CA TYR A 28 8.38 4.79 -3.31
C TYR A 28 7.67 6.16 -3.19
N LEU A 29 7.10 6.43 -2.02
CA LEU A 29 6.56 7.75 -1.66
C LEU A 29 7.57 8.53 -0.81
N SER A 30 7.83 9.78 -1.19
CA SER A 30 8.59 10.73 -0.35
C SER A 30 7.66 11.27 0.76
N ALA A 31 8.23 11.94 1.78
CA ALA A 31 7.46 12.49 2.92
C ALA A 31 6.27 13.40 2.47
N PRO A 32 6.44 14.39 1.52
CA PRO A 32 5.31 15.16 0.96
C PRO A 32 4.30 14.28 0.17
N GLU A 33 4.81 13.36 -0.69
CA GLU A 33 3.97 12.52 -1.59
C GLU A 33 2.98 11.62 -0.83
N ARG A 34 3.49 10.99 0.24
CA ARG A 34 2.73 10.08 1.10
C ARG A 34 1.64 10.85 1.89
N ALA A 35 2.00 12.08 2.32
CA ALA A 35 1.07 13.00 3.00
C ALA A 35 -0.09 13.43 2.08
N HIS A 36 0.25 13.79 0.81
CA HIS A 36 -0.75 14.17 -0.22
C HIS A 36 -1.77 13.02 -0.44
N LEU A 37 -1.26 11.80 -0.69
CA LEU A 37 -2.11 10.61 -0.95
C LEU A 37 -2.99 10.25 0.28
N ALA A 38 -2.39 10.33 1.48
CA ALA A 38 -3.07 10.03 2.76
C ALA A 38 -4.28 10.96 3.01
N LYS A 39 -4.09 12.29 2.86
CA LYS A 39 -5.17 13.28 3.12
C LYS A 39 -6.31 13.20 2.07
N ASN A 40 -5.94 12.91 0.79
CA ASN A 40 -6.92 12.71 -0.31
C ASN A 40 -7.82 11.49 -0.08
N LEU A 41 -7.29 10.46 0.60
CA LEU A 41 -8.04 9.22 0.93
C LEU A 41 -8.42 9.14 2.43
N LYS A 42 -8.14 10.22 3.21
CA LYS A 42 -8.48 10.30 4.66
C LYS A 42 -7.78 9.19 5.51
N LEU A 43 -6.70 8.61 4.97
CA LEU A 43 -5.85 7.60 5.65
C LEU A 43 -4.71 8.29 6.45
N THR A 44 -3.92 7.49 7.15
CA THR A 44 -2.68 7.96 7.81
C THR A 44 -1.47 7.55 6.97
N GLU A 45 -0.38 8.33 7.04
CA GLU A 45 0.90 8.00 6.36
C GLU A 45 1.45 6.61 6.78
N THR A 46 1.11 6.16 8.01
CA THR A 46 1.41 4.81 8.48
C THR A 46 0.72 3.75 7.59
N GLN A 47 -0.63 3.83 7.51
CA GLN A 47 -1.47 2.88 6.71
C GLN A 47 -1.04 2.83 5.23
N VAL A 48 -0.82 4.01 4.64
CA VAL A 48 -0.41 4.17 3.23
C VAL A 48 0.96 3.49 2.94
N LYS A 49 1.95 3.73 3.84
CA LYS A 49 3.31 3.16 3.68
C LYS A 49 3.30 1.62 3.82
N ILE A 50 2.50 1.11 4.80
CA ILE A 50 2.28 -0.33 5.00
C ILE A 50 1.62 -0.97 3.75
N TRP A 51 0.63 -0.27 3.15
CA TRP A 51 -0.06 -0.72 1.93
C TRP A 51 0.95 -0.95 0.79
N PHE A 52 1.72 0.11 0.45
CA PHE A 52 2.80 0.06 -0.57
C PHE A 52 3.79 -1.08 -0.30
N GLN A 53 4.26 -1.17 0.96
CA GLN A 53 5.22 -2.21 1.45
C GLN A 53 4.69 -3.65 1.23
N ASN A 54 3.39 -3.85 1.55
CA ASN A 54 2.70 -5.16 1.38
C ASN A 54 2.61 -5.56 -0.12
N ARG A 55 2.15 -4.63 -0.97
CA ARG A 55 2.06 -4.85 -2.44
C ARG A 55 3.43 -5.15 -3.08
N ARG A 56 4.52 -4.52 -2.59
CA ARG A 56 5.90 -4.80 -3.06
C ARG A 56 6.33 -6.23 -2.67
N TYR A 57 6.00 -6.61 -1.43
CA TYR A 57 6.31 -7.94 -0.87
C TYR A 57 5.42 -9.04 -1.52
N LYS A 58 4.23 -8.64 -2.04
CA LYS A 58 3.27 -9.56 -2.69
C LYS A 58 3.55 -9.75 -4.19
N THR A 59 4.26 -8.80 -4.83
CA THR A 59 4.57 -8.90 -6.28
C THR A 59 5.99 -9.47 -6.47
N LYS A 60 6.15 -10.34 -7.48
CA LYS A 60 7.47 -10.88 -7.88
C LYS A 60 8.35 -9.76 -8.51
N ARG A 61 7.69 -8.70 -9.03
CA ARG A 61 8.37 -7.50 -9.57
C ARG A 61 9.00 -6.66 -8.44
N LYS A 62 10.22 -7.04 -8.05
CA LYS A 62 11.04 -6.32 -7.05
C LYS A 62 11.93 -5.25 -7.72
N GLN A 63 12.31 -4.22 -6.95
CA GLN A 63 13.28 -3.19 -7.41
C GLN A 63 14.69 -3.39 -6.77
N LEU A 64 14.95 -4.61 -6.27
CA LEU A 64 16.28 -4.98 -5.71
C LEU A 64 16.81 -6.25 -6.42
N SER A 65 15.99 -7.31 -6.47
CA SER A 65 16.30 -8.56 -7.22
C SER A 65 15.00 -9.17 -7.78
N SER A 66 14.77 -8.99 -9.09
CA SER A 66 13.54 -9.48 -9.77
C SER A 66 13.90 -10.28 -11.06
N GLU A 67 12.87 -10.59 -11.90
CA GLU A 67 13.01 -11.41 -13.14
C GLU A 67 13.53 -12.84 -12.81
N LEU A 68 13.11 -13.35 -11.65
CA LEU A 68 13.53 -14.67 -11.13
C LEU A 68 12.83 -15.81 -11.90
N GLY A 69 13.58 -16.88 -12.21
CA GLY A 69 13.10 -18.00 -13.07
C GLY A 69 11.86 -18.72 -12.56
N MET A 1 13.78 -15.09 15.21
CA MET A 1 13.52 -13.97 16.15
C MET A 1 13.03 -12.71 15.40
N GLY A 2 12.72 -11.64 16.16
CA GLY A 2 12.22 -10.39 15.60
C GLY A 2 10.72 -10.45 15.26
N HIS A 3 9.87 -9.95 16.18
CA HIS A 3 8.40 -9.95 16.01
C HIS A 3 7.95 -8.92 14.94
N HIS A 4 7.92 -9.35 13.67
CA HIS A 4 7.47 -8.50 12.54
C HIS A 4 5.97 -8.70 12.22
N HIS A 5 5.18 -7.65 12.42
CA HIS A 5 3.73 -7.63 12.11
C HIS A 5 3.40 -6.38 11.27
N HIS A 6 3.03 -6.60 10.00
CA HIS A 6 2.52 -5.53 9.13
C HIS A 6 1.01 -5.31 9.43
N HIS A 7 0.65 -4.10 9.90
CA HIS A 7 -0.75 -3.78 10.27
C HIS A 7 -1.66 -3.68 9.03
N HIS A 8 -2.63 -4.60 8.93
CA HIS A 8 -3.61 -4.63 7.84
C HIS A 8 -4.57 -3.43 7.92
N SER A 9 -4.22 -2.35 7.23
CA SER A 9 -5.05 -1.14 7.14
C SER A 9 -6.32 -1.43 6.30
N HIS A 10 -7.48 -1.54 6.98
CA HIS A 10 -8.78 -1.78 6.32
C HIS A 10 -9.15 -0.59 5.41
N MET A 11 -9.52 -0.91 4.16
CA MET A 11 -9.68 0.08 3.07
C MET A 11 -10.83 -0.35 2.14
N SER A 12 -11.45 0.65 1.47
CA SER A 12 -12.55 0.39 0.52
C SER A 12 -11.95 0.06 -0.87
N HIS A 13 -12.69 -0.69 -1.72
CA HIS A 13 -12.18 -1.17 -3.02
C HIS A 13 -11.72 -0.01 -3.94
N THR A 14 -12.53 1.07 -3.98
CA THR A 14 -12.21 2.29 -4.77
C THR A 14 -10.90 2.95 -4.26
N GLN A 15 -10.74 2.97 -2.93
CA GLN A 15 -9.56 3.57 -2.26
C GLN A 15 -8.26 2.80 -2.60
N VAL A 16 -8.35 1.46 -2.61
CA VAL A 16 -7.23 0.58 -3.03
C VAL A 16 -6.86 0.85 -4.51
N ILE A 17 -7.88 1.07 -5.38
CA ILE A 17 -7.66 1.48 -6.79
C ILE A 17 -6.86 2.80 -6.87
N GLU A 18 -7.25 3.82 -6.06
CA GLU A 18 -6.56 5.14 -6.00
C GLU A 18 -5.08 4.99 -5.58
N LEU A 19 -4.85 4.14 -4.56
CA LEU A 19 -3.49 3.76 -4.09
C LEU A 19 -2.69 3.05 -5.21
N GLU A 20 -3.38 2.20 -6.02
CA GLU A 20 -2.76 1.44 -7.13
C GLU A 20 -2.43 2.34 -8.35
N ARG A 21 -3.24 3.41 -8.55
CA ARG A 21 -2.96 4.45 -9.56
C ARG A 21 -1.62 5.15 -9.22
N LYS A 22 -1.42 5.42 -7.92
CA LYS A 22 -0.18 6.01 -7.39
C LYS A 22 1.01 5.03 -7.50
N PHE A 23 0.73 3.75 -7.15
CA PHE A 23 1.69 2.63 -7.21
C PHE A 23 2.24 2.43 -8.64
N SER A 24 1.37 2.72 -9.65
CA SER A 24 1.74 2.68 -11.07
C SER A 24 2.83 3.71 -11.43
N HIS A 25 2.82 4.91 -10.79
CA HIS A 25 3.87 5.94 -11.02
C HIS A 25 5.16 5.60 -10.23
N GLN A 26 5.00 5.26 -8.94
CA GLN A 26 6.14 4.88 -8.06
C GLN A 26 5.68 4.00 -6.86
N LYS A 27 6.56 3.08 -6.47
CA LYS A 27 6.27 1.99 -5.50
C LYS A 27 6.37 2.45 -4.02
N TYR A 28 7.12 3.53 -3.78
CA TYR A 28 7.27 4.15 -2.45
C TYR A 28 7.25 5.69 -2.59
N LEU A 29 6.38 6.36 -1.81
CA LEU A 29 6.25 7.84 -1.84
C LEU A 29 7.26 8.56 -0.93
N SER A 30 7.51 9.84 -1.26
CA SER A 30 8.29 10.77 -0.42
C SER A 30 7.41 11.30 0.72
N ALA A 31 8.03 11.84 1.78
CA ALA A 31 7.29 12.37 2.97
C ALA A 31 6.19 13.43 2.62
N PRO A 32 6.44 14.44 1.69
CA PRO A 32 5.35 15.32 1.17
C PRO A 32 4.20 14.55 0.45
N GLU A 33 4.54 13.74 -0.58
CA GLU A 33 3.52 13.07 -1.46
C GLU A 33 2.78 11.89 -0.77
N ARG A 34 3.39 11.35 0.31
CA ARG A 34 2.76 10.29 1.13
C ARG A 34 1.65 10.89 2.02
N ALA A 35 1.96 12.08 2.59
CA ALA A 35 1.00 12.90 3.36
C ALA A 35 -0.09 13.52 2.44
N HIS A 36 0.33 13.85 1.20
CA HIS A 36 -0.54 14.39 0.13
C HIS A 36 -1.63 13.35 -0.26
N LEU A 37 -1.22 12.09 -0.51
CA LEU A 37 -2.15 10.99 -0.84
C LEU A 37 -2.99 10.58 0.40
N ALA A 38 -2.34 10.63 1.59
CA ALA A 38 -2.99 10.31 2.88
C ALA A 38 -4.24 11.18 3.15
N LYS A 39 -4.08 12.51 3.08
CA LYS A 39 -5.20 13.48 3.35
C LYS A 39 -6.37 13.32 2.35
N ASN A 40 -6.03 13.01 1.07
CA ASN A 40 -7.02 12.82 -0.01
C ASN A 40 -7.91 11.58 0.25
N LEU A 41 -7.30 10.50 0.74
CA LEU A 41 -8.00 9.22 1.03
C LEU A 41 -8.30 9.06 2.54
N LYS A 42 -8.05 10.13 3.35
CA LYS A 42 -8.23 10.15 4.82
C LYS A 42 -7.42 9.05 5.57
N LEU A 43 -6.34 8.59 4.92
CA LEU A 43 -5.35 7.66 5.52
C LEU A 43 -4.27 8.44 6.31
N THR A 44 -3.37 7.72 6.97
CA THR A 44 -2.17 8.28 7.61
C THR A 44 -0.92 7.87 6.83
N GLU A 45 0.23 8.50 7.11
CA GLU A 45 1.53 8.10 6.52
C GLU A 45 1.94 6.68 6.95
N THR A 46 1.34 6.16 8.05
CA THR A 46 1.48 4.76 8.47
C THR A 46 0.73 3.83 7.50
N GLN A 47 -0.56 4.12 7.28
CA GLN A 47 -1.47 3.31 6.43
C GLN A 47 -0.99 3.25 4.96
N VAL A 48 -0.63 4.43 4.40
CA VAL A 48 -0.09 4.54 3.04
C VAL A 48 1.26 3.76 2.90
N LYS A 49 2.21 4.01 3.83
CA LYS A 49 3.55 3.35 3.82
C LYS A 49 3.45 1.80 3.90
N ILE A 50 2.60 1.29 4.81
CA ILE A 50 2.37 -0.15 5.00
C ILE A 50 1.71 -0.77 3.74
N TRP A 51 0.74 -0.05 3.12
CA TRP A 51 0.11 -0.52 1.87
C TRP A 51 1.15 -0.69 0.74
N PHE A 52 1.93 0.38 0.45
CA PHE A 52 2.98 0.36 -0.61
C PHE A 52 4.09 -0.69 -0.35
N GLN A 53 4.40 -0.93 0.93
CA GLN A 53 5.34 -1.98 1.38
C GLN A 53 4.78 -3.41 1.12
N ASN A 54 3.60 -3.68 1.70
CA ASN A 54 2.92 -4.99 1.64
C ASN A 54 2.52 -5.36 0.21
N ARG A 55 2.03 -4.39 -0.56
CA ARG A 55 1.58 -4.56 -1.96
C ARG A 55 2.69 -5.19 -2.83
N ARG A 56 3.93 -4.69 -2.67
CA ARG A 56 5.13 -5.26 -3.34
C ARG A 56 5.41 -6.70 -2.87
N TYR A 57 5.20 -6.96 -1.56
CA TYR A 57 5.31 -8.31 -0.95
C TYR A 57 4.22 -9.28 -1.50
N LYS A 58 3.05 -8.74 -1.91
CA LYS A 58 1.94 -9.55 -2.50
C LYS A 58 2.21 -9.88 -3.98
N THR A 59 2.88 -8.96 -4.70
CA THR A 59 3.08 -9.06 -6.16
C THR A 59 4.57 -9.37 -6.48
N LYS A 60 4.91 -9.41 -7.78
CA LYS A 60 6.31 -9.51 -8.25
C LYS A 60 7.18 -8.33 -7.73
N ARG A 61 8.40 -8.63 -7.28
CA ARG A 61 9.29 -7.62 -6.64
C ARG A 61 10.78 -7.86 -7.00
N LYS A 62 11.22 -7.22 -8.11
CA LYS A 62 12.63 -7.28 -8.59
C LYS A 62 13.60 -6.64 -7.57
N GLN A 63 13.13 -5.55 -6.93
CA GLN A 63 13.80 -4.91 -5.79
C GLN A 63 13.52 -5.70 -4.48
N LEU A 64 14.31 -5.45 -3.41
CA LEU A 64 14.26 -6.23 -2.14
C LEU A 64 13.13 -5.71 -1.21
N SER A 65 11.91 -5.81 -1.71
CA SER A 65 10.69 -5.26 -1.08
C SER A 65 10.09 -6.22 -0.04
N SER A 66 10.33 -5.94 1.27
CA SER A 66 9.97 -6.84 2.39
C SER A 66 10.58 -8.25 2.18
N GLU A 67 11.84 -8.26 1.73
CA GLU A 67 12.61 -9.50 1.43
C GLU A 67 12.88 -10.33 2.71
N LEU A 68 12.82 -11.67 2.57
CA LEU A 68 13.06 -12.61 3.69
C LEU A 68 14.52 -12.58 4.17
N GLY A 69 14.71 -12.40 5.48
CA GLY A 69 16.03 -12.31 6.11
C GLY A 69 16.01 -12.58 7.60
N MET A 1 -18.74 -20.52 7.35
CA MET A 1 -20.17 -20.13 7.51
C MET A 1 -20.37 -18.65 7.05
N GLY A 2 -21.59 -18.33 6.56
CA GLY A 2 -21.92 -17.00 6.02
C GLY A 2 -21.84 -15.85 7.04
N HIS A 3 -20.63 -15.28 7.20
CA HIS A 3 -20.37 -14.09 8.06
C HIS A 3 -19.47 -13.09 7.31
N HIS A 4 -18.17 -13.46 7.14
CA HIS A 4 -17.14 -12.65 6.43
C HIS A 4 -16.95 -11.23 7.07
N HIS A 5 -17.38 -11.09 8.35
CA HIS A 5 -17.40 -9.78 9.04
C HIS A 5 -15.98 -9.33 9.45
N HIS A 6 -15.50 -8.29 8.78
CA HIS A 6 -14.26 -7.58 9.13
C HIS A 6 -14.59 -6.18 9.68
N HIS A 7 -13.54 -5.44 10.10
CA HIS A 7 -13.70 -4.06 10.62
C HIS A 7 -13.94 -3.05 9.46
N HIS A 8 -15.01 -2.23 9.62
CA HIS A 8 -15.41 -1.21 8.61
C HIS A 8 -14.32 -0.13 8.42
N SER A 9 -13.55 0.13 9.48
CA SER A 9 -12.41 1.09 9.44
C SER A 9 -11.19 0.46 8.72
N HIS A 10 -11.30 0.37 7.38
CA HIS A 10 -10.26 -0.18 6.47
C HIS A 10 -10.42 0.44 5.06
N MET A 11 -9.48 0.12 4.15
CA MET A 11 -9.44 0.69 2.79
C MET A 11 -10.52 0.03 1.89
N SER A 12 -11.33 0.86 1.20
CA SER A 12 -12.48 0.40 0.37
C SER A 12 -12.10 0.33 -1.12
N HIS A 13 -12.93 -0.34 -1.95
CA HIS A 13 -12.62 -0.65 -3.39
C HIS A 13 -12.09 0.58 -4.19
N THR A 14 -12.83 1.70 -4.13
CA THR A 14 -12.47 2.96 -4.84
C THR A 14 -11.12 3.54 -4.32
N GLN A 15 -10.93 3.48 -2.99
CA GLN A 15 -9.72 3.97 -2.30
C GLN A 15 -8.47 3.14 -2.67
N VAL A 16 -8.65 1.80 -2.76
CA VAL A 16 -7.62 0.85 -3.20
C VAL A 16 -7.17 1.15 -4.64
N ILE A 17 -8.12 1.54 -5.53
CA ILE A 17 -7.81 1.96 -6.92
C ILE A 17 -6.91 3.22 -6.94
N GLU A 18 -7.20 4.21 -6.05
CA GLU A 18 -6.39 5.45 -5.93
C GLU A 18 -4.96 5.16 -5.42
N LEU A 19 -4.87 4.24 -4.44
CA LEU A 19 -3.60 3.71 -3.94
C LEU A 19 -2.81 2.99 -5.07
N GLU A 20 -3.52 2.16 -5.87
CA GLU A 20 -2.95 1.43 -7.04
C GLU A 20 -2.46 2.40 -8.15
N ARG A 21 -3.21 3.51 -8.34
CA ARG A 21 -2.85 4.57 -9.31
C ARG A 21 -1.48 5.18 -8.95
N LYS A 22 -1.32 5.57 -7.67
CA LYS A 22 -0.08 6.16 -7.15
C LYS A 22 1.09 5.12 -7.15
N PHE A 23 0.75 3.85 -6.84
CA PHE A 23 1.70 2.70 -6.79
C PHE A 23 2.26 2.33 -8.18
N SER A 24 1.39 2.37 -9.20
CA SER A 24 1.76 2.03 -10.61
C SER A 24 2.66 3.11 -11.24
N HIS A 25 2.58 4.36 -10.73
CA HIS A 25 3.47 5.46 -11.17
C HIS A 25 4.83 5.40 -10.43
N GLN A 26 4.78 5.30 -9.08
CA GLN A 26 5.98 5.11 -8.23
C GLN A 26 5.68 4.12 -7.06
N LYS A 27 6.60 3.18 -6.87
CA LYS A 27 6.44 2.06 -5.91
C LYS A 27 6.69 2.46 -4.44
N TYR A 28 7.38 3.59 -4.23
CA TYR A 28 7.75 4.10 -2.88
C TYR A 28 7.52 5.62 -2.80
N LEU A 29 6.71 6.07 -1.82
CA LEU A 29 6.35 7.50 -1.68
C LEU A 29 7.30 8.25 -0.70
N SER A 30 7.74 9.44 -1.10
CA SER A 30 8.44 10.37 -0.20
C SER A 30 7.40 11.02 0.75
N ALA A 31 7.89 11.68 1.81
CA ALA A 31 7.04 12.33 2.84
C ALA A 31 5.92 13.27 2.25
N PRO A 32 6.20 14.17 1.23
CA PRO A 32 5.13 14.99 0.58
C PRO A 32 4.07 14.14 -0.15
N GLU A 33 4.51 13.10 -0.90
CA GLU A 33 3.62 12.23 -1.74
C GLU A 33 2.71 11.35 -0.85
N ARG A 34 3.30 10.88 0.25
CA ARG A 34 2.69 9.98 1.23
C ARG A 34 1.61 10.72 2.05
N ALA A 35 1.95 11.95 2.49
CA ALA A 35 1.02 12.86 3.20
C ALA A 35 -0.15 13.31 2.30
N HIS A 36 0.18 13.60 1.02
CA HIS A 36 -0.81 14.01 -0.01
C HIS A 36 -1.84 12.89 -0.25
N LEU A 37 -1.36 11.66 -0.49
CA LEU A 37 -2.24 10.51 -0.77
C LEU A 37 -3.05 10.11 0.49
N ALA A 38 -2.40 10.25 1.68
CA ALA A 38 -3.04 9.99 2.98
C ALA A 38 -4.27 10.86 3.20
N LYS A 39 -4.10 12.20 3.17
CA LYS A 39 -5.18 13.17 3.46
C LYS A 39 -6.34 13.11 2.44
N ASN A 40 -6.00 12.88 1.16
CA ASN A 40 -6.98 12.75 0.06
C ASN A 40 -7.86 11.48 0.22
N LEU A 41 -7.28 10.42 0.80
CA LEU A 41 -7.98 9.15 1.11
C LEU A 41 -8.41 9.08 2.59
N LYS A 42 -8.14 10.15 3.36
CA LYS A 42 -8.44 10.23 4.82
C LYS A 42 -7.73 9.11 5.64
N LEU A 43 -6.67 8.53 5.04
CA LEU A 43 -5.74 7.57 5.68
C LEU A 43 -4.60 8.34 6.38
N THR A 44 -3.67 7.62 7.01
CA THR A 44 -2.46 8.20 7.62
C THR A 44 -1.21 7.84 6.79
N GLU A 45 -0.12 8.60 7.00
CA GLU A 45 1.19 8.33 6.35
C GLU A 45 1.72 6.92 6.69
N THR A 46 1.42 6.42 7.91
CA THR A 46 1.82 5.08 8.35
C THR A 46 1.02 3.98 7.59
N GLN A 47 -0.30 4.21 7.40
CA GLN A 47 -1.18 3.29 6.63
C GLN A 47 -0.74 3.17 5.15
N VAL A 48 -0.49 4.32 4.52
CA VAL A 48 -0.03 4.40 3.11
C VAL A 48 1.39 3.80 2.93
N LYS A 49 2.28 4.04 3.92
CA LYS A 49 3.64 3.42 3.97
C LYS A 49 3.56 1.88 3.99
N ILE A 50 2.74 1.36 4.94
CA ILE A 50 2.54 -0.08 5.15
C ILE A 50 1.83 -0.74 3.94
N TRP A 51 0.86 -0.02 3.32
CA TRP A 51 0.15 -0.50 2.11
C TRP A 51 1.16 -0.73 0.95
N PHE A 52 1.92 0.34 0.60
CA PHE A 52 2.97 0.28 -0.46
C PHE A 52 4.01 -0.84 -0.17
N GLN A 53 4.46 -0.93 1.09
CA GLN A 53 5.39 -1.98 1.59
C GLN A 53 4.85 -3.41 1.32
N ASN A 54 3.59 -3.64 1.72
CA ASN A 54 2.92 -4.95 1.60
C ASN A 54 2.65 -5.32 0.14
N ARG A 55 2.20 -4.36 -0.65
CA ARG A 55 1.99 -4.55 -2.10
C ARG A 55 3.31 -4.86 -2.84
N ARG A 56 4.45 -4.34 -2.34
CA ARG A 56 5.80 -4.72 -2.87
C ARG A 56 6.16 -6.19 -2.55
N TYR A 57 5.57 -6.71 -1.47
CA TYR A 57 5.71 -8.11 -1.02
C TYR A 57 4.70 -9.02 -1.77
N LYS A 58 3.53 -8.44 -2.14
CA LYS A 58 2.42 -9.17 -2.80
C LYS A 58 2.52 -9.19 -4.35
N THR A 59 3.19 -8.18 -4.95
CA THR A 59 3.38 -8.08 -6.43
C THR A 59 4.48 -9.05 -6.91
N LYS A 60 4.88 -8.91 -8.21
CA LYS A 60 5.97 -9.70 -8.82
C LYS A 60 7.28 -9.60 -7.97
N ARG A 61 7.50 -10.62 -7.13
CA ARG A 61 8.60 -10.64 -6.14
C ARG A 61 9.97 -10.90 -6.81
N LYS A 62 9.95 -11.66 -7.92
CA LYS A 62 11.16 -11.97 -8.71
C LYS A 62 11.76 -10.68 -9.35
N GLN A 63 13.02 -10.38 -8.98
CA GLN A 63 13.73 -9.15 -9.40
C GLN A 63 14.03 -9.15 -10.92
N LEU A 64 14.47 -10.32 -11.43
CA LEU A 64 14.71 -10.57 -12.88
C LEU A 64 13.41 -10.39 -13.72
N SER A 65 12.25 -10.64 -13.10
CA SER A 65 10.93 -10.55 -13.77
C SER A 65 10.43 -9.07 -13.88
N SER A 66 11.07 -8.30 -14.78
CA SER A 66 10.70 -6.91 -15.15
C SER A 66 10.73 -5.90 -13.97
N GLU A 67 11.77 -5.05 -13.93
CA GLU A 67 11.91 -3.97 -12.92
C GLU A 67 12.75 -2.80 -13.48
N LEU A 68 12.33 -1.57 -13.15
CA LEU A 68 12.97 -0.31 -13.62
C LEU A 68 14.46 -0.21 -13.20
N GLY A 69 15.34 0.01 -14.20
CA GLY A 69 16.80 0.14 -13.98
C GLY A 69 17.60 -0.01 -15.26
N MET A 1 -10.60 -25.14 26.03
CA MET A 1 -11.03 -23.80 25.54
C MET A 1 -9.87 -23.05 24.84
N GLY A 2 -10.21 -22.19 23.86
CA GLY A 2 -9.23 -21.37 23.15
C GLY A 2 -9.77 -20.72 21.88
N HIS A 3 -9.54 -19.40 21.73
CA HIS A 3 -9.91 -18.62 20.52
C HIS A 3 -9.20 -17.23 20.53
N HIS A 4 -8.54 -16.89 19.42
CA HIS A 4 -7.87 -15.58 19.24
C HIS A 4 -8.25 -14.99 17.87
N HIS A 5 -9.33 -14.21 17.84
CA HIS A 5 -9.78 -13.46 16.64
C HIS A 5 -9.90 -11.96 16.98
N HIS A 6 -9.30 -11.10 16.16
CA HIS A 6 -9.44 -9.64 16.28
C HIS A 6 -9.51 -8.98 14.89
N HIS A 7 -10.47 -8.06 14.72
CA HIS A 7 -10.71 -7.35 13.45
C HIS A 7 -9.59 -6.34 13.11
N HIS A 8 -9.62 -5.85 11.85
CA HIS A 8 -8.78 -4.74 11.39
C HIS A 8 -9.62 -3.82 10.47
N SER A 9 -9.64 -2.51 10.78
CA SER A 9 -10.30 -1.51 9.93
C SER A 9 -9.52 -1.32 8.62
N HIS A 10 -9.78 -2.20 7.65
CA HIS A 10 -9.09 -2.19 6.33
C HIS A 10 -9.64 -1.09 5.40
N MET A 11 -8.88 -0.79 4.35
CA MET A 11 -9.25 0.21 3.32
C MET A 11 -10.37 -0.31 2.38
N SER A 12 -10.99 0.62 1.62
CA SER A 12 -12.05 0.29 0.63
C SER A 12 -11.43 -0.20 -0.69
N HIS A 13 -12.19 -0.98 -1.50
CA HIS A 13 -11.73 -1.47 -2.83
C HIS A 13 -11.42 -0.28 -3.78
N THR A 14 -12.31 0.73 -3.77
CA THR A 14 -12.16 1.96 -4.58
C THR A 14 -10.92 2.77 -4.13
N GLN A 15 -10.69 2.76 -2.80
CA GLN A 15 -9.55 3.43 -2.16
C GLN A 15 -8.21 2.75 -2.52
N VAL A 16 -8.21 1.40 -2.62
CA VAL A 16 -7.05 0.62 -3.08
C VAL A 16 -6.77 0.92 -4.57
N ILE A 17 -7.83 1.12 -5.39
CA ILE A 17 -7.69 1.54 -6.80
C ILE A 17 -6.95 2.90 -6.89
N GLU A 18 -7.34 3.85 -6.03
CA GLU A 18 -6.68 5.16 -5.89
C GLU A 18 -5.17 5.02 -5.51
N LEU A 19 -4.91 4.18 -4.49
CA LEU A 19 -3.54 3.82 -4.06
C LEU A 19 -2.71 3.21 -5.24
N GLU A 20 -3.38 2.36 -6.06
CA GLU A 20 -2.76 1.69 -7.23
C GLU A 20 -2.53 2.67 -8.40
N ARG A 21 -3.36 3.73 -8.49
CA ARG A 21 -3.18 4.82 -9.47
C ARG A 21 -1.86 5.58 -9.18
N LYS A 22 -1.51 5.68 -7.89
CA LYS A 22 -0.23 6.26 -7.43
C LYS A 22 0.93 5.23 -7.57
N PHE A 23 0.62 3.94 -7.26
CA PHE A 23 1.56 2.80 -7.30
C PHE A 23 2.06 2.54 -8.74
N SER A 24 1.18 2.80 -9.72
CA SER A 24 1.49 2.73 -11.16
C SER A 24 2.66 3.66 -11.56
N HIS A 25 2.76 4.83 -10.90
CA HIS A 25 3.89 5.78 -11.12
C HIS A 25 5.13 5.38 -10.28
N GLN A 26 4.90 5.04 -8.99
CA GLN A 26 5.99 4.75 -8.02
C GLN A 26 5.54 3.73 -6.95
N LYS A 27 6.43 2.75 -6.67
CA LYS A 27 6.14 1.60 -5.76
C LYS A 27 6.13 1.98 -4.27
N TYR A 28 6.73 3.13 -3.94
CA TYR A 28 6.76 3.70 -2.57
C TYR A 28 6.88 5.24 -2.67
N LEU A 29 6.47 5.95 -1.59
CA LEU A 29 6.37 7.43 -1.60
C LEU A 29 7.44 8.12 -0.71
N SER A 30 7.74 9.39 -1.02
CA SER A 30 8.50 10.28 -0.10
C SER A 30 7.53 10.87 0.93
N ALA A 31 8.06 11.52 1.98
CA ALA A 31 7.24 12.16 3.05
C ALA A 31 6.17 13.18 2.52
N PRO A 32 6.51 14.12 1.56
CA PRO A 32 5.50 14.99 0.89
C PRO A 32 4.37 14.20 0.18
N GLU A 33 4.76 13.22 -0.67
CA GLU A 33 3.80 12.40 -1.47
C GLU A 33 2.90 11.52 -0.56
N ARG A 34 3.49 11.03 0.54
CA ARG A 34 2.83 10.13 1.51
C ARG A 34 1.71 10.88 2.28
N ALA A 35 2.04 12.09 2.77
CA ALA A 35 1.08 13.00 3.44
C ALA A 35 -0.03 13.50 2.48
N HIS A 36 0.40 13.86 1.25
CA HIS A 36 -0.51 14.35 0.19
C HIS A 36 -1.55 13.29 -0.22
N LEU A 37 -1.10 12.03 -0.38
CA LEU A 37 -1.98 10.91 -0.74
C LEU A 37 -2.91 10.55 0.43
N ALA A 38 -2.35 10.54 1.66
CA ALA A 38 -3.07 10.24 2.90
C ALA A 38 -4.29 11.16 3.10
N LYS A 39 -4.10 12.48 3.02
CA LYS A 39 -5.19 13.48 3.21
C LYS A 39 -6.28 13.37 2.11
N ASN A 40 -5.88 13.00 0.87
CA ASN A 40 -6.82 12.75 -0.26
C ASN A 40 -7.71 11.52 0.00
N LEU A 41 -7.10 10.43 0.49
CA LEU A 41 -7.78 9.13 0.68
C LEU A 41 -8.24 8.92 2.14
N LYS A 42 -8.13 9.97 2.98
CA LYS A 42 -8.54 9.95 4.40
C LYS A 42 -7.74 8.90 5.24
N LEU A 43 -6.54 8.56 4.76
CA LEU A 43 -5.59 7.67 5.45
C LEU A 43 -4.59 8.48 6.31
N THR A 44 -3.70 7.78 7.00
CA THR A 44 -2.55 8.38 7.71
C THR A 44 -1.26 8.04 6.93
N GLU A 45 -0.16 8.73 7.25
CA GLU A 45 1.17 8.44 6.67
C GLU A 45 1.66 7.02 7.03
N THR A 46 1.19 6.51 8.20
CA THR A 46 1.44 5.13 8.63
C THR A 46 0.77 4.14 7.65
N GLN A 47 -0.56 4.33 7.45
CA GLN A 47 -1.40 3.46 6.59
C GLN A 47 -0.90 3.38 5.12
N VAL A 48 -0.58 4.55 4.54
CA VAL A 48 -0.05 4.66 3.17
C VAL A 48 1.29 3.90 3.02
N LYS A 49 2.23 4.13 3.96
CA LYS A 49 3.55 3.47 3.97
C LYS A 49 3.41 1.92 4.08
N ILE A 50 2.45 1.47 4.92
CA ILE A 50 2.13 0.05 5.10
C ILE A 50 1.64 -0.59 3.77
N TRP A 51 0.66 0.05 3.10
CA TRP A 51 0.10 -0.49 1.84
C TRP A 51 1.19 -0.58 0.75
N PHE A 52 1.91 0.53 0.49
CA PHE A 52 3.00 0.56 -0.53
C PHE A 52 4.11 -0.48 -0.24
N GLN A 53 4.40 -0.74 1.05
CA GLN A 53 5.37 -1.79 1.44
C GLN A 53 4.82 -3.21 1.14
N ASN A 54 3.67 -3.56 1.75
CA ASN A 54 3.03 -4.90 1.61
C ASN A 54 2.60 -5.22 0.16
N ARG A 55 2.17 -4.19 -0.61
CA ARG A 55 1.75 -4.35 -2.02
C ARG A 55 2.89 -4.87 -2.93
N ARG A 56 4.11 -4.36 -2.68
CA ARG A 56 5.35 -4.85 -3.35
C ARG A 56 5.64 -6.33 -2.97
N TYR A 57 5.22 -6.70 -1.74
CA TYR A 57 5.28 -8.08 -1.24
C TYR A 57 4.14 -8.96 -1.83
N LYS A 58 3.00 -8.32 -2.19
CA LYS A 58 1.84 -9.01 -2.83
C LYS A 58 2.07 -9.22 -4.35
N THR A 59 2.92 -8.37 -4.95
CA THR A 59 3.34 -8.51 -6.37
C THR A 59 4.54 -9.49 -6.47
N LYS A 60 4.98 -9.80 -7.70
CA LYS A 60 6.09 -10.78 -7.94
C LYS A 60 7.51 -10.13 -7.73
N ARG A 61 7.59 -9.09 -6.88
CA ARG A 61 8.83 -8.33 -6.61
C ARG A 61 9.51 -8.83 -5.32
N LYS A 62 8.71 -8.98 -4.25
CA LYS A 62 9.17 -9.55 -2.97
C LYS A 62 8.20 -10.69 -2.54
N GLN A 63 8.60 -11.94 -2.78
CA GLN A 63 7.73 -13.12 -2.53
C GLN A 63 8.26 -13.93 -1.33
N LEU A 64 7.45 -14.91 -0.88
CA LEU A 64 7.81 -15.83 0.22
C LEU A 64 7.60 -17.30 -0.24
N SER A 65 8.50 -17.77 -1.11
CA SER A 65 8.46 -19.15 -1.66
C SER A 65 9.12 -20.16 -0.71
N SER A 66 8.37 -20.58 0.32
CA SER A 66 8.81 -21.59 1.32
C SER A 66 8.17 -22.96 1.02
N GLU A 67 8.99 -24.03 1.05
CA GLU A 67 8.49 -25.41 0.89
C GLU A 67 7.92 -25.92 2.24
N LEU A 68 6.60 -25.74 2.43
CA LEU A 68 5.89 -26.11 3.67
C LEU A 68 4.36 -26.00 3.48
N GLY A 69 3.61 -27.02 3.93
CA GLY A 69 2.14 -27.02 3.81
C GLY A 69 1.64 -27.23 2.39
N MET A 1 -18.95 -14.19 -10.23
CA MET A 1 -19.44 -12.83 -9.83
C MET A 1 -18.25 -11.92 -9.47
N GLY A 2 -18.09 -10.79 -10.20
CA GLY A 2 -16.98 -9.86 -9.99
C GLY A 2 -17.21 -8.86 -8.85
N HIS A 3 -17.34 -9.39 -7.62
CA HIS A 3 -17.52 -8.59 -6.38
C HIS A 3 -17.33 -9.50 -5.13
N HIS A 4 -17.27 -8.88 -3.94
CA HIS A 4 -17.00 -9.58 -2.66
C HIS A 4 -17.59 -8.81 -1.45
N HIS A 5 -17.44 -9.39 -0.24
CA HIS A 5 -17.87 -8.77 1.02
C HIS A 5 -16.89 -7.64 1.43
N HIS A 6 -17.43 -6.52 1.95
CA HIS A 6 -16.63 -5.37 2.37
C HIS A 6 -15.88 -5.67 3.70
N HIS A 7 -14.56 -5.88 3.60
CA HIS A 7 -13.70 -6.16 4.76
C HIS A 7 -13.45 -4.86 5.56
N HIS A 8 -14.37 -4.60 6.52
CA HIS A 8 -14.30 -3.45 7.45
C HIS A 8 -13.14 -3.63 8.46
N SER A 9 -11.92 -3.32 7.99
CA SER A 9 -10.65 -3.56 8.73
C SER A 9 -9.48 -2.96 7.93
N HIS A 10 -9.51 -3.22 6.61
CA HIS A 10 -8.52 -2.68 5.64
C HIS A 10 -9.13 -1.51 4.84
N MET A 11 -8.41 -1.06 3.79
CA MET A 11 -8.89 0.00 2.88
C MET A 11 -10.13 -0.46 2.06
N SER A 12 -10.93 0.51 1.57
CA SER A 12 -12.17 0.25 0.80
C SER A 12 -11.85 0.23 -0.72
N HIS A 13 -12.72 -0.39 -1.56
CA HIS A 13 -12.42 -0.69 -2.99
C HIS A 13 -11.84 0.52 -3.78
N THR A 14 -12.59 1.64 -3.83
CA THR A 14 -12.19 2.85 -4.60
C THR A 14 -10.87 3.43 -4.06
N GLN A 15 -10.74 3.45 -2.71
CA GLN A 15 -9.55 3.95 -1.99
C GLN A 15 -8.27 3.15 -2.35
N VAL A 16 -8.40 1.80 -2.39
CA VAL A 16 -7.33 0.88 -2.84
C VAL A 16 -6.89 1.20 -4.29
N ILE A 17 -7.88 1.51 -5.17
CA ILE A 17 -7.62 1.88 -6.58
C ILE A 17 -6.79 3.20 -6.67
N GLU A 18 -7.12 4.19 -5.83
CA GLU A 18 -6.42 5.51 -5.79
C GLU A 18 -4.93 5.31 -5.40
N LEU A 19 -4.71 4.44 -4.40
CA LEU A 19 -3.38 3.98 -3.98
C LEU A 19 -2.67 3.18 -5.11
N GLU A 20 -3.45 2.38 -5.90
CA GLU A 20 -2.94 1.58 -7.04
C GLU A 20 -2.46 2.45 -8.23
N ARG A 21 -3.13 3.60 -8.45
CA ARG A 21 -2.72 4.61 -9.47
C ARG A 21 -1.28 5.07 -9.18
N LYS A 22 -1.07 5.50 -7.93
CA LYS A 22 0.22 5.99 -7.41
C LYS A 22 1.29 4.86 -7.41
N PHE A 23 0.85 3.65 -7.04
CA PHE A 23 1.70 2.44 -6.96
C PHE A 23 2.20 2.00 -8.36
N SER A 24 1.29 2.11 -9.36
CA SER A 24 1.59 1.80 -10.78
C SER A 24 2.66 2.74 -11.37
N HIS A 25 2.69 3.99 -10.89
CA HIS A 25 3.71 4.97 -11.31
C HIS A 25 5.04 4.74 -10.56
N GLN A 26 4.93 4.57 -9.23
CA GLN A 26 6.09 4.49 -8.32
C GLN A 26 5.78 3.57 -7.10
N LYS A 27 6.76 2.73 -6.76
CA LYS A 27 6.69 1.79 -5.62
C LYS A 27 7.00 2.53 -4.30
N TYR A 28 8.07 3.36 -4.33
CA TYR A 28 8.54 4.15 -3.18
C TYR A 28 7.91 5.57 -3.20
N LEU A 29 7.37 6.02 -2.05
CA LEU A 29 6.82 7.39 -1.90
C LEU A 29 7.75 8.28 -1.05
N SER A 30 7.83 9.57 -1.41
CA SER A 30 8.46 10.60 -0.56
C SER A 30 7.48 11.03 0.54
N ALA A 31 8.00 11.63 1.63
CA ALA A 31 7.19 12.09 2.79
C ALA A 31 6.03 13.08 2.39
N PRO A 32 6.27 14.16 1.54
CA PRO A 32 5.17 15.04 1.05
C PRO A 32 4.11 14.28 0.20
N GLU A 33 4.56 13.44 -0.77
CA GLU A 33 3.65 12.67 -1.67
C GLU A 33 2.68 11.77 -0.88
N ARG A 34 3.24 11.05 0.11
CA ARG A 34 2.50 10.12 0.97
C ARG A 34 1.50 10.86 1.89
N ALA A 35 1.90 12.04 2.40
CA ALA A 35 1.05 12.90 3.23
C ALA A 35 -0.17 13.43 2.45
N HIS A 36 0.07 13.91 1.21
CA HIS A 36 -1.00 14.39 0.30
C HIS A 36 -1.95 13.24 -0.11
N LEU A 37 -1.39 12.07 -0.44
CA LEU A 37 -2.15 10.86 -0.83
C LEU A 37 -3.04 10.35 0.35
N ALA A 38 -2.49 10.45 1.57
CA ALA A 38 -3.15 10.05 2.83
C ALA A 38 -4.38 10.95 3.13
N LYS A 39 -4.17 12.29 3.12
CA LYS A 39 -5.24 13.26 3.43
C LYS A 39 -6.37 13.27 2.38
N ASN A 40 -6.03 12.96 1.11
CA ASN A 40 -7.04 12.79 0.02
C ASN A 40 -8.00 11.60 0.28
N LEU A 41 -7.50 10.56 0.98
CA LEU A 41 -8.30 9.35 1.29
C LEU A 41 -8.64 9.21 2.80
N LYS A 42 -8.44 10.30 3.58
CA LYS A 42 -8.66 10.30 5.06
C LYS A 42 -7.78 9.26 5.83
N LEU A 43 -6.75 8.73 5.15
CA LEU A 43 -5.79 7.76 5.74
C LEU A 43 -4.64 8.51 6.46
N THR A 44 -3.74 7.73 7.08
CA THR A 44 -2.49 8.25 7.67
C THR A 44 -1.29 7.85 6.79
N GLU A 45 -0.16 8.55 6.98
CA GLU A 45 1.12 8.23 6.31
C GLU A 45 1.59 6.79 6.65
N THR A 46 1.18 6.27 7.83
CA THR A 46 1.47 4.89 8.25
C THR A 46 0.62 3.87 7.45
N GLN A 47 -0.70 4.13 7.32
CA GLN A 47 -1.63 3.26 6.56
C GLN A 47 -1.21 3.14 5.08
N VAL A 48 -0.85 4.28 4.48
CA VAL A 48 -0.35 4.34 3.09
C VAL A 48 1.02 3.61 2.95
N LYS A 49 1.93 3.81 3.95
CA LYS A 49 3.25 3.13 3.99
C LYS A 49 3.10 1.59 4.07
N ILE A 50 2.17 1.13 4.93
CA ILE A 50 1.86 -0.30 5.13
C ILE A 50 1.29 -0.92 3.84
N TRP A 51 0.28 -0.24 3.25
CA TRP A 51 -0.37 -0.67 1.99
C TRP A 51 0.70 -0.88 0.88
N PHE A 52 1.47 0.18 0.60
CA PHE A 52 2.56 0.16 -0.40
C PHE A 52 3.65 -0.89 -0.08
N GLN A 53 3.94 -1.15 1.21
CA GLN A 53 4.98 -2.14 1.62
C GLN A 53 4.52 -3.59 1.32
N ASN A 54 3.29 -3.94 1.75
CA ASN A 54 2.67 -5.24 1.44
C ASN A 54 2.50 -5.46 -0.07
N ARG A 55 2.12 -4.39 -0.78
CA ARG A 55 1.96 -4.41 -2.25
C ARG A 55 3.31 -4.59 -2.98
N ARG A 56 4.40 -4.00 -2.45
CA ARG A 56 5.77 -4.21 -3.00
C ARG A 56 6.26 -5.64 -2.71
N TYR A 57 5.80 -6.19 -1.58
CA TYR A 57 6.04 -7.60 -1.20
C TYR A 57 5.14 -8.55 -2.04
N LYS A 58 3.98 -8.04 -2.50
CA LYS A 58 3.02 -8.77 -3.36
C LYS A 58 3.27 -8.59 -4.87
N THR A 59 4.23 -7.72 -5.27
CA THR A 59 4.68 -7.65 -6.70
C THR A 59 5.31 -9.01 -7.13
N LYS A 60 5.41 -9.24 -8.45
CA LYS A 60 5.92 -10.52 -9.03
C LYS A 60 7.30 -10.93 -8.42
N ARG A 61 7.37 -12.13 -7.84
CA ARG A 61 8.56 -12.65 -7.14
C ARG A 61 8.94 -14.07 -7.64
N LYS A 62 10.24 -14.38 -7.56
CA LYS A 62 10.77 -15.73 -7.79
C LYS A 62 10.39 -16.65 -6.61
N GLN A 63 9.25 -17.36 -6.76
CA GLN A 63 8.69 -18.26 -5.72
C GLN A 63 7.79 -19.34 -6.39
N LEU A 64 7.09 -20.14 -5.57
CA LEU A 64 6.15 -21.17 -6.08
C LEU A 64 4.86 -20.49 -6.61
N SER A 65 4.17 -19.78 -5.70
CA SER A 65 2.92 -19.04 -6.02
C SER A 65 3.15 -17.52 -5.88
N SER A 66 3.32 -16.83 -7.02
CA SER A 66 3.55 -15.37 -7.05
C SER A 66 2.22 -14.62 -6.79
N GLU A 67 1.93 -14.41 -5.50
CA GLU A 67 0.68 -13.78 -5.02
C GLU A 67 0.67 -12.27 -5.29
N LEU A 68 -0.24 -11.82 -6.19
CA LEU A 68 -0.38 -10.39 -6.58
C LEU A 68 -1.05 -9.52 -5.47
N GLY A 69 -1.06 -8.18 -5.68
CA GLY A 69 -1.62 -7.23 -4.70
C GLY A 69 -3.12 -7.35 -4.49
N MET A 1 6.11 -21.42 0.55
CA MET A 1 4.79 -21.18 -0.08
C MET A 1 4.08 -19.99 0.60
N GLY A 2 4.24 -18.78 0.02
CA GLY A 2 3.63 -17.55 0.55
C GLY A 2 2.20 -17.32 0.05
N HIS A 3 1.26 -18.19 0.45
CA HIS A 3 -0.19 -18.07 0.12
C HIS A 3 -1.01 -17.85 1.42
N HIS A 4 -0.78 -16.71 2.08
CA HIS A 4 -1.42 -16.35 3.36
C HIS A 4 -1.73 -14.82 3.39
N HIS A 5 -2.97 -14.47 3.02
CA HIS A 5 -3.38 -13.06 2.83
C HIS A 5 -3.66 -12.36 4.17
N HIS A 6 -4.62 -12.92 4.95
CA HIS A 6 -5.05 -12.39 6.27
C HIS A 6 -5.66 -10.96 6.13
N HIS A 7 -7.00 -10.91 5.89
CA HIS A 7 -7.72 -9.64 5.61
C HIS A 7 -7.63 -8.61 6.77
N HIS A 8 -7.06 -7.44 6.46
CA HIS A 8 -6.89 -6.32 7.43
C HIS A 8 -6.94 -4.93 6.71
N SER A 9 -7.18 -4.94 5.37
CA SER A 9 -7.25 -3.70 4.55
C SER A 9 -8.37 -2.77 5.04
N HIS A 10 -7.98 -1.79 5.87
CA HIS A 10 -8.88 -0.75 6.40
C HIS A 10 -9.43 0.16 5.27
N MET A 11 -8.68 0.22 4.16
CA MET A 11 -9.04 0.99 2.95
C MET A 11 -10.33 0.48 2.28
N SER A 12 -11.10 1.41 1.67
CA SER A 12 -12.33 1.10 0.91
C SER A 12 -11.98 0.65 -0.53
N HIS A 13 -12.95 0.05 -1.28
CA HIS A 13 -12.72 -0.49 -2.66
C HIS A 13 -12.08 0.56 -3.62
N THR A 14 -12.77 1.71 -3.78
CA THR A 14 -12.30 2.84 -4.64
C THR A 14 -10.97 3.44 -4.11
N GLN A 15 -10.85 3.47 -2.77
CA GLN A 15 -9.69 4.04 -2.06
C GLN A 15 -8.40 3.21 -2.32
N VAL A 16 -8.54 1.86 -2.37
CA VAL A 16 -7.46 0.94 -2.80
C VAL A 16 -7.04 1.23 -4.26
N ILE A 17 -8.04 1.44 -5.16
CA ILE A 17 -7.81 1.77 -6.60
C ILE A 17 -6.93 3.05 -6.74
N GLU A 18 -7.21 4.06 -5.90
CA GLU A 18 -6.45 5.33 -5.86
C GLU A 18 -4.99 5.11 -5.43
N LEU A 19 -4.80 4.27 -4.40
CA LEU A 19 -3.46 3.83 -3.94
C LEU A 19 -2.73 3.01 -5.04
N GLU A 20 -3.49 2.21 -5.83
CA GLU A 20 -2.95 1.36 -6.93
C GLU A 20 -2.45 2.20 -8.12
N ARG A 21 -3.18 3.29 -8.43
CA ARG A 21 -2.79 4.27 -9.47
C ARG A 21 -1.42 4.92 -9.15
N LYS A 22 -1.24 5.27 -7.87
CA LYS A 22 0.00 5.89 -7.35
C LYS A 22 1.16 4.86 -7.28
N PHE A 23 0.83 3.64 -6.81
CA PHE A 23 1.78 2.53 -6.69
C PHE A 23 2.31 2.08 -8.08
N SER A 24 1.42 2.08 -9.07
CA SER A 24 1.75 1.71 -10.47
C SER A 24 2.84 2.63 -11.07
N HIS A 25 2.94 3.87 -10.54
CA HIS A 25 3.98 4.84 -10.95
C HIS A 25 5.25 4.71 -10.06
N GLN A 26 5.06 4.51 -8.74
CA GLN A 26 6.19 4.46 -7.76
C GLN A 26 5.91 3.52 -6.55
N LYS A 27 6.93 2.72 -6.19
CA LYS A 27 6.88 1.77 -5.05
C LYS A 27 6.97 2.50 -3.69
N TYR A 28 7.84 3.52 -3.64
CA TYR A 28 8.11 4.33 -2.44
C TYR A 28 7.63 5.78 -2.68
N LEU A 29 6.99 6.40 -1.68
CA LEU A 29 6.48 7.79 -1.77
C LEU A 29 7.44 8.79 -1.10
N SER A 30 7.54 10.02 -1.65
CA SER A 30 8.24 11.13 -0.97
C SER A 30 7.40 11.61 0.23
N ALA A 31 8.04 12.34 1.17
CA ALA A 31 7.34 12.90 2.36
C ALA A 31 6.10 13.78 2.00
N PRO A 32 6.17 14.71 0.97
CA PRO A 32 4.97 15.39 0.46
C PRO A 32 3.92 14.40 -0.14
N GLU A 33 4.36 13.50 -1.05
CA GLU A 33 3.43 12.62 -1.82
C GLU A 33 2.65 11.62 -0.92
N ARG A 34 3.30 11.15 0.17
CA ARG A 34 2.67 10.19 1.12
C ARG A 34 1.63 10.92 2.00
N ALA A 35 2.00 12.13 2.47
CA ALA A 35 1.11 13.00 3.27
C ALA A 35 -0.11 13.50 2.47
N HIS A 36 0.14 13.84 1.18
CA HIS A 36 -0.91 14.31 0.25
C HIS A 36 -1.88 13.17 -0.09
N LEU A 37 -1.33 11.98 -0.45
CA LEU A 37 -2.15 10.79 -0.78
C LEU A 37 -2.97 10.32 0.45
N ALA A 38 -2.36 10.46 1.64
CA ALA A 38 -3.02 10.18 2.94
C ALA A 38 -4.25 11.10 3.14
N LYS A 39 -4.09 12.43 2.98
CA LYS A 39 -5.21 13.40 3.19
C LYS A 39 -6.27 13.34 2.06
N ASN A 40 -5.86 12.95 0.83
CA ASN A 40 -6.78 12.74 -0.33
C ASN A 40 -7.78 11.61 -0.04
N LEU A 41 -7.32 10.59 0.69
CA LEU A 41 -8.11 9.40 1.05
C LEU A 41 -8.46 9.35 2.56
N LYS A 42 -8.11 10.42 3.31
CA LYS A 42 -8.36 10.54 4.79
C LYS A 42 -7.72 9.36 5.61
N LEU A 43 -6.65 8.77 5.04
CA LEU A 43 -5.82 7.71 5.68
C LEU A 43 -4.64 8.32 6.45
N THR A 44 -3.86 7.46 7.13
CA THR A 44 -2.62 7.86 7.83
C THR A 44 -1.41 7.47 6.97
N GLU A 45 -0.32 8.27 7.05
CA GLU A 45 0.96 7.98 6.36
C GLU A 45 1.54 6.59 6.74
N THR A 46 1.23 6.13 7.97
CA THR A 46 1.59 4.78 8.45
C THR A 46 0.87 3.69 7.61
N GLN A 47 -0.48 3.76 7.53
CA GLN A 47 -1.31 2.78 6.76
C GLN A 47 -0.98 2.79 5.25
N VAL A 48 -0.74 3.99 4.68
CA VAL A 48 -0.33 4.15 3.27
C VAL A 48 1.04 3.46 3.01
N LYS A 49 2.00 3.67 3.92
CA LYS A 49 3.33 3.02 3.87
C LYS A 49 3.24 1.46 4.00
N ILE A 50 2.32 0.99 4.88
CA ILE A 50 2.04 -0.45 5.09
C ILE A 50 1.36 -1.08 3.84
N TRP A 51 0.40 -0.36 3.23
CA TRP A 51 -0.29 -0.80 2.00
C TRP A 51 0.75 -1.00 0.88
N PHE A 52 1.54 0.07 0.62
CA PHE A 52 2.67 0.05 -0.34
C PHE A 52 3.71 -1.06 0.00
N GLN A 53 3.89 -1.37 1.31
CA GLN A 53 4.77 -2.49 1.78
C GLN A 53 4.30 -3.85 1.25
N ASN A 54 3.01 -4.18 1.48
CA ASN A 54 2.40 -5.45 1.03
C ASN A 54 2.38 -5.57 -0.51
N ARG A 55 2.09 -4.44 -1.18
CA ARG A 55 2.08 -4.39 -2.66
C ARG A 55 3.51 -4.51 -3.27
N ARG A 56 4.55 -4.04 -2.54
CA ARG A 56 5.97 -4.28 -2.94
C ARG A 56 6.34 -5.77 -2.75
N TYR A 57 5.75 -6.39 -1.71
CA TYR A 57 5.82 -7.85 -1.47
C TYR A 57 5.00 -8.64 -2.54
N LYS A 58 4.00 -7.97 -3.15
CA LYS A 58 3.21 -8.54 -4.28
C LYS A 58 3.99 -8.43 -5.63
N THR A 59 4.94 -7.47 -5.74
CA THR A 59 5.71 -7.23 -6.98
C THR A 59 7.07 -7.96 -6.92
N LYS A 60 7.65 -8.28 -8.12
CA LYS A 60 8.82 -9.18 -8.30
C LYS A 60 8.44 -10.68 -8.02
N ARG A 61 7.14 -10.90 -7.71
CA ARG A 61 6.56 -12.24 -7.53
C ARG A 61 6.28 -12.86 -8.91
N LYS A 62 7.02 -13.94 -9.25
CA LYS A 62 6.97 -14.56 -10.59
C LYS A 62 5.62 -15.28 -10.84
N GLN A 63 4.65 -14.51 -11.38
CA GLN A 63 3.35 -15.02 -11.87
C GLN A 63 3.35 -15.06 -13.42
N LEU A 64 4.23 -14.21 -14.00
CA LEU A 64 4.49 -14.16 -15.45
C LEU A 64 5.91 -14.71 -15.68
N SER A 65 6.01 -16.04 -15.72
CA SER A 65 7.27 -16.77 -15.98
C SER A 65 7.81 -16.48 -17.41
N SER A 66 9.12 -16.78 -17.61
CA SER A 66 9.82 -16.58 -18.91
C SER A 66 9.12 -17.39 -20.04
N GLU A 67 8.31 -16.70 -20.86
CA GLU A 67 7.41 -17.33 -21.86
C GLU A 67 8.17 -18.00 -23.03
N LEU A 68 7.50 -18.95 -23.70
CA LEU A 68 8.07 -19.79 -24.77
C LEU A 68 8.57 -18.93 -25.96
N GLY A 69 9.87 -18.57 -25.95
CA GLY A 69 10.48 -17.75 -26.99
C GLY A 69 10.03 -16.29 -26.96
#